data_6ZSW
# 
_entry.id   6ZSW 
# 
_audit_conform.dict_name       mmcif_pdbx.dic 
_audit_conform.dict_version    5.399 
_audit_conform.dict_location   http://mmcif.pdb.org/dictionaries/ascii/mmcif_pdbx.dic 
# 
loop_
_database_2.database_id 
_database_2.database_code 
_database_2.pdbx_database_accession 
_database_2.pdbx_DOI 
PDB   6ZSW         pdb_00006zsw 10.2210/pdb6zsw/pdb 
WWPDB D_1292110026 ?            ?                   
# 
loop_
_pdbx_audit_revision_history.ordinal 
_pdbx_audit_revision_history.data_content_type 
_pdbx_audit_revision_history.major_revision 
_pdbx_audit_revision_history.minor_revision 
_pdbx_audit_revision_history.revision_date 
1 'Structure model' 1 0 2021-07-28 
2 'Structure model' 1 1 2021-11-17 
3 'Structure model' 1 2 2022-01-19 
4 'Structure model' 1 3 2024-01-31 
5 'Structure model' 1 4 2024-11-20 
# 
_pdbx_audit_revision_details.ordinal             1 
_pdbx_audit_revision_details.revision_ordinal    1 
_pdbx_audit_revision_details.data_content_type   'Structure model' 
_pdbx_audit_revision_details.provider            repository 
_pdbx_audit_revision_details.type                'Initial release' 
_pdbx_audit_revision_details.description         ? 
_pdbx_audit_revision_details.details             ? 
# 
loop_
_pdbx_audit_revision_group.ordinal 
_pdbx_audit_revision_group.revision_ordinal 
_pdbx_audit_revision_group.data_content_type 
_pdbx_audit_revision_group.group 
1 2 'Structure model' 'Data collection'        
2 2 'Structure model' 'Database references'    
3 3 'Structure model' 'Data collection'        
4 3 'Structure model' 'Database references'    
5 4 'Structure model' 'Data collection'        
6 4 'Structure model' 'Refinement description' 
7 5 'Structure model' 'Structure summary'      
# 
loop_
_pdbx_audit_revision_category.ordinal 
_pdbx_audit_revision_category.revision_ordinal 
_pdbx_audit_revision_category.data_content_type 
_pdbx_audit_revision_category.category 
1  2 'Structure model' citation                      
2  2 'Structure model' citation_author               
3  2 'Structure model' database_2                    
4  2 'Structure model' diffrn_source                 
5  2 'Structure model' pdbx_database_proc            
6  3 'Structure model' citation                      
7  3 'Structure model' citation_author               
8  3 'Structure model' diffrn_source                 
9  4 'Structure model' chem_comp_atom                
10 4 'Structure model' chem_comp_bond                
11 4 'Structure model' pdbx_initial_refinement_model 
12 5 'Structure model' pdbx_entry_details            
13 5 'Structure model' pdbx_modification_feature     
# 
loop_
_pdbx_audit_revision_item.ordinal 
_pdbx_audit_revision_item.revision_ordinal 
_pdbx_audit_revision_item.data_content_type 
_pdbx_audit_revision_item.item 
1  2 'Structure model' '_citation.country'                            
2  2 'Structure model' '_citation.journal_abbrev'                     
3  2 'Structure model' '_citation.journal_id_CSD'                     
4  2 'Structure model' '_citation.journal_id_ISSN'                    
5  2 'Structure model' '_citation.pdbx_database_id_DOI'               
6  2 'Structure model' '_citation.pdbx_database_id_PubMed'            
7  2 'Structure model' '_citation.title'                              
8  2 'Structure model' '_citation.year'                               
9  2 'Structure model' '_database_2.pdbx_DOI'                         
10 2 'Structure model' '_database_2.pdbx_database_accession'          
11 2 'Structure model' '_diffrn_source.pdbx_synchrotron_site'         
12 3 'Structure model' '_citation.journal_volume'                     
13 3 'Structure model' '_citation.page_first'                         
14 3 'Structure model' '_citation.page_last'                          
15 3 'Structure model' '_citation.year'                               
16 3 'Structure model' '_citation_author.identifier_ORCID'            
17 3 'Structure model' '_diffrn_source.pdbx_synchrotron_site'         
18 5 'Structure model' '_pdbx_entry_details.has_protein_modification' 
# 
_pdbx_database_status.status_code                     REL 
_pdbx_database_status.status_code_sf                  REL 
_pdbx_database_status.status_code_mr                  ? 
_pdbx_database_status.entry_id                        6ZSW 
_pdbx_database_status.recvd_initial_deposition_date   2020-07-16 
_pdbx_database_status.SG_entry                        N 
_pdbx_database_status.deposit_site                    PDBE 
_pdbx_database_status.process_site                    PDBE 
_pdbx_database_status.status_code_cs                  ? 
_pdbx_database_status.status_code_nmr_data            ? 
_pdbx_database_status.methods_development_category    ? 
_pdbx_database_status.pdb_format_compatible           Y 
# 
loop_
_pdbx_database_related.db_name 
_pdbx_database_related.details 
_pdbx_database_related.db_id 
_pdbx_database_related.content_type 
PDB 'M2 mutant (R111K:Y134F:T54V:R132Q:P39Y:R59Y) of human cellular retinoic acid binding protein II'                6Z2U 
unspecified 
PDB 'M2 mutant (R111K:Y134F:T54V:R132Q:P39Y:R59Y) of human cellular retinoic acid binding protein II - 2a conjugate' 6Z2Z 
unspecified 
# 
loop_
_audit_author.name 
_audit_author.pdbx_ordinal 
_audit_author.identifier_ORCID 
'Tassone, G.' 1 0000-0002-2575-5528 
'Pozzi, C.'   2 0000-0003-2574-3911 
'Mangani, S.' 3 0000-0003-4824-7478 
# 
_citation.abstract                  ? 
_citation.abstract_id_CAS           ? 
_citation.book_id_ISBN              ? 
_citation.book_publisher            ? 
_citation.book_publisher_city       ? 
_citation.book_title                ? 
_citation.coordinate_linkage        ? 
_citation.country                   GE 
_citation.database_id_Medline       ? 
_citation.details                   ? 
_citation.id                        primary 
_citation.journal_abbrev            Chembiochem 
_citation.journal_id_ASTM           ? 
_citation.journal_id_CSD            ? 
_citation.journal_id_ISSN           1439-7633 
_citation.journal_full              ? 
_citation.journal_issue             ? 
_citation.journal_volume            23 
_citation.language                  ? 
_citation.page_first                e202100449 
_citation.page_last                 e202100449 
_citation.title                     
'Xanthopsin-Like Systems via Site-Specific Click-Functionalization of a Retinoic Acid Binding Protein.' 
_citation.year                      2022 
_citation.database_id_CSD           ? 
_citation.pdbx_database_id_DOI      10.1002/cbic.202100449 
_citation.pdbx_database_id_PubMed   34647400 
_citation.unpublished_flag          ? 
# 
loop_
_citation_author.citation_id 
_citation_author.name 
_citation_author.ordinal 
_citation_author.identifier_ORCID 
primary 'Tassone, G.'   1  0000-0002-2575-5528 
primary 'Paolino, M.'   2  ?                   
primary 'Pozzi, C.'     3  0000-0003-2574-3911 
primary 'Reale, A.'     4  0000-0001-6687-186X 
primary 'Salvini, L.'   5  ?                   
primary 'Giorgi, G.'    6  0000-0002-8817-7745 
primary 'Orlandini, M.' 7  0000-0002-6112-4889 
primary 'Galvagni, F.'  8  0000-0003-1967-9554 
primary 'Mangani, S.'   9  0000-0003-4824-7478 
primary 'Yang, X.'      10 0000-0002-1500-1773 
primary 'Carlotti, B.'  11 0000-0002-2980-2598 
primary 'Ortica, F.'    12 0000-0001-8276-452X 
primary 'Latterini, L.' 13 0000-0002-1021-9423 
primary 'Olivucci, M.'  14 0000-0002-8247-209X 
primary 'Cappelli, A.'  15 0000-0003-4140-3028 
# 
loop_
_entity.id 
_entity.type 
_entity.src_method 
_entity.pdbx_description 
_entity.formula_weight 
_entity.pdbx_number_of_molecules 
_entity.pdbx_ec 
_entity.pdbx_mutation 
_entity.pdbx_fragment 
_entity.details 
1 polymer     man 'Cellular retinoic acid-binding protein 2'                 15992.265 1  ? 
'R111K, Y134F, T54V, R132Q, P39Y, R59Y' ? ? 
2 non-polymer syn 'methyl (~{Z})-3-(4-hydroxyphenyl)-2-methyl-prop-2-enoate' 192.211   1  ? ? ? ? 
3 non-polymer syn 'ACETATE ION'                                              59.044    1  ? ? ? ? 
4 water       nat water                                                      18.015    39 ? ? ? ? 
# 
_entity_name_com.entity_id   1 
_entity_name_com.name        'Cellular retinoic acid-binding protein II,CRABP-II' 
# 
_entity_poly.entity_id                      1 
_entity_poly.type                           'polypeptide(L)' 
_entity_poly.nstd_linkage                   no 
_entity_poly.nstd_monomer                   no 
_entity_poly.pdbx_seq_one_letter_code       
;GSHMPNFSGNWKIIRSENFEELLKVLGVNVMLRKIAVAAASKYAVEIKQEGDTFYIKVSTTVYTTEINFKVGEEFEEQTV
DGRPCKSLVKWESENKMVCEQKLLKGEGPKTSWTKELTNDGELILTMTADDVVCTQVFVRE
;
_entity_poly.pdbx_seq_one_letter_code_can   
;GSHMPNFSGNWKIIRSENFEELLKVLGVNVMLRKIAVAAASKYAVEIKQEGDTFYIKVSTTVYTTEINFKVGEEFEEQTV
DGRPCKSLVKWESENKMVCEQKLLKGEGPKTSWTKELTNDGELILTMTADDVVCTQVFVRE
;
_entity_poly.pdbx_strand_id                 A 
_entity_poly.pdbx_target_identifier         ? 
# 
loop_
_pdbx_entity_nonpoly.entity_id 
_pdbx_entity_nonpoly.name 
_pdbx_entity_nonpoly.comp_id 
2 'methyl (~{Z})-3-(4-hydroxyphenyl)-2-methyl-prop-2-enoate' QPB 
3 'ACETATE ION'                                              ACT 
4 water                                                      HOH 
# 
loop_
_entity_poly_seq.entity_id 
_entity_poly_seq.num 
_entity_poly_seq.mon_id 
_entity_poly_seq.hetero 
1 1   GLY n 
1 2   SER n 
1 3   HIS n 
1 4   MET n 
1 5   PRO n 
1 6   ASN n 
1 7   PHE n 
1 8   SER n 
1 9   GLY n 
1 10  ASN n 
1 11  TRP n 
1 12  LYS n 
1 13  ILE n 
1 14  ILE n 
1 15  ARG n 
1 16  SER n 
1 17  GLU n 
1 18  ASN n 
1 19  PHE n 
1 20  GLU n 
1 21  GLU n 
1 22  LEU n 
1 23  LEU n 
1 24  LYS n 
1 25  VAL n 
1 26  LEU n 
1 27  GLY n 
1 28  VAL n 
1 29  ASN n 
1 30  VAL n 
1 31  MET n 
1 32  LEU n 
1 33  ARG n 
1 34  LYS n 
1 35  ILE n 
1 36  ALA n 
1 37  VAL n 
1 38  ALA n 
1 39  ALA n 
1 40  ALA n 
1 41  SER n 
1 42  LYS n 
1 43  TYR n 
1 44  ALA n 
1 45  VAL n 
1 46  GLU n 
1 47  ILE n 
1 48  LYS n 
1 49  GLN n 
1 50  GLU n 
1 51  GLY n 
1 52  ASP n 
1 53  THR n 
1 54  PHE n 
1 55  TYR n 
1 56  ILE n 
1 57  LYS n 
1 58  VAL n 
1 59  SER n 
1 60  THR n 
1 61  THR n 
1 62  VAL n 
1 63  TYR n 
1 64  THR n 
1 65  THR n 
1 66  GLU n 
1 67  ILE n 
1 68  ASN n 
1 69  PHE n 
1 70  LYS n 
1 71  VAL n 
1 72  GLY n 
1 73  GLU n 
1 74  GLU n 
1 75  PHE n 
1 76  GLU n 
1 77  GLU n 
1 78  GLN n 
1 79  THR n 
1 80  VAL n 
1 81  ASP n 
1 82  GLY n 
1 83  ARG n 
1 84  PRO n 
1 85  CYS n 
1 86  LYS n 
1 87  SER n 
1 88  LEU n 
1 89  VAL n 
1 90  LYS n 
1 91  TRP n 
1 92  GLU n 
1 93  SER n 
1 94  GLU n 
1 95  ASN n 
1 96  LYS n 
1 97  MET n 
1 98  VAL n 
1 99  CYS n 
1 100 GLU n 
1 101 GLN n 
1 102 LYS n 
1 103 LEU n 
1 104 LEU n 
1 105 LYS n 
1 106 GLY n 
1 107 GLU n 
1 108 GLY n 
1 109 PRO n 
1 110 LYS n 
1 111 THR n 
1 112 SER n 
1 113 TRP n 
1 114 THR n 
1 115 LYS n 
1 116 GLU n 
1 117 LEU n 
1 118 THR n 
1 119 ASN n 
1 120 ASP n 
1 121 GLY n 
1 122 GLU n 
1 123 LEU n 
1 124 ILE n 
1 125 LEU n 
1 126 THR n 
1 127 MET n 
1 128 THR n 
1 129 ALA n 
1 130 ASP n 
1 131 ASP n 
1 132 VAL n 
1 133 VAL n 
1 134 CYS n 
1 135 THR n 
1 136 GLN n 
1 137 VAL n 
1 138 PHE n 
1 139 VAL n 
1 140 ARG n 
1 141 GLU n 
# 
_entity_src_gen.entity_id                          1 
_entity_src_gen.pdbx_src_id                        1 
_entity_src_gen.pdbx_alt_source_flag               sample 
_entity_src_gen.pdbx_seq_type                      'Biological sequence' 
_entity_src_gen.pdbx_beg_seq_num                   1 
_entity_src_gen.pdbx_end_seq_num                   141 
_entity_src_gen.gene_src_common_name               Human 
_entity_src_gen.gene_src_genus                     ? 
_entity_src_gen.pdbx_gene_src_gene                 CRABP2 
_entity_src_gen.gene_src_species                   ? 
_entity_src_gen.gene_src_strain                    ? 
_entity_src_gen.gene_src_tissue                    ? 
_entity_src_gen.gene_src_tissue_fraction           ? 
_entity_src_gen.gene_src_details                   ? 
_entity_src_gen.pdbx_gene_src_fragment             ? 
_entity_src_gen.pdbx_gene_src_scientific_name      'Homo sapiens' 
_entity_src_gen.pdbx_gene_src_ncbi_taxonomy_id     9606 
_entity_src_gen.pdbx_gene_src_variant              ? 
_entity_src_gen.pdbx_gene_src_cell_line            ? 
_entity_src_gen.pdbx_gene_src_atcc                 ? 
_entity_src_gen.pdbx_gene_src_organ                ? 
_entity_src_gen.pdbx_gene_src_organelle            ? 
_entity_src_gen.pdbx_gene_src_cell                 ? 
_entity_src_gen.pdbx_gene_src_cellular_location    ? 
_entity_src_gen.host_org_common_name               ? 
_entity_src_gen.pdbx_host_org_scientific_name      'Escherichia coli BL21(DE3)' 
_entity_src_gen.pdbx_host_org_ncbi_taxonomy_id     469008 
_entity_src_gen.host_org_genus                     ? 
_entity_src_gen.pdbx_host_org_gene                 ? 
_entity_src_gen.pdbx_host_org_organ                ? 
_entity_src_gen.host_org_species                   ? 
_entity_src_gen.pdbx_host_org_tissue               ? 
_entity_src_gen.pdbx_host_org_tissue_fraction      ? 
_entity_src_gen.pdbx_host_org_strain               ? 
_entity_src_gen.pdbx_host_org_variant              ? 
_entity_src_gen.pdbx_host_org_cell_line            ? 
_entity_src_gen.pdbx_host_org_atcc                 ? 
_entity_src_gen.pdbx_host_org_culture_collection   ? 
_entity_src_gen.pdbx_host_org_cell                 ? 
_entity_src_gen.pdbx_host_org_organelle            ? 
_entity_src_gen.pdbx_host_org_cellular_location    ? 
_entity_src_gen.pdbx_host_org_vector_type          PLASMID 
_entity_src_gen.pdbx_host_org_vector               ? 
_entity_src_gen.host_org_details                   ? 
_entity_src_gen.expression_system_id               ? 
_entity_src_gen.plasmid_name                       pET15b 
_entity_src_gen.plasmid_details                    ? 
_entity_src_gen.pdbx_description                   ? 
# 
loop_
_chem_comp.id 
_chem_comp.type 
_chem_comp.mon_nstd_flag 
_chem_comp.name 
_chem_comp.pdbx_synonyms 
_chem_comp.formula 
_chem_comp.formula_weight 
ACT non-polymer         . 'ACETATE ION'                                              ? 'C2 H3 O2 -1'    59.044  
ALA 'L-peptide linking' y ALANINE                                                    ? 'C3 H7 N O2'     89.093  
ARG 'L-peptide linking' y ARGININE                                                   ? 'C6 H15 N4 O2 1' 175.209 
ASN 'L-peptide linking' y ASPARAGINE                                                 ? 'C4 H8 N2 O3'    132.118 
ASP 'L-peptide linking' y 'ASPARTIC ACID'                                            ? 'C4 H7 N O4'     133.103 
CYS 'L-peptide linking' y CYSTEINE                                                   ? 'C3 H7 N O2 S'   121.158 
GLN 'L-peptide linking' y GLUTAMINE                                                  ? 'C5 H10 N2 O3'   146.144 
GLU 'L-peptide linking' y 'GLUTAMIC ACID'                                            ? 'C5 H9 N O4'     147.129 
GLY 'peptide linking'   y GLYCINE                                                    ? 'C2 H5 N O2'     75.067  
HIS 'L-peptide linking' y HISTIDINE                                                  ? 'C6 H10 N3 O2 1' 156.162 
HOH non-polymer         . WATER                                                      ? 'H2 O'           18.015  
ILE 'L-peptide linking' y ISOLEUCINE                                                 ? 'C6 H13 N O2'    131.173 
LEU 'L-peptide linking' y LEUCINE                                                    ? 'C6 H13 N O2'    131.173 
LYS 'L-peptide linking' y LYSINE                                                     ? 'C6 H15 N2 O2 1' 147.195 
MET 'L-peptide linking' y METHIONINE                                                 ? 'C5 H11 N O2 S'  149.211 
PHE 'L-peptide linking' y PHENYLALANINE                                              ? 'C9 H11 N O2'    165.189 
PRO 'L-peptide linking' y PROLINE                                                    ? 'C5 H9 N O2'     115.130 
QPB non-polymer         . 'methyl (~{Z})-3-(4-hydroxyphenyl)-2-methyl-prop-2-enoate' ? 'C11 H12 O3'     192.211 
SER 'L-peptide linking' y SERINE                                                     ? 'C3 H7 N O3'     105.093 
THR 'L-peptide linking' y THREONINE                                                  ? 'C4 H9 N O3'     119.119 
TRP 'L-peptide linking' y TRYPTOPHAN                                                 ? 'C11 H12 N2 O2'  204.225 
TYR 'L-peptide linking' y TYROSINE                                                   ? 'C9 H11 N O3'    181.189 
VAL 'L-peptide linking' y VALINE                                                     ? 'C5 H11 N O2'    117.146 
# 
loop_
_pdbx_poly_seq_scheme.asym_id 
_pdbx_poly_seq_scheme.entity_id 
_pdbx_poly_seq_scheme.seq_id 
_pdbx_poly_seq_scheme.mon_id 
_pdbx_poly_seq_scheme.ndb_seq_num 
_pdbx_poly_seq_scheme.pdb_seq_num 
_pdbx_poly_seq_scheme.auth_seq_num 
_pdbx_poly_seq_scheme.pdb_mon_id 
_pdbx_poly_seq_scheme.auth_mon_id 
_pdbx_poly_seq_scheme.pdb_strand_id 
_pdbx_poly_seq_scheme.pdb_ins_code 
_pdbx_poly_seq_scheme.hetero 
A 1 1   GLY 1   -3  ?   ?   ?   A . n 
A 1 2   SER 2   -2  ?   ?   ?   A . n 
A 1 3   HIS 3   -1  ?   ?   ?   A . n 
A 1 4   MET 4   0   0   MET MET A . n 
A 1 5   PRO 5   1   1   PRO PRO A . n 
A 1 6   ASN 6   2   2   ASN ASN A . n 
A 1 7   PHE 7   3   3   PHE PHE A . n 
A 1 8   SER 8   4   4   SER SER A . n 
A 1 9   GLY 9   5   5   GLY GLY A . n 
A 1 10  ASN 10  6   6   ASN ASN A . n 
A 1 11  TRP 11  7   7   TRP TRP A . n 
A 1 12  LYS 12  8   8   LYS LYS A . n 
A 1 13  ILE 13  9   9   ILE ILE A . n 
A 1 14  ILE 14  10  10  ILE ILE A . n 
A 1 15  ARG 15  11  11  ARG ARG A . n 
A 1 16  SER 16  12  12  SER SER A . n 
A 1 17  GLU 17  13  13  GLU GLU A . n 
A 1 18  ASN 18  14  14  ASN ASN A . n 
A 1 19  PHE 19  15  15  PHE PHE A . n 
A 1 20  GLU 20  16  16  GLU GLU A . n 
A 1 21  GLU 21  17  17  GLU GLU A . n 
A 1 22  LEU 22  18  18  LEU LEU A . n 
A 1 23  LEU 23  19  19  LEU LEU A . n 
A 1 24  LYS 24  20  20  LYS LYS A . n 
A 1 25  VAL 25  21  21  VAL VAL A . n 
A 1 26  LEU 26  22  22  LEU LEU A . n 
A 1 27  GLY 27  23  23  GLY GLY A . n 
A 1 28  VAL 28  24  24  VAL VAL A . n 
A 1 29  ASN 29  25  25  ASN ASN A . n 
A 1 30  VAL 30  26  26  VAL VAL A . n 
A 1 31  MET 31  27  27  MET MET A . n 
A 1 32  LEU 32  28  28  LEU LEU A . n 
A 1 33  ARG 33  29  29  ARG ARG A . n 
A 1 34  LYS 34  30  30  LYS LYS A . n 
A 1 35  ILE 35  31  31  ILE ILE A . n 
A 1 36  ALA 36  32  32  ALA ALA A . n 
A 1 37  VAL 37  33  33  VAL VAL A . n 
A 1 38  ALA 38  34  34  ALA ALA A . n 
A 1 39  ALA 39  35  35  ALA ALA A . n 
A 1 40  ALA 40  36  36  ALA ALA A . n 
A 1 41  SER 41  37  37  SER SER A . n 
A 1 42  LYS 42  38  38  LYS LYS A . n 
A 1 43  TYR 43  39  39  TYR TYR A . n 
A 1 44  ALA 44  40  40  ALA ALA A . n 
A 1 45  VAL 45  41  41  VAL VAL A . n 
A 1 46  GLU 46  42  42  GLU GLU A . n 
A 1 47  ILE 47  43  43  ILE ILE A . n 
A 1 48  LYS 48  44  44  LYS LYS A . n 
A 1 49  GLN 49  45  45  GLN GLN A . n 
A 1 50  GLU 50  46  46  GLU GLU A . n 
A 1 51  GLY 51  47  47  GLY GLY A . n 
A 1 52  ASP 52  48  48  ASP ASP A . n 
A 1 53  THR 53  49  49  THR THR A . n 
A 1 54  PHE 54  50  50  PHE PHE A . n 
A 1 55  TYR 55  51  51  TYR TYR A . n 
A 1 56  ILE 56  52  52  ILE ILE A . n 
A 1 57  LYS 57  53  53  LYS LYS A . n 
A 1 58  VAL 58  54  54  VAL VAL A . n 
A 1 59  SER 59  55  55  SER SER A . n 
A 1 60  THR 60  56  56  THR THR A . n 
A 1 61  THR 61  57  57  THR THR A . n 
A 1 62  VAL 62  58  58  VAL VAL A . n 
A 1 63  TYR 63  59  59  TYR TYR A . n 
A 1 64  THR 64  60  60  THR THR A . n 
A 1 65  THR 65  61  61  THR THR A . n 
A 1 66  GLU 66  62  62  GLU GLU A . n 
A 1 67  ILE 67  63  63  ILE ILE A . n 
A 1 68  ASN 68  64  64  ASN ASN A . n 
A 1 69  PHE 69  65  65  PHE PHE A . n 
A 1 70  LYS 70  66  66  LYS LYS A . n 
A 1 71  VAL 71  67  67  VAL VAL A . n 
A 1 72  GLY 72  68  68  GLY GLY A . n 
A 1 73  GLU 73  69  69  GLU GLU A . n 
A 1 74  GLU 74  70  70  GLU GLU A . n 
A 1 75  PHE 75  71  71  PHE PHE A . n 
A 1 76  GLU 76  72  72  GLU GLU A . n 
A 1 77  GLU 77  73  73  GLU GLU A . n 
A 1 78  GLN 78  74  74  GLN GLN A . n 
A 1 79  THR 79  75  75  THR THR A . n 
A 1 80  VAL 80  76  76  VAL VAL A . n 
A 1 81  ASP 81  77  77  ASP ASP A . n 
A 1 82  GLY 82  78  78  GLY GLY A . n 
A 1 83  ARG 83  79  79  ARG ARG A . n 
A 1 84  PRO 84  80  80  PRO PRO A . n 
A 1 85  CYS 85  81  81  CYS CYS A . n 
A 1 86  LYS 86  82  82  LYS LYS A . n 
A 1 87  SER 87  83  83  SER SER A . n 
A 1 88  LEU 88  84  84  LEU LEU A . n 
A 1 89  VAL 89  85  85  VAL VAL A . n 
A 1 90  LYS 90  86  86  LYS LYS A . n 
A 1 91  TRP 91  87  87  TRP TRP A . n 
A 1 92  GLU 92  88  88  GLU GLU A . n 
A 1 93  SER 93  89  89  SER SER A . n 
A 1 94  GLU 94  90  90  GLU GLU A . n 
A 1 95  ASN 95  91  91  ASN ASN A . n 
A 1 96  LYS 96  92  92  LYS LYS A . n 
A 1 97  MET 97  93  93  MET MET A . n 
A 1 98  VAL 98  94  94  VAL VAL A . n 
A 1 99  CYS 99  95  95  CYS CYS A . n 
A 1 100 GLU 100 96  96  GLU GLU A . n 
A 1 101 GLN 101 97  97  GLN GLN A . n 
A 1 102 LYS 102 98  98  LYS LYS A . n 
A 1 103 LEU 103 99  99  LEU LEU A . n 
A 1 104 LEU 104 100 100 LEU LEU A . n 
A 1 105 LYS 105 101 101 LYS LYS A . n 
A 1 106 GLY 106 102 102 GLY GLY A . n 
A 1 107 GLU 107 103 103 GLU GLU A . n 
A 1 108 GLY 108 104 104 GLY GLY A . n 
A 1 109 PRO 109 105 105 PRO PRO A . n 
A 1 110 LYS 110 106 106 LYS LYS A . n 
A 1 111 THR 111 107 107 THR THR A . n 
A 1 112 SER 112 108 108 SER SER A . n 
A 1 113 TRP 113 109 109 TRP TRP A . n 
A 1 114 THR 114 110 110 THR THR A . n 
A 1 115 LYS 115 111 111 LYS LYS A . n 
A 1 116 GLU 116 112 112 GLU GLU A . n 
A 1 117 LEU 117 113 113 LEU LEU A . n 
A 1 118 THR 118 114 114 THR THR A . n 
A 1 119 ASN 119 115 115 ASN ASN A . n 
A 1 120 ASP 120 116 116 ASP ASP A . n 
A 1 121 GLY 121 117 117 GLY GLY A . n 
A 1 122 GLU 122 118 118 GLU GLU A . n 
A 1 123 LEU 123 119 119 LEU LEU A . n 
A 1 124 ILE 124 120 120 ILE ILE A . n 
A 1 125 LEU 125 121 121 LEU LEU A . n 
A 1 126 THR 126 122 122 THR THR A . n 
A 1 127 MET 127 123 123 MET MET A . n 
A 1 128 THR 128 124 124 THR THR A . n 
A 1 129 ALA 129 125 125 ALA ALA A . n 
A 1 130 ASP 130 126 126 ASP ASP A . n 
A 1 131 ASP 131 127 127 ASP ASP A . n 
A 1 132 VAL 132 128 128 VAL VAL A . n 
A 1 133 VAL 133 129 129 VAL VAL A . n 
A 1 134 CYS 134 130 130 CYS CYS A . n 
A 1 135 THR 135 131 131 THR THR A . n 
A 1 136 GLN 136 132 132 GLN GLN A . n 
A 1 137 VAL 137 133 133 VAL VAL A . n 
A 1 138 PHE 138 134 134 PHE PHE A . n 
A 1 139 VAL 139 135 135 VAL VAL A . n 
A 1 140 ARG 140 136 136 ARG ARG A . n 
A 1 141 GLU 141 137 137 GLU GLU A . n 
# 
_pdbx_entity_instance_feature.ordinal        1 
_pdbx_entity_instance_feature.comp_id        QPB 
_pdbx_entity_instance_feature.asym_id        ? 
_pdbx_entity_instance_feature.seq_num        ? 
_pdbx_entity_instance_feature.auth_comp_id   QPB 
_pdbx_entity_instance_feature.auth_asym_id   ? 
_pdbx_entity_instance_feature.auth_seq_num   ? 
_pdbx_entity_instance_feature.feature_type   'SUBJECT OF INVESTIGATION' 
_pdbx_entity_instance_feature.details        ? 
# 
loop_
_pdbx_nonpoly_scheme.asym_id 
_pdbx_nonpoly_scheme.entity_id 
_pdbx_nonpoly_scheme.mon_id 
_pdbx_nonpoly_scheme.ndb_seq_num 
_pdbx_nonpoly_scheme.pdb_seq_num 
_pdbx_nonpoly_scheme.auth_seq_num 
_pdbx_nonpoly_scheme.pdb_mon_id 
_pdbx_nonpoly_scheme.auth_mon_id 
_pdbx_nonpoly_scheme.pdb_strand_id 
_pdbx_nonpoly_scheme.pdb_ins_code 
B 2 QPB 1  201 201 QPB UNL A . 
C 3 ACT 1  202 501 ACT ACT A . 
D 4 HOH 1  301 41  HOH HOH A . 
D 4 HOH 2  302 32  HOH HOH A . 
D 4 HOH 3  303 18  HOH HOH A . 
D 4 HOH 4  304 9   HOH HOH A . 
D 4 HOH 5  305 14  HOH HOH A . 
D 4 HOH 6  306 20  HOH HOH A . 
D 4 HOH 7  307 17  HOH HOH A . 
D 4 HOH 8  308 37  HOH HOH A . 
D 4 HOH 9  309 34  HOH HOH A . 
D 4 HOH 10 310 13  HOH HOH A . 
D 4 HOH 11 311 36  HOH HOH A . 
D 4 HOH 12 312 15  HOH HOH A . 
D 4 HOH 13 313 43  HOH HOH A . 
D 4 HOH 14 314 59  HOH HOH A . 
D 4 HOH 15 315 44  HOH HOH A . 
D 4 HOH 16 316 26  HOH HOH A . 
D 4 HOH 17 317 10  HOH HOH A . 
D 4 HOH 18 318 24  HOH HOH A . 
D 4 HOH 19 319 42  HOH HOH A . 
D 4 HOH 20 320 38  HOH HOH A . 
D 4 HOH 21 321 33  HOH HOH A . 
D 4 HOH 22 322 30  HOH HOH A . 
D 4 HOH 23 323 54  HOH HOH A . 
D 4 HOH 24 324 55  HOH HOH A . 
D 4 HOH 25 325 58  HOH HOH A . 
D 4 HOH 26 326 8   HOH HOH A . 
D 4 HOH 27 327 11  HOH HOH A . 
D 4 HOH 28 328 47  HOH HOH A . 
D 4 HOH 29 329 7   HOH HOH A . 
D 4 HOH 30 330 3   HOH HOH A . 
D 4 HOH 31 331 35  HOH HOH A . 
D 4 HOH 32 332 40  HOH HOH A . 
D 4 HOH 33 333 61  HOH HOH A . 
D 4 HOH 34 334 53  HOH HOH A . 
D 4 HOH 35 335 57  HOH HOH A . 
D 4 HOH 36 336 49  HOH HOH A . 
D 4 HOH 37 337 50  HOH HOH A . 
D 4 HOH 38 338 60  HOH HOH A . 
D 4 HOH 39 339 64  HOH HOH A . 
# 
loop_
_pdbx_unobs_or_zero_occ_atoms.id 
_pdbx_unobs_or_zero_occ_atoms.PDB_model_num 
_pdbx_unobs_or_zero_occ_atoms.polymer_flag 
_pdbx_unobs_or_zero_occ_atoms.occupancy_flag 
_pdbx_unobs_or_zero_occ_atoms.auth_asym_id 
_pdbx_unobs_or_zero_occ_atoms.auth_comp_id 
_pdbx_unobs_or_zero_occ_atoms.auth_seq_id 
_pdbx_unobs_or_zero_occ_atoms.PDB_ins_code 
_pdbx_unobs_or_zero_occ_atoms.auth_atom_id 
_pdbx_unobs_or_zero_occ_atoms.label_alt_id 
_pdbx_unobs_or_zero_occ_atoms.label_asym_id 
_pdbx_unobs_or_zero_occ_atoms.label_comp_id 
_pdbx_unobs_or_zero_occ_atoms.label_seq_id 
_pdbx_unobs_or_zero_occ_atoms.label_atom_id 
1  1 Y 1 A LYS 8   ? CG  ? A LYS 12  CG  
2  1 Y 1 A LYS 8   ? CD  ? A LYS 12  CD  
3  1 Y 1 A LYS 8   ? CE  ? A LYS 12  CE  
4  1 Y 1 A LYS 8   ? NZ  ? A LYS 12  NZ  
5  1 Y 1 A LYS 38  ? CD  ? A LYS 42  CD  
6  1 Y 1 A LYS 38  ? CE  ? A LYS 42  CE  
7  1 Y 1 A LYS 38  ? NZ  ? A LYS 42  NZ  
8  1 Y 1 A LYS 44  ? CG  ? A LYS 48  CG  
9  1 Y 1 A LYS 44  ? CD  ? A LYS 48  CD  
10 1 Y 1 A LYS 44  ? CE  ? A LYS 48  CE  
11 1 Y 1 A LYS 44  ? NZ  ? A LYS 48  NZ  
12 1 Y 1 A GLU 46  ? CG  ? A GLU 50  CG  
13 1 Y 1 A GLU 46  ? CD  ? A GLU 50  CD  
14 1 Y 1 A GLU 46  ? OE1 ? A GLU 50  OE1 
15 1 Y 1 A GLU 46  ? OE2 ? A GLU 50  OE2 
16 1 Y 1 A LYS 53  ? NZ  ? A LYS 57  NZ  
17 1 Y 1 A LYS 66  ? NZ  ? A LYS 70  NZ  
18 1 Y 1 A GLN 74  ? CD  ? A GLN 78  CD  
19 1 Y 1 A GLN 74  ? OE1 ? A GLN 78  OE1 
20 1 Y 1 A GLN 74  ? NE2 ? A GLN 78  NE2 
21 1 Y 1 A LYS 82  ? CG  ? A LYS 86  CG  
22 1 Y 1 A LYS 82  ? CD  ? A LYS 86  CD  
23 1 Y 1 A LYS 82  ? CE  ? A LYS 86  CE  
24 1 Y 1 A LYS 82  ? NZ  ? A LYS 86  NZ  
25 1 Y 1 A GLU 96  ? CD  ? A GLU 100 CD  
26 1 Y 1 A GLU 96  ? OE1 ? A GLU 100 OE1 
27 1 Y 1 A GLU 96  ? OE2 ? A GLU 100 OE2 
28 1 Y 1 A LYS 98  ? CD  ? A LYS 102 CD  
29 1 Y 1 A LYS 98  ? CE  ? A LYS 102 CE  
30 1 Y 1 A LYS 98  ? NZ  ? A LYS 102 NZ  
31 1 Y 1 A LYS 101 ? CG  ? A LYS 105 CG  
32 1 Y 1 A LYS 101 ? CD  ? A LYS 105 CD  
33 1 Y 1 A LYS 101 ? CE  ? A LYS 105 CE  
34 1 Y 1 A LYS 101 ? NZ  ? A LYS 105 NZ  
35 1 Y 1 A GLU 103 ? CG  ? A GLU 107 CG  
36 1 Y 1 A GLU 103 ? CD  ? A GLU 107 CD  
37 1 Y 1 A GLU 103 ? OE1 ? A GLU 107 OE1 
38 1 Y 1 A GLU 103 ? OE2 ? A GLU 107 OE2 
39 1 Y 1 A LYS 106 ? CD  ? A LYS 110 CD  
40 1 Y 1 A LYS 106 ? CE  ? A LYS 110 CE  
41 1 Y 1 A LYS 106 ? NZ  ? A LYS 110 NZ  
# 
loop_
_software.citation_id 
_software.classification 
_software.compiler_name 
_software.compiler_version 
_software.contact_author 
_software.contact_author_email 
_software.date 
_software.description 
_software.dependencies 
_software.hardware 
_software.language 
_software.location 
_software.mods 
_software.name 
_software.os 
_software.os_version 
_software.type 
_software.version 
_software.pdbx_ordinal 
? refinement        ? ? ? ? ? ? ? ? ? ? ? REFMAC      ? ? ? 5.8.0258 1 
? 'data extraction' ? ? ? ? ? ? ? ? ? ? ? PDB_EXTRACT ? ? ? 3.25     2 
? 'data reduction'  ? ? ? ? ? ? ? ? ? ? ? XDS         ? ? ? .        3 
? 'data scaling'    ? ? ? ? ? ? ? ? ? ? ? SCALA       ? ? ? .        4 
? phasing           ? ? ? ? ? ? ? ? ? ? ? MOLREP      ? ? ? .        5 
# 
_cell.angle_alpha                  90.000 
_cell.angle_alpha_esd              ? 
_cell.angle_beta                   90.000 
_cell.angle_beta_esd               ? 
_cell.angle_gamma                  120.000 
_cell.angle_gamma_esd              ? 
_cell.entry_id                     6ZSW 
_cell.details                      ? 
_cell.formula_units_Z              ? 
_cell.length_a                     58.192 
_cell.length_a_esd                 ? 
_cell.length_b                     58.192 
_cell.length_b_esd                 ? 
_cell.length_c                     102.250 
_cell.length_c_esd                 ? 
_cell.volume                       ? 
_cell.volume_esd                   ? 
_cell.Z_PDB                        6 
_cell.reciprocal_angle_alpha       ? 
_cell.reciprocal_angle_beta        ? 
_cell.reciprocal_angle_gamma       ? 
_cell.reciprocal_angle_alpha_esd   ? 
_cell.reciprocal_angle_beta_esd    ? 
_cell.reciprocal_angle_gamma_esd   ? 
_cell.reciprocal_length_a          ? 
_cell.reciprocal_length_b          ? 
_cell.reciprocal_length_c          ? 
_cell.reciprocal_length_a_esd      ? 
_cell.reciprocal_length_b_esd      ? 
_cell.reciprocal_length_c_esd      ? 
_cell.pdbx_unique_axis             ? 
# 
_symmetry.entry_id                         6ZSW 
_symmetry.cell_setting                     ? 
_symmetry.Int_Tables_number                152 
_symmetry.space_group_name_Hall            ? 
_symmetry.space_group_name_H-M             'P 31 2 1' 
_symmetry.pdbx_full_space_group_name_H-M   ? 
# 
_exptl.absorpt_coefficient_mu     ? 
_exptl.absorpt_correction_T_max   ? 
_exptl.absorpt_correction_T_min   ? 
_exptl.absorpt_correction_type    ? 
_exptl.absorpt_process_details    ? 
_exptl.entry_id                   6ZSW 
_exptl.crystals_number            1 
_exptl.details                    ? 
_exptl.method                     'X-RAY DIFFRACTION' 
_exptl.method_details             ? 
# 
_exptl_crystal.colour                      ? 
_exptl_crystal.density_diffrn              ? 
_exptl_crystal.density_Matthews            3.18 
_exptl_crystal.density_method              ? 
_exptl_crystal.density_percent_sol         61.34 
_exptl_crystal.description                 ? 
_exptl_crystal.F_000                       ? 
_exptl_crystal.id                          1 
_exptl_crystal.preparation                 ? 
_exptl_crystal.size_max                    ? 
_exptl_crystal.size_mid                    ? 
_exptl_crystal.size_min                    ? 
_exptl_crystal.size_rad                    ? 
_exptl_crystal.colour_lustre               ? 
_exptl_crystal.colour_modifier             ? 
_exptl_crystal.colour_primary              ? 
_exptl_crystal.density_meas                ? 
_exptl_crystal.density_meas_esd            ? 
_exptl_crystal.density_meas_gt             ? 
_exptl_crystal.density_meas_lt             ? 
_exptl_crystal.density_meas_temp           ? 
_exptl_crystal.density_meas_temp_esd       ? 
_exptl_crystal.density_meas_temp_gt        ? 
_exptl_crystal.density_meas_temp_lt        ? 
_exptl_crystal.pdbx_crystal_image_url      ? 
_exptl_crystal.pdbx_crystal_image_format   ? 
_exptl_crystal.pdbx_mosaicity              ? 
_exptl_crystal.pdbx_mosaicity_esd          ? 
# 
_exptl_crystal_grow.apparatus       ? 
_exptl_crystal_grow.atmosphere      ? 
_exptl_crystal_grow.crystal_id      1 
_exptl_crystal_grow.details         ? 
_exptl_crystal_grow.method          'VAPOR DIFFUSION, SITTING DROP' 
_exptl_crystal_grow.method_ref      ? 
_exptl_crystal_grow.pH              7.0 
_exptl_crystal_grow.pressure        ? 
_exptl_crystal_grow.pressure_esd    ? 
_exptl_crystal_grow.seeding         ? 
_exptl_crystal_grow.seeding_ref     ? 
_exptl_crystal_grow.temp            281 
_exptl_crystal_grow.temp_details    ? 
_exptl_crystal_grow.temp_esd        ? 
_exptl_crystal_grow.time            ? 
_exptl_crystal_grow.pdbx_details    '0.2 M sodium malonate pH 7 and 20 % w/v PEG 3350' 
_exptl_crystal_grow.pdbx_pH_range   ? 
# 
_diffrn.ambient_environment              ? 
_diffrn.ambient_temp                     100 
_diffrn.ambient_temp_details             ? 
_diffrn.ambient_temp_esd                 ? 
_diffrn.crystal_id                       1 
_diffrn.crystal_support                  ? 
_diffrn.crystal_treatment                ? 
_diffrn.details                          ? 
_diffrn.id                               1 
_diffrn.ambient_pressure                 ? 
_diffrn.ambient_pressure_esd             ? 
_diffrn.ambient_pressure_gt              ? 
_diffrn.ambient_pressure_lt              ? 
_diffrn.ambient_temp_gt                  ? 
_diffrn.ambient_temp_lt                  ? 
_diffrn.pdbx_serial_crystal_experiment   N 
# 
_diffrn_detector.details                      ? 
_diffrn_detector.detector                     PIXEL 
_diffrn_detector.diffrn_id                    1 
_diffrn_detector.type                         'DECTRIS EIGER2 X 16M' 
_diffrn_detector.area_resol_mean              ? 
_diffrn_detector.dtime                        ? 
_diffrn_detector.pdbx_frames_total            ? 
_diffrn_detector.pdbx_collection_time_total   ? 
_diffrn_detector.pdbx_collection_date         2019-07-04 
_diffrn_detector.pdbx_frequency               ? 
# 
_diffrn_radiation.collimation                      ? 
_diffrn_radiation.diffrn_id                        1 
_diffrn_radiation.filter_edge                      ? 
_diffrn_radiation.inhomogeneity                    ? 
_diffrn_radiation.monochromator                    'Si(111)' 
_diffrn_radiation.polarisn_norm                    ? 
_diffrn_radiation.polarisn_ratio                   ? 
_diffrn_radiation.probe                            ? 
_diffrn_radiation.type                             ? 
_diffrn_radiation.xray_symbol                      ? 
_diffrn_radiation.wavelength_id                    1 
_diffrn_radiation.pdbx_monochromatic_or_laue_m_l   M 
_diffrn_radiation.pdbx_wavelength_list             ? 
_diffrn_radiation.pdbx_wavelength                  ? 
_diffrn_radiation.pdbx_diffrn_protocol             'SINGLE WAVELENGTH' 
_diffrn_radiation.pdbx_analyzer                    ? 
_diffrn_radiation.pdbx_scattering_type             x-ray 
# 
_diffrn_radiation_wavelength.id           1 
_diffrn_radiation_wavelength.wavelength   0.976230 
_diffrn_radiation_wavelength.wt           1.0 
# 
_diffrn_source.current                     ? 
_diffrn_source.details                     ? 
_diffrn_source.diffrn_id                   1 
_diffrn_source.power                       ? 
_diffrn_source.size                        ? 
_diffrn_source.source                      SYNCHROTRON 
_diffrn_source.target                      ? 
_diffrn_source.type                        'DIAMOND BEAMLINE I03' 
_diffrn_source.voltage                     ? 
_diffrn_source.take-off_angle              ? 
_diffrn_source.pdbx_wavelength_list        0.976230 
_diffrn_source.pdbx_wavelength             ? 
_diffrn_source.pdbx_synchrotron_beamline   I03 
_diffrn_source.pdbx_synchrotron_site       Diamond 
# 
_reflns.B_iso_Wilson_estimate            55.1 
_reflns.entry_id                         6ZSW 
_reflns.data_reduction_details           ? 
_reflns.data_reduction_method            ? 
_reflns.d_resolution_high                2.08 
_reflns.d_resolution_low                 45.20 
_reflns.details                          ? 
_reflns.limit_h_max                      ? 
_reflns.limit_h_min                      ? 
_reflns.limit_k_max                      ? 
_reflns.limit_k_min                      ? 
_reflns.limit_l_max                      ? 
_reflns.limit_l_min                      ? 
_reflns.number_all                       ? 
_reflns.number_obs                       12539 
_reflns.observed_criterion               ? 
_reflns.observed_criterion_F_max         ? 
_reflns.observed_criterion_F_min         ? 
_reflns.observed_criterion_I_max         ? 
_reflns.observed_criterion_I_min         ? 
_reflns.observed_criterion_sigma_F       ? 
_reflns.observed_criterion_sigma_I       ? 
_reflns.percent_possible_obs             99.8 
_reflns.R_free_details                   ? 
_reflns.Rmerge_F_all                     ? 
_reflns.Rmerge_F_obs                     ? 
_reflns.Friedel_coverage                 ? 
_reflns.number_gt                        ? 
_reflns.threshold_expression             ? 
_reflns.pdbx_redundancy                  5.6 
_reflns.pdbx_Rmerge_I_obs                0.031 
_reflns.pdbx_Rmerge_I_all                ? 
_reflns.pdbx_Rsym_value                  ? 
_reflns.pdbx_netI_over_av_sigmaI         ? 
_reflns.pdbx_netI_over_sigmaI            20.0 
_reflns.pdbx_res_netI_over_av_sigmaI_2   ? 
_reflns.pdbx_res_netI_over_sigmaI_2      ? 
_reflns.pdbx_chi_squared                 ? 
_reflns.pdbx_scaling_rejects             ? 
_reflns.pdbx_d_res_high_opt              ? 
_reflns.pdbx_d_res_low_opt               ? 
_reflns.pdbx_d_res_opt_method            ? 
_reflns.phase_calculation_details        ? 
_reflns.pdbx_Rrim_I_all                  0.034 
_reflns.pdbx_Rpim_I_all                  0.014 
_reflns.pdbx_d_opt                       ? 
_reflns.pdbx_number_measured_all         ? 
_reflns.pdbx_diffrn_id                   1 
_reflns.pdbx_ordinal                     1 
_reflns.pdbx_CC_half                     1.000 
_reflns.pdbx_CC_star                     ? 
_reflns.pdbx_R_split                     ? 
# 
_reflns_shell.d_res_high                  2.08 
_reflns_shell.d_res_low                   2.19 
_reflns_shell.meanI_over_sigI_all         ? 
_reflns_shell.meanI_over_sigI_obs         2.7 
_reflns_shell.number_measured_all         ? 
_reflns_shell.number_measured_obs         ? 
_reflns_shell.number_possible             ? 
_reflns_shell.number_unique_all           ? 
_reflns_shell.number_unique_obs           1774 
_reflns_shell.percent_possible_all        100.0 
_reflns_shell.percent_possible_obs        ? 
_reflns_shell.Rmerge_F_all                ? 
_reflns_shell.Rmerge_F_obs                ? 
_reflns_shell.Rmerge_I_all                ? 
_reflns_shell.Rmerge_I_obs                0.420 
_reflns_shell.meanI_over_sigI_gt          ? 
_reflns_shell.meanI_over_uI_all           ? 
_reflns_shell.meanI_over_uI_gt            ? 
_reflns_shell.number_measured_gt          ? 
_reflns_shell.number_unique_gt            ? 
_reflns_shell.percent_possible_gt         ? 
_reflns_shell.Rmerge_F_gt                 ? 
_reflns_shell.Rmerge_I_gt                 ? 
_reflns_shell.pdbx_redundancy             5.8 
_reflns_shell.pdbx_Rsym_value             ? 
_reflns_shell.pdbx_chi_squared            ? 
_reflns_shell.pdbx_netI_over_sigmaI_all   ? 
_reflns_shell.pdbx_netI_over_sigmaI_obs   ? 
_reflns_shell.pdbx_Rrim_I_all             0.462 
_reflns_shell.pdbx_Rpim_I_all             0.191 
_reflns_shell.pdbx_rejects                ? 
_reflns_shell.pdbx_ordinal                1 
_reflns_shell.pdbx_diffrn_id              1 
_reflns_shell.pdbx_CC_half                0.967 
_reflns_shell.pdbx_CC_star                ? 
_reflns_shell.pdbx_R_split                ? 
# 
_refine.aniso_B[1][1]                            -0.0000 
_refine.aniso_B[1][2]                            -0.0000 
_refine.aniso_B[1][3]                            -0.0000 
_refine.aniso_B[2][2]                            -0.0000 
_refine.aniso_B[2][3]                            0.0000 
_refine.aniso_B[3][3]                            0.0100 
_refine.B_iso_max                                98.000 
_refine.B_iso_mean                               61.5090 
_refine.B_iso_min                                41.950 
_refine.correlation_coeff_Fo_to_Fc               0.9640 
_refine.correlation_coeff_Fo_to_Fc_free          0.9560 
_refine.details                                  'U VALUES      : REFINED INDIVIDUALLY' 
_refine.diff_density_max                         ? 
_refine.diff_density_max_esd                     ? 
_refine.diff_density_min                         ? 
_refine.diff_density_min_esd                     ? 
_refine.diff_density_rms                         ? 
_refine.diff_density_rms_esd                     ? 
_refine.entry_id                                 6ZSW 
_refine.pdbx_refine_id                           'X-RAY DIFFRACTION' 
_refine.ls_abs_structure_details                 ? 
_refine.ls_abs_structure_Flack                   ? 
_refine.ls_abs_structure_Flack_esd               ? 
_refine.ls_abs_structure_Rogers                  ? 
_refine.ls_abs_structure_Rogers_esd              ? 
_refine.ls_d_res_high                            2.0800 
_refine.ls_d_res_low                             45.20 
_refine.ls_extinction_coef                       ? 
_refine.ls_extinction_coef_esd                   ? 
_refine.ls_extinction_expression                 ? 
_refine.ls_extinction_method                     ? 
_refine.ls_goodness_of_fit_all                   ? 
_refine.ls_goodness_of_fit_all_esd               ? 
_refine.ls_goodness_of_fit_obs                   ? 
_refine.ls_goodness_of_fit_obs_esd               ? 
_refine.ls_hydrogen_treatment                    ? 
_refine.ls_matrix_type                           ? 
_refine.ls_number_constraints                    ? 
_refine.ls_number_parameters                     ? 
_refine.ls_number_reflns_all                     ? 
_refine.ls_number_reflns_obs                     11861 
_refine.ls_number_reflns_R_free                  648 
_refine.ls_number_reflns_R_work                  ? 
_refine.ls_number_restraints                     ? 
_refine.ls_percent_reflns_obs                    99.7100 
_refine.ls_percent_reflns_R_free                 5.2000 
_refine.ls_R_factor_all                          ? 
_refine.ls_R_factor_obs                          0.2079 
_refine.ls_R_factor_R_free                       0.2282 
_refine.ls_R_factor_R_free_error                 ? 
_refine.ls_R_factor_R_free_error_details         ? 
_refine.ls_R_factor_R_work                       0.2067 
_refine.ls_R_Fsqd_factor_obs                     ? 
_refine.ls_R_I_factor_obs                        ? 
_refine.ls_redundancy_reflns_all                 ? 
_refine.ls_redundancy_reflns_obs                 ? 
_refine.ls_restrained_S_all                      ? 
_refine.ls_restrained_S_obs                      ? 
_refine.ls_shift_over_esd_max                    ? 
_refine.ls_shift_over_esd_mean                   ? 
_refine.ls_structure_factor_coef                 ? 
_refine.ls_weighting_details                     ? 
_refine.ls_weighting_scheme                      ? 
_refine.ls_wR_factor_all                         ? 
_refine.ls_wR_factor_obs                         ? 
_refine.ls_wR_factor_R_free                      ? 
_refine.ls_wR_factor_R_work                      ? 
_refine.occupancy_max                            ? 
_refine.occupancy_min                            ? 
_refine.solvent_model_details                    MASK 
_refine.solvent_model_param_bsol                 ? 
_refine.solvent_model_param_ksol                 ? 
_refine.pdbx_R_complete                          ? 
_refine.ls_R_factor_gt                           ? 
_refine.ls_goodness_of_fit_gt                    ? 
_refine.ls_goodness_of_fit_ref                   ? 
_refine.ls_shift_over_su_max                     ? 
_refine.ls_shift_over_su_max_lt                  ? 
_refine.ls_shift_over_su_mean                    ? 
_refine.ls_shift_over_su_mean_lt                 ? 
_refine.pdbx_ls_sigma_I                          ? 
_refine.pdbx_ls_sigma_F                          0.000 
_refine.pdbx_ls_sigma_Fsqd                       ? 
_refine.pdbx_data_cutoff_high_absF               ? 
_refine.pdbx_data_cutoff_high_rms_absF           ? 
_refine.pdbx_data_cutoff_low_absF                ? 
_refine.pdbx_isotropic_thermal_model             ? 
_refine.pdbx_ls_cross_valid_method               THROUGHOUT 
_refine.pdbx_method_to_determine_struct          'MOLECULAR REPLACEMENT' 
_refine.pdbx_starting_model                      4YFP 
_refine.pdbx_stereochemistry_target_values       'MAXIMUM LIKELIHOOD' 
_refine.pdbx_R_Free_selection_details            RANDOM 
_refine.pdbx_stereochem_target_val_spec_case     ? 
_refine.pdbx_overall_ESU_R                       0.1700 
_refine.pdbx_overall_ESU_R_Free                  0.1480 
_refine.pdbx_solvent_vdw_probe_radii             1.2000 
_refine.pdbx_solvent_ion_probe_radii             0.8000 
_refine.pdbx_solvent_shrinkage_radii             0.8000 
_refine.pdbx_real_space_R                        ? 
_refine.pdbx_density_correlation                 ? 
_refine.pdbx_pd_number_of_powder_patterns        ? 
_refine.pdbx_pd_number_of_points                 ? 
_refine.pdbx_pd_meas_number_of_points            ? 
_refine.pdbx_pd_proc_ls_prof_R_factor            ? 
_refine.pdbx_pd_proc_ls_prof_wR_factor           ? 
_refine.pdbx_pd_Marquardt_correlation_coeff      ? 
_refine.pdbx_pd_Fsqrd_R_factor                   ? 
_refine.pdbx_pd_ls_matrix_band_width             ? 
_refine.pdbx_overall_phase_error                 ? 
_refine.pdbx_overall_SU_R_free_Cruickshank_DPI   ? 
_refine.pdbx_overall_SU_R_free_Blow_DPI          ? 
_refine.pdbx_overall_SU_R_Blow_DPI               ? 
_refine.pdbx_TLS_residual_ADP_flag               ? 
_refine.pdbx_diffrn_id                           1 
_refine.overall_SU_B                             4.8790 
_refine.overall_SU_ML                            0.1270 
_refine.overall_SU_R_Cruickshank_DPI             ? 
_refine.overall_SU_R_free                        ? 
_refine.overall_FOM_free_R_set                   ? 
_refine.overall_FOM_work_R_set                   ? 
_refine.pdbx_average_fsc_overall                 ? 
_refine.pdbx_average_fsc_work                    ? 
_refine.pdbx_average_fsc_free                    ? 
# 
_refine_analyze.entry_id                        6ZSW 
_refine_analyze.pdbx_refine_id                  'X-RAY DIFFRACTION' 
_refine_analyze.Luzzati_coordinate_error_free   ? 
_refine_analyze.Luzzati_coordinate_error_obs    0.2985 
_refine_analyze.Luzzati_d_res_low_free          ? 
_refine_analyze.Luzzati_d_res_low_obs           ? 
_refine_analyze.Luzzati_sigma_a_free            ? 
_refine_analyze.Luzzati_sigma_a_free_details    ? 
_refine_analyze.Luzzati_sigma_a_obs             ? 
_refine_analyze.Luzzati_sigma_a_obs_details     ? 
_refine_analyze.number_disordered_residues      ? 
_refine_analyze.occupancy_sum_hydrogen          ? 
_refine_analyze.occupancy_sum_non_hydrogen      ? 
_refine_analyze.RG_d_res_high                   ? 
_refine_analyze.RG_d_res_low                    ? 
_refine_analyze.RG_free                         ? 
_refine_analyze.RG_work                         ? 
_refine_analyze.RG_free_work_ratio              ? 
_refine_analyze.pdbx_Luzzati_d_res_high_obs     ? 
# 
_refine_hist.pdbx_refine_id                   'X-RAY DIFFRACTION' 
_refine_hist.cycle_id                         final 
_refine_hist.details                          ? 
_refine_hist.d_res_high                       2.0800 
_refine_hist.d_res_low                        45.20 
_refine_hist.number_atoms_solvent             39 
_refine_hist.number_atoms_total               1116 
_refine_hist.number_reflns_all                ? 
_refine_hist.number_reflns_obs                ? 
_refine_hist.number_reflns_R_free             ? 
_refine_hist.number_reflns_R_work             ? 
_refine_hist.R_factor_all                     ? 
_refine_hist.R_factor_obs                     ? 
_refine_hist.R_factor_R_free                  ? 
_refine_hist.R_factor_R_work                  ? 
_refine_hist.pdbx_number_residues_total       138 
_refine_hist.pdbx_B_iso_mean_ligand           88.61 
_refine_hist.pdbx_B_iso_mean_solvent          67.25 
_refine_hist.pdbx_number_atoms_protein        1059 
_refine_hist.pdbx_number_atoms_nucleic_acid   0 
_refine_hist.pdbx_number_atoms_ligand         18 
_refine_hist.pdbx_number_atoms_lipid          ? 
_refine_hist.pdbx_number_atoms_carb           ? 
_refine_hist.pdbx_pseudo_atom_details         ? 
# 
loop_
_refine_ls_restr.pdbx_refine_id 
_refine_ls_restr.criterion 
_refine_ls_restr.dev_ideal 
_refine_ls_restr.dev_ideal_target 
_refine_ls_restr.number 
_refine_ls_restr.rejects 
_refine_ls_restr.type 
_refine_ls_restr.weight 
_refine_ls_restr.pdbx_restraint_function 
'X-RAY DIFFRACTION' ? 0.008  0.012  1094 ? r_bond_refined_d       ? ? 
'X-RAY DIFFRACTION' ? 1.763  1.653  1483 ? r_angle_refined_deg    ? ? 
'X-RAY DIFFRACTION' ? 7.172  5.000  137  ? r_dihedral_angle_1_deg ? ? 
'X-RAY DIFFRACTION' ? 35.697 24.286 49   ? r_dihedral_angle_2_deg ? ? 
'X-RAY DIFFRACTION' ? 15.689 15.000 184  ? r_dihedral_angle_3_deg ? ? 
'X-RAY DIFFRACTION' ? 18.719 15.000 4    ? r_dihedral_angle_4_deg ? ? 
'X-RAY DIFFRACTION' ? 0.112  0.200  149  ? r_chiral_restr         ? ? 
'X-RAY DIFFRACTION' ? 0.010  0.020  823  ? r_gen_planes_refined   ? ? 
# 
_refine_ls_shell.pdbx_refine_id                   'X-RAY DIFFRACTION' 
_refine_ls_shell.d_res_high                       2.0800 
_refine_ls_shell.d_res_low                        2.1340 
_refine_ls_shell.number_reflns_all                893 
_refine_ls_shell.number_reflns_obs                ? 
_refine_ls_shell.number_reflns_R_free             54 
_refine_ls_shell.number_reflns_R_work             839 
_refine_ls_shell.percent_reflns_obs               100.0000 
_refine_ls_shell.percent_reflns_R_free            ? 
_refine_ls_shell.R_factor_all                     ? 
_refine_ls_shell.R_factor_obs                     ? 
_refine_ls_shell.R_factor_R_free                  0.3140 
_refine_ls_shell.R_factor_R_free_error            0.0000 
_refine_ls_shell.R_factor_R_work                  0.3040 
_refine_ls_shell.redundancy_reflns_all            ? 
_refine_ls_shell.redundancy_reflns_obs            ? 
_refine_ls_shell.wR_factor_all                    ? 
_refine_ls_shell.wR_factor_obs                    ? 
_refine_ls_shell.wR_factor_R_free                 ? 
_refine_ls_shell.wR_factor_R_work                 ? 
_refine_ls_shell.pdbx_R_complete                  ? 
_refine_ls_shell.pdbx_total_number_of_bins_used   20 
_refine_ls_shell.pdbx_phase_error                 ? 
_refine_ls_shell.pdbx_fsc_work                    ? 
_refine_ls_shell.pdbx_fsc_free                    ? 
# 
_struct.entry_id                     6ZSW 
_struct.title                        
'M2 mutant (R111K:Y134F:T54V:R132Q:P39Y:R59Y) of human cellular retinoic acid binding protein II - 6 conjugate' 
_struct.pdbx_model_details           ? 
_struct.pdbx_formula_weight          ? 
_struct.pdbx_formula_weight_method   ? 
_struct.pdbx_model_type_details      ? 
_struct.pdbx_CASP_flag               N 
# 
_struct_keywords.entry_id        6ZSW 
_struct_keywords.text            
'human cellular retinoic acid binding protein II, hCRABPII, conjigate, chromophore, M2, TRANSPORT PROTEIN' 
_struct_keywords.pdbx_keywords   'TRANSPORT PROTEIN' 
# 
loop_
_struct_asym.id 
_struct_asym.pdbx_blank_PDB_chainid_flag 
_struct_asym.pdbx_modified 
_struct_asym.entity_id 
_struct_asym.details 
A N N 1 ? 
B N N 2 ? 
C N N 3 ? 
D N N 4 ? 
# 
_struct_ref.id                         1 
_struct_ref.db_name                    UNP 
_struct_ref.db_code                    RABP2_HUMAN 
_struct_ref.pdbx_db_accession          P29373 
_struct_ref.pdbx_db_isoform            ? 
_struct_ref.entity_id                  1 
_struct_ref.pdbx_seq_one_letter_code   
;MPNFSGNWKIIRSENFEELLKVLGVNVMLRKIAVAAASKPAVEIKQEGDTFYIKTSTTVRTTEINFKVGEEFEEQTVDGR
PCKSLVKWESENKMVCEQKLLKGEGPKTSWTRELTNDGELILTMTADDVVCTRVYVRE
;
_struct_ref.pdbx_align_begin           1 
# 
_struct_ref_seq.align_id                      1 
_struct_ref_seq.ref_id                        1 
_struct_ref_seq.pdbx_PDB_id_code              6ZSW 
_struct_ref_seq.pdbx_strand_id                A 
_struct_ref_seq.seq_align_beg                 4 
_struct_ref_seq.pdbx_seq_align_beg_ins_code   ? 
_struct_ref_seq.seq_align_end                 141 
_struct_ref_seq.pdbx_seq_align_end_ins_code   ? 
_struct_ref_seq.pdbx_db_accession             P29373 
_struct_ref_seq.db_align_beg                  1 
_struct_ref_seq.pdbx_db_align_beg_ins_code    ? 
_struct_ref_seq.db_align_end                  138 
_struct_ref_seq.pdbx_db_align_end_ins_code    ? 
_struct_ref_seq.pdbx_auth_seq_align_beg       0 
_struct_ref_seq.pdbx_auth_seq_align_end       137 
# 
loop_
_struct_ref_seq_dif.align_id 
_struct_ref_seq_dif.pdbx_pdb_id_code 
_struct_ref_seq_dif.mon_id 
_struct_ref_seq_dif.pdbx_pdb_strand_id 
_struct_ref_seq_dif.seq_num 
_struct_ref_seq_dif.pdbx_pdb_ins_code 
_struct_ref_seq_dif.pdbx_seq_db_name 
_struct_ref_seq_dif.pdbx_seq_db_accession_code 
_struct_ref_seq_dif.db_mon_id 
_struct_ref_seq_dif.pdbx_seq_db_seq_num 
_struct_ref_seq_dif.details 
_struct_ref_seq_dif.pdbx_auth_seq_num 
_struct_ref_seq_dif.pdbx_ordinal 
1 6ZSW GLY A 1   ? UNP P29373 ?   ?   'expression tag'      -3  1 
1 6ZSW SER A 2   ? UNP P29373 ?   ?   'expression tag'      -2  2 
1 6ZSW HIS A 3   ? UNP P29373 ?   ?   'expression tag'      -1  3 
1 6ZSW TYR A 43  ? UNP P29373 PRO 40  'engineered mutation' 39  4 
1 6ZSW VAL A 58  ? UNP P29373 THR 55  'engineered mutation' 54  5 
1 6ZSW TYR A 63  ? UNP P29373 ARG 60  'engineered mutation' 59  6 
1 6ZSW LYS A 115 ? UNP P29373 ARG 112 'engineered mutation' 111 7 
1 6ZSW GLN A 136 ? UNP P29373 ARG 133 'engineered mutation' 132 8 
1 6ZSW PHE A 138 ? UNP P29373 TYR 135 'engineered mutation' 134 9 
# 
_pdbx_struct_assembly.id                   1 
_pdbx_struct_assembly.details              author_and_software_defined_assembly 
_pdbx_struct_assembly.method_details       PISA 
_pdbx_struct_assembly.oligomeric_details   monomeric 
_pdbx_struct_assembly.oligomeric_count     1 
# 
loop_
_pdbx_struct_assembly_prop.biol_id 
_pdbx_struct_assembly_prop.type 
_pdbx_struct_assembly_prop.value 
_pdbx_struct_assembly_prop.details 
1 'ABSA (A^2)' 170  ? 
1 MORE         -0   ? 
1 'SSA (A^2)'  7650 ? 
# 
_pdbx_struct_assembly_gen.assembly_id       1 
_pdbx_struct_assembly_gen.oper_expression   1 
_pdbx_struct_assembly_gen.asym_id_list      A,B,C,D 
# 
_pdbx_struct_assembly_auth_evidence.id                     1 
_pdbx_struct_assembly_auth_evidence.assembly_id            1 
_pdbx_struct_assembly_auth_evidence.experimental_support   'gel filtration' 
_pdbx_struct_assembly_auth_evidence.details                ? 
# 
_pdbx_struct_oper_list.id                   1 
_pdbx_struct_oper_list.type                 'identity operation' 
_pdbx_struct_oper_list.name                 1_555 
_pdbx_struct_oper_list.symmetry_operation   x,y,z 
_pdbx_struct_oper_list.matrix[1][1]         1.0000000000 
_pdbx_struct_oper_list.matrix[1][2]         0.0000000000 
_pdbx_struct_oper_list.matrix[1][3]         0.0000000000 
_pdbx_struct_oper_list.vector[1]            0.0000000000 
_pdbx_struct_oper_list.matrix[2][1]         0.0000000000 
_pdbx_struct_oper_list.matrix[2][2]         1.0000000000 
_pdbx_struct_oper_list.matrix[2][3]         0.0000000000 
_pdbx_struct_oper_list.vector[2]            0.0000000000 
_pdbx_struct_oper_list.matrix[3][1]         0.0000000000 
_pdbx_struct_oper_list.matrix[3][2]         0.0000000000 
_pdbx_struct_oper_list.matrix[3][3]         1.0000000000 
_pdbx_struct_oper_list.vector[3]            0.0000000000 
# 
loop_
_struct_conf.conf_type_id 
_struct_conf.id 
_struct_conf.pdbx_PDB_helix_id 
_struct_conf.beg_label_comp_id 
_struct_conf.beg_label_asym_id 
_struct_conf.beg_label_seq_id 
_struct_conf.pdbx_beg_PDB_ins_code 
_struct_conf.end_label_comp_id 
_struct_conf.end_label_asym_id 
_struct_conf.end_label_seq_id 
_struct_conf.pdbx_end_PDB_ins_code 
_struct_conf.beg_auth_comp_id 
_struct_conf.beg_auth_asym_id 
_struct_conf.beg_auth_seq_id 
_struct_conf.end_auth_comp_id 
_struct_conf.end_auth_asym_id 
_struct_conf.end_auth_seq_id 
_struct_conf.pdbx_PDB_helix_class 
_struct_conf.details 
_struct_conf.pdbx_PDB_helix_length 
HELX_P HELX_P1 AA1 ASN A 18 ? LEU A 26 ? ASN A 14 LEU A 22 1 ? 9  
HELX_P HELX_P2 AA2 ASN A 29 ? SER A 41 ? ASN A 25 SER A 37 1 ? 13 
# 
_struct_conf_type.id          HELX_P 
_struct_conf_type.criteria    ? 
_struct_conf_type.reference   ? 
# 
_struct_conn.id                            covale1 
_struct_conn.conn_type_id                  covale 
_struct_conn.pdbx_leaving_atom_flag        none 
_struct_conn.pdbx_PDB_id                   ? 
_struct_conn.ptnr1_label_asym_id           A 
_struct_conn.ptnr1_label_comp_id           LYS 
_struct_conn.ptnr1_label_seq_id            115 
_struct_conn.ptnr1_label_atom_id           NZ 
_struct_conn.pdbx_ptnr1_label_alt_id       ? 
_struct_conn.pdbx_ptnr1_PDB_ins_code       ? 
_struct_conn.pdbx_ptnr1_standard_comp_id   ? 
_struct_conn.ptnr1_symmetry                1_555 
_struct_conn.ptnr2_label_asym_id           B 
_struct_conn.ptnr2_label_comp_id           QPB 
_struct_conn.ptnr2_label_seq_id            . 
_struct_conn.ptnr2_label_atom_id           CAJ 
_struct_conn.pdbx_ptnr2_label_alt_id       ? 
_struct_conn.pdbx_ptnr2_PDB_ins_code       ? 
_struct_conn.ptnr1_auth_asym_id            A 
_struct_conn.ptnr1_auth_comp_id            LYS 
_struct_conn.ptnr1_auth_seq_id             111 
_struct_conn.ptnr2_auth_asym_id            A 
_struct_conn.ptnr2_auth_comp_id            QPB 
_struct_conn.ptnr2_auth_seq_id             201 
_struct_conn.ptnr2_symmetry                1_555 
_struct_conn.pdbx_ptnr3_label_atom_id      ? 
_struct_conn.pdbx_ptnr3_label_seq_id       ? 
_struct_conn.pdbx_ptnr3_label_comp_id      ? 
_struct_conn.pdbx_ptnr3_label_asym_id      ? 
_struct_conn.pdbx_ptnr3_label_alt_id       ? 
_struct_conn.pdbx_ptnr3_PDB_ins_code       ? 
_struct_conn.details                       ? 
_struct_conn.pdbx_dist_value               1.422 
_struct_conn.pdbx_value_order              ? 
_struct_conn.pdbx_role                     ? 
# 
_struct_conn_type.id          covale 
_struct_conn_type.criteria    ? 
_struct_conn_type.reference   ? 
# 
_pdbx_modification_feature.ordinal                            1 
_pdbx_modification_feature.label_comp_id                      QPB 
_pdbx_modification_feature.label_asym_id                      B 
_pdbx_modification_feature.label_seq_id                       . 
_pdbx_modification_feature.label_alt_id                       ? 
_pdbx_modification_feature.modified_residue_label_comp_id     LYS 
_pdbx_modification_feature.modified_residue_label_asym_id     A 
_pdbx_modification_feature.modified_residue_label_seq_id      115 
_pdbx_modification_feature.modified_residue_label_alt_id      ? 
_pdbx_modification_feature.auth_comp_id                       QPB 
_pdbx_modification_feature.auth_asym_id                       A 
_pdbx_modification_feature.auth_seq_id                        201 
_pdbx_modification_feature.PDB_ins_code                       ? 
_pdbx_modification_feature.symmetry                           1_555 
_pdbx_modification_feature.modified_residue_auth_comp_id      LYS 
_pdbx_modification_feature.modified_residue_auth_asym_id      A 
_pdbx_modification_feature.modified_residue_auth_seq_id       111 
_pdbx_modification_feature.modified_residue_PDB_ins_code      ? 
_pdbx_modification_feature.modified_residue_symmetry          1_555 
_pdbx_modification_feature.comp_id_linking_atom               CAJ 
_pdbx_modification_feature.modified_residue_id_linking_atom   NZ 
_pdbx_modification_feature.modified_residue_id                LYS 
_pdbx_modification_feature.ref_pcm_id                         1 
_pdbx_modification_feature.ref_comp_id                        QPB 
_pdbx_modification_feature.type                               None 
_pdbx_modification_feature.category                           'Covalent chemical modification' 
# 
_struct_sheet.id               AA1 
_struct_sheet.type             ? 
_struct_sheet.number_strands   10 
_struct_sheet.details          ? 
# 
loop_
_struct_sheet_order.sheet_id 
_struct_sheet_order.range_id_1 
_struct_sheet_order.range_id_2 
_struct_sheet_order.offset 
_struct_sheet_order.sense 
AA1 1 2  ? anti-parallel 
AA1 2 3  ? anti-parallel 
AA1 3 4  ? anti-parallel 
AA1 4 5  ? anti-parallel 
AA1 5 6  ? anti-parallel 
AA1 6 7  ? anti-parallel 
AA1 7 8  ? anti-parallel 
AA1 8 9  ? anti-parallel 
AA1 9 10 ? anti-parallel 
# 
loop_
_struct_sheet_range.sheet_id 
_struct_sheet_range.id 
_struct_sheet_range.beg_label_comp_id 
_struct_sheet_range.beg_label_asym_id 
_struct_sheet_range.beg_label_seq_id 
_struct_sheet_range.pdbx_beg_PDB_ins_code 
_struct_sheet_range.end_label_comp_id 
_struct_sheet_range.end_label_asym_id 
_struct_sheet_range.end_label_seq_id 
_struct_sheet_range.pdbx_end_PDB_ins_code 
_struct_sheet_range.beg_auth_comp_id 
_struct_sheet_range.beg_auth_asym_id 
_struct_sheet_range.beg_auth_seq_id 
_struct_sheet_range.end_auth_comp_id 
_struct_sheet_range.end_auth_asym_id 
_struct_sheet_range.end_auth_seq_id 
AA1 1  THR A 64  ? LYS A 70  ? THR A 60  LYS A 66  
AA1 2  THR A 53  ? SER A 59  ? THR A 49  SER A 55  
AA1 3  ALA A 44  ? GLU A 50  ? ALA A 40  GLU A 46  
AA1 4  GLY A 9   ? GLU A 17  ? GLY A 5   GLU A 13  
AA1 5  VAL A 132 ? ARG A 140 ? VAL A 128 ARG A 136 
AA1 6  LEU A 123 ? ALA A 129 ? LEU A 119 ALA A 125 
AA1 7  THR A 111 ? LEU A 117 ? THR A 107 LEU A 113 
AA1 8  LYS A 96  ? LEU A 103 ? LYS A 92  LEU A 99  
AA1 9  PRO A 84  ? SER A 93  ? PRO A 80  SER A 89  
AA1 10 PHE A 75  ? GLN A 78  ? PHE A 71  GLN A 74  
# 
loop_
_pdbx_struct_sheet_hbond.sheet_id 
_pdbx_struct_sheet_hbond.range_id_1 
_pdbx_struct_sheet_hbond.range_id_2 
_pdbx_struct_sheet_hbond.range_1_label_atom_id 
_pdbx_struct_sheet_hbond.range_1_label_comp_id 
_pdbx_struct_sheet_hbond.range_1_label_asym_id 
_pdbx_struct_sheet_hbond.range_1_label_seq_id 
_pdbx_struct_sheet_hbond.range_1_PDB_ins_code 
_pdbx_struct_sheet_hbond.range_1_auth_atom_id 
_pdbx_struct_sheet_hbond.range_1_auth_comp_id 
_pdbx_struct_sheet_hbond.range_1_auth_asym_id 
_pdbx_struct_sheet_hbond.range_1_auth_seq_id 
_pdbx_struct_sheet_hbond.range_2_label_atom_id 
_pdbx_struct_sheet_hbond.range_2_label_comp_id 
_pdbx_struct_sheet_hbond.range_2_label_asym_id 
_pdbx_struct_sheet_hbond.range_2_label_seq_id 
_pdbx_struct_sheet_hbond.range_2_PDB_ins_code 
_pdbx_struct_sheet_hbond.range_2_auth_atom_id 
_pdbx_struct_sheet_hbond.range_2_auth_comp_id 
_pdbx_struct_sheet_hbond.range_2_auth_asym_id 
_pdbx_struct_sheet_hbond.range_2_auth_seq_id 
AA1 1 2  O ILE A 67  ? O ILE A 63  N ILE A 56  ? N ILE A 52  
AA1 2 3  O LYS A 57  ? O LYS A 53  N GLU A 46  ? N GLU A 42  
AA1 3 4  O VAL A 45  ? O VAL A 41  N TRP A 11  ? N TRP A 7   
AA1 4 5  N ILE A 14  ? N ILE A 10  O VAL A 137 ? O VAL A 133 
AA1 5 6  O CYS A 134 ? O CYS A 130 N MET A 127 ? N MET A 123 
AA1 6 7  O ILE A 124 ? O ILE A 120 N GLU A 116 ? N GLU A 112 
AA1 7 8  O TRP A 113 ? O TRP A 109 N CYS A 99  ? N CYS A 95  
AA1 8 9  O LYS A 102 ? O LYS A 98  N LYS A 86  ? N LYS A 82  
AA1 9 10 O SER A 87  ? O SER A 83  N PHE A 75  ? N PHE A 71  
# 
loop_
_struct_site.id 
_struct_site.pdbx_evidence_code 
_struct_site.pdbx_auth_asym_id 
_struct_site.pdbx_auth_comp_id 
_struct_site.pdbx_auth_seq_id 
_struct_site.pdbx_auth_ins_code 
_struct_site.pdbx_num_residues 
_struct_site.details 
AC1 Software A QPB 201 ? 6 'binding site for residue QPB A 201' 
AC2 Software A ACT 202 ? 2 'binding site for residue ACT A 202' 
# 
loop_
_struct_site_gen.id 
_struct_site_gen.site_id 
_struct_site_gen.pdbx_num_res 
_struct_site_gen.label_comp_id 
_struct_site_gen.label_asym_id 
_struct_site_gen.label_seq_id 
_struct_site_gen.pdbx_auth_ins_code 
_struct_site_gen.auth_comp_id 
_struct_site_gen.auth_asym_id 
_struct_site_gen.auth_seq_id 
_struct_site_gen.label_atom_id 
_struct_site_gen.label_alt_id 
_struct_site_gen.symmetry 
_struct_site_gen.details 
1 AC1 6 TYR A 43  ? TYR A 39  . ? 1_555 ? 
2 AC1 6 VAL A 58  ? VAL A 54  . ? 1_555 ? 
3 AC1 6 TRP A 113 ? TRP A 109 . ? 1_555 ? 
4 AC1 6 LYS A 115 ? LYS A 111 . ? 1_555 ? 
5 AC1 6 LEU A 125 ? LEU A 121 . ? 1_555 ? 
6 AC1 6 GLN A 136 ? GLN A 132 . ? 1_555 ? 
7 AC2 2 ASN A 68  ? ASN A 64  . ? 1_555 ? 
8 AC2 2 GLU A 73  ? GLU A 69  . ? 1_555 ? 
# 
_pdbx_entry_details.entry_id                   6ZSW 
_pdbx_entry_details.has_ligand_of_interest     Y 
_pdbx_entry_details.compound_details           ? 
_pdbx_entry_details.source_details             ? 
_pdbx_entry_details.nonpolymer_details         ? 
_pdbx_entry_details.sequence_details           ? 
_pdbx_entry_details.has_protein_modification   Y 
# 
loop_
_pdbx_validate_torsion.id 
_pdbx_validate_torsion.PDB_model_num 
_pdbx_validate_torsion.auth_comp_id 
_pdbx_validate_torsion.auth_asym_id 
_pdbx_validate_torsion.auth_seq_id 
_pdbx_validate_torsion.PDB_ins_code 
_pdbx_validate_torsion.label_alt_id 
_pdbx_validate_torsion.phi 
_pdbx_validate_torsion.psi 
1 1 ASN A 2   ? ? -144.42 -149.11 
2 1 THR A 56  ? ? -118.20 -166.60 
3 1 ASP A 77  ? ? -98.92  32.55   
4 1 SER A 89  ? ? -170.47 -167.78 
5 1 ASP A 126 ? ? 53.15   -115.84 
# 
_pdbx_distant_solvent_atoms.id                                1 
_pdbx_distant_solvent_atoms.PDB_model_num                     1 
_pdbx_distant_solvent_atoms.auth_atom_id                      O 
_pdbx_distant_solvent_atoms.label_alt_id                      ? 
_pdbx_distant_solvent_atoms.auth_asym_id                      A 
_pdbx_distant_solvent_atoms.auth_comp_id                      HOH 
_pdbx_distant_solvent_atoms.auth_seq_id                       339 
_pdbx_distant_solvent_atoms.PDB_ins_code                      ? 
_pdbx_distant_solvent_atoms.neighbor_macromolecule_distance   6.19 
_pdbx_distant_solvent_atoms.neighbor_ligand_distance          . 
# 
loop_
_pdbx_unobs_or_zero_occ_residues.id 
_pdbx_unobs_or_zero_occ_residues.PDB_model_num 
_pdbx_unobs_or_zero_occ_residues.polymer_flag 
_pdbx_unobs_or_zero_occ_residues.occupancy_flag 
_pdbx_unobs_or_zero_occ_residues.auth_asym_id 
_pdbx_unobs_or_zero_occ_residues.auth_comp_id 
_pdbx_unobs_or_zero_occ_residues.auth_seq_id 
_pdbx_unobs_or_zero_occ_residues.PDB_ins_code 
_pdbx_unobs_or_zero_occ_residues.label_asym_id 
_pdbx_unobs_or_zero_occ_residues.label_comp_id 
_pdbx_unobs_or_zero_occ_residues.label_seq_id 
1 1 Y 1 A GLY -3 ? A GLY 1 
2 1 Y 1 A SER -2 ? A SER 2 
3 1 Y 1 A HIS -1 ? A HIS 3 
# 
loop_
_chem_comp_atom.comp_id 
_chem_comp_atom.atom_id 
_chem_comp_atom.type_symbol 
_chem_comp_atom.pdbx_aromatic_flag 
_chem_comp_atom.pdbx_stereo_config 
_chem_comp_atom.pdbx_ordinal 
ACT C    C N N 1   
ACT O    O N N 2   
ACT OXT  O N N 3   
ACT CH3  C N N 4   
ACT H1   H N N 5   
ACT H2   H N N 6   
ACT H3   H N N 7   
ALA N    N N N 8   
ALA CA   C N S 9   
ALA C    C N N 10  
ALA O    O N N 11  
ALA CB   C N N 12  
ALA OXT  O N N 13  
ALA H    H N N 14  
ALA H2   H N N 15  
ALA HA   H N N 16  
ALA HB1  H N N 17  
ALA HB2  H N N 18  
ALA HB3  H N N 19  
ALA HXT  H N N 20  
ARG N    N N N 21  
ARG CA   C N S 22  
ARG C    C N N 23  
ARG O    O N N 24  
ARG CB   C N N 25  
ARG CG   C N N 26  
ARG CD   C N N 27  
ARG NE   N N N 28  
ARG CZ   C N N 29  
ARG NH1  N N N 30  
ARG NH2  N N N 31  
ARG OXT  O N N 32  
ARG H    H N N 33  
ARG H2   H N N 34  
ARG HA   H N N 35  
ARG HB2  H N N 36  
ARG HB3  H N N 37  
ARG HG2  H N N 38  
ARG HG3  H N N 39  
ARG HD2  H N N 40  
ARG HD3  H N N 41  
ARG HE   H N N 42  
ARG HH11 H N N 43  
ARG HH12 H N N 44  
ARG HH21 H N N 45  
ARG HH22 H N N 46  
ARG HXT  H N N 47  
ASN N    N N N 48  
ASN CA   C N S 49  
ASN C    C N N 50  
ASN O    O N N 51  
ASN CB   C N N 52  
ASN CG   C N N 53  
ASN OD1  O N N 54  
ASN ND2  N N N 55  
ASN OXT  O N N 56  
ASN H    H N N 57  
ASN H2   H N N 58  
ASN HA   H N N 59  
ASN HB2  H N N 60  
ASN HB3  H N N 61  
ASN HD21 H N N 62  
ASN HD22 H N N 63  
ASN HXT  H N N 64  
ASP N    N N N 65  
ASP CA   C N S 66  
ASP C    C N N 67  
ASP O    O N N 68  
ASP CB   C N N 69  
ASP CG   C N N 70  
ASP OD1  O N N 71  
ASP OD2  O N N 72  
ASP OXT  O N N 73  
ASP H    H N N 74  
ASP H2   H N N 75  
ASP HA   H N N 76  
ASP HB2  H N N 77  
ASP HB3  H N N 78  
ASP HD2  H N N 79  
ASP HXT  H N N 80  
CYS N    N N N 81  
CYS CA   C N R 82  
CYS C    C N N 83  
CYS O    O N N 84  
CYS CB   C N N 85  
CYS SG   S N N 86  
CYS OXT  O N N 87  
CYS H    H N N 88  
CYS H2   H N N 89  
CYS HA   H N N 90  
CYS HB2  H N N 91  
CYS HB3  H N N 92  
CYS HG   H N N 93  
CYS HXT  H N N 94  
GLN N    N N N 95  
GLN CA   C N S 96  
GLN C    C N N 97  
GLN O    O N N 98  
GLN CB   C N N 99  
GLN CG   C N N 100 
GLN CD   C N N 101 
GLN OE1  O N N 102 
GLN NE2  N N N 103 
GLN OXT  O N N 104 
GLN H    H N N 105 
GLN H2   H N N 106 
GLN HA   H N N 107 
GLN HB2  H N N 108 
GLN HB3  H N N 109 
GLN HG2  H N N 110 
GLN HG3  H N N 111 
GLN HE21 H N N 112 
GLN HE22 H N N 113 
GLN HXT  H N N 114 
GLU N    N N N 115 
GLU CA   C N S 116 
GLU C    C N N 117 
GLU O    O N N 118 
GLU CB   C N N 119 
GLU CG   C N N 120 
GLU CD   C N N 121 
GLU OE1  O N N 122 
GLU OE2  O N N 123 
GLU OXT  O N N 124 
GLU H    H N N 125 
GLU H2   H N N 126 
GLU HA   H N N 127 
GLU HB2  H N N 128 
GLU HB3  H N N 129 
GLU HG2  H N N 130 
GLU HG3  H N N 131 
GLU HE2  H N N 132 
GLU HXT  H N N 133 
GLY N    N N N 134 
GLY CA   C N N 135 
GLY C    C N N 136 
GLY O    O N N 137 
GLY OXT  O N N 138 
GLY H    H N N 139 
GLY H2   H N N 140 
GLY HA2  H N N 141 
GLY HA3  H N N 142 
GLY HXT  H N N 143 
HIS N    N N N 144 
HIS CA   C N S 145 
HIS C    C N N 146 
HIS O    O N N 147 
HIS CB   C N N 148 
HIS CG   C Y N 149 
HIS ND1  N Y N 150 
HIS CD2  C Y N 151 
HIS CE1  C Y N 152 
HIS NE2  N Y N 153 
HIS OXT  O N N 154 
HIS H    H N N 155 
HIS H2   H N N 156 
HIS HA   H N N 157 
HIS HB2  H N N 158 
HIS HB3  H N N 159 
HIS HD1  H N N 160 
HIS HD2  H N N 161 
HIS HE1  H N N 162 
HIS HE2  H N N 163 
HIS HXT  H N N 164 
HOH O    O N N 165 
HOH H1   H N N 166 
HOH H2   H N N 167 
ILE N    N N N 168 
ILE CA   C N S 169 
ILE C    C N N 170 
ILE O    O N N 171 
ILE CB   C N S 172 
ILE CG1  C N N 173 
ILE CG2  C N N 174 
ILE CD1  C N N 175 
ILE OXT  O N N 176 
ILE H    H N N 177 
ILE H2   H N N 178 
ILE HA   H N N 179 
ILE HB   H N N 180 
ILE HG12 H N N 181 
ILE HG13 H N N 182 
ILE HG21 H N N 183 
ILE HG22 H N N 184 
ILE HG23 H N N 185 
ILE HD11 H N N 186 
ILE HD12 H N N 187 
ILE HD13 H N N 188 
ILE HXT  H N N 189 
LEU N    N N N 190 
LEU CA   C N S 191 
LEU C    C N N 192 
LEU O    O N N 193 
LEU CB   C N N 194 
LEU CG   C N N 195 
LEU CD1  C N N 196 
LEU CD2  C N N 197 
LEU OXT  O N N 198 
LEU H    H N N 199 
LEU H2   H N N 200 
LEU HA   H N N 201 
LEU HB2  H N N 202 
LEU HB3  H N N 203 
LEU HG   H N N 204 
LEU HD11 H N N 205 
LEU HD12 H N N 206 
LEU HD13 H N N 207 
LEU HD21 H N N 208 
LEU HD22 H N N 209 
LEU HD23 H N N 210 
LEU HXT  H N N 211 
LYS N    N N N 212 
LYS CA   C N S 213 
LYS C    C N N 214 
LYS O    O N N 215 
LYS CB   C N N 216 
LYS CG   C N N 217 
LYS CD   C N N 218 
LYS CE   C N N 219 
LYS NZ   N N N 220 
LYS OXT  O N N 221 
LYS H    H N N 222 
LYS H2   H N N 223 
LYS HA   H N N 224 
LYS HB2  H N N 225 
LYS HB3  H N N 226 
LYS HG2  H N N 227 
LYS HG3  H N N 228 
LYS HD2  H N N 229 
LYS HD3  H N N 230 
LYS HE2  H N N 231 
LYS HE3  H N N 232 
LYS HZ1  H N N 233 
LYS HZ2  H N N 234 
LYS HZ3  H N N 235 
LYS HXT  H N N 236 
MET N    N N N 237 
MET CA   C N S 238 
MET C    C N N 239 
MET O    O N N 240 
MET CB   C N N 241 
MET CG   C N N 242 
MET SD   S N N 243 
MET CE   C N N 244 
MET OXT  O N N 245 
MET H    H N N 246 
MET H2   H N N 247 
MET HA   H N N 248 
MET HB2  H N N 249 
MET HB3  H N N 250 
MET HG2  H N N 251 
MET HG3  H N N 252 
MET HE1  H N N 253 
MET HE2  H N N 254 
MET HE3  H N N 255 
MET HXT  H N N 256 
PHE N    N N N 257 
PHE CA   C N S 258 
PHE C    C N N 259 
PHE O    O N N 260 
PHE CB   C N N 261 
PHE CG   C Y N 262 
PHE CD1  C Y N 263 
PHE CD2  C Y N 264 
PHE CE1  C Y N 265 
PHE CE2  C Y N 266 
PHE CZ   C Y N 267 
PHE OXT  O N N 268 
PHE H    H N N 269 
PHE H2   H N N 270 
PHE HA   H N N 271 
PHE HB2  H N N 272 
PHE HB3  H N N 273 
PHE HD1  H N N 274 
PHE HD2  H N N 275 
PHE HE1  H N N 276 
PHE HE2  H N N 277 
PHE HZ   H N N 278 
PHE HXT  H N N 279 
PRO N    N N N 280 
PRO CA   C N S 281 
PRO C    C N N 282 
PRO O    O N N 283 
PRO CB   C N N 284 
PRO CG   C N N 285 
PRO CD   C N N 286 
PRO OXT  O N N 287 
PRO H    H N N 288 
PRO HA   H N N 289 
PRO HB2  H N N 290 
PRO HB3  H N N 291 
PRO HG2  H N N 292 
PRO HG3  H N N 293 
PRO HD2  H N N 294 
PRO HD3  H N N 295 
PRO HXT  H N N 296 
QPB CAN  C N N 297 
QPB OAM  O N N 298 
QPB CAK  C N N 299 
QPB OAL  O N N 300 
QPB CAI  C N N 301 
QPB CAJ  C N N 302 
QPB CAH  C N N 303 
QPB CAD  C Y N 304 
QPB CAC  C Y N 305 
QPB CAA  C Y N 306 
QPB CAB  C Y N 307 
QPB OAG  O N N 308 
QPB CAF  C Y N 309 
QPB CAE  C Y N 310 
QPB H1   H N N 311 
QPB H2   H N N 312 
QPB H3   H N N 313 
QPB H4   H N N 314 
QPB H5   H N N 315 
QPB H6   H N N 316 
QPB H7   H N N 317 
QPB H8   H N N 318 
QPB H9   H N N 319 
QPB H10  H N N 320 
QPB H11  H N N 321 
QPB H12  H N N 322 
SER N    N N N 323 
SER CA   C N S 324 
SER C    C N N 325 
SER O    O N N 326 
SER CB   C N N 327 
SER OG   O N N 328 
SER OXT  O N N 329 
SER H    H N N 330 
SER H2   H N N 331 
SER HA   H N N 332 
SER HB2  H N N 333 
SER HB3  H N N 334 
SER HG   H N N 335 
SER HXT  H N N 336 
THR N    N N N 337 
THR CA   C N S 338 
THR C    C N N 339 
THR O    O N N 340 
THR CB   C N R 341 
THR OG1  O N N 342 
THR CG2  C N N 343 
THR OXT  O N N 344 
THR H    H N N 345 
THR H2   H N N 346 
THR HA   H N N 347 
THR HB   H N N 348 
THR HG1  H N N 349 
THR HG21 H N N 350 
THR HG22 H N N 351 
THR HG23 H N N 352 
THR HXT  H N N 353 
TRP N    N N N 354 
TRP CA   C N S 355 
TRP C    C N N 356 
TRP O    O N N 357 
TRP CB   C N N 358 
TRP CG   C Y N 359 
TRP CD1  C Y N 360 
TRP CD2  C Y N 361 
TRP NE1  N Y N 362 
TRP CE2  C Y N 363 
TRP CE3  C Y N 364 
TRP CZ2  C Y N 365 
TRP CZ3  C Y N 366 
TRP CH2  C Y N 367 
TRP OXT  O N N 368 
TRP H    H N N 369 
TRP H2   H N N 370 
TRP HA   H N N 371 
TRP HB2  H N N 372 
TRP HB3  H N N 373 
TRP HD1  H N N 374 
TRP HE1  H N N 375 
TRP HE3  H N N 376 
TRP HZ2  H N N 377 
TRP HZ3  H N N 378 
TRP HH2  H N N 379 
TRP HXT  H N N 380 
TYR N    N N N 381 
TYR CA   C N S 382 
TYR C    C N N 383 
TYR O    O N N 384 
TYR CB   C N N 385 
TYR CG   C Y N 386 
TYR CD1  C Y N 387 
TYR CD2  C Y N 388 
TYR CE1  C Y N 389 
TYR CE2  C Y N 390 
TYR CZ   C Y N 391 
TYR OH   O N N 392 
TYR OXT  O N N 393 
TYR H    H N N 394 
TYR H2   H N N 395 
TYR HA   H N N 396 
TYR HB2  H N N 397 
TYR HB3  H N N 398 
TYR HD1  H N N 399 
TYR HD2  H N N 400 
TYR HE1  H N N 401 
TYR HE2  H N N 402 
TYR HH   H N N 403 
TYR HXT  H N N 404 
VAL N    N N N 405 
VAL CA   C N S 406 
VAL C    C N N 407 
VAL O    O N N 408 
VAL CB   C N N 409 
VAL CG1  C N N 410 
VAL CG2  C N N 411 
VAL OXT  O N N 412 
VAL H    H N N 413 
VAL H2   H N N 414 
VAL HA   H N N 415 
VAL HB   H N N 416 
VAL HG11 H N N 417 
VAL HG12 H N N 418 
VAL HG13 H N N 419 
VAL HG21 H N N 420 
VAL HG22 H N N 421 
VAL HG23 H N N 422 
VAL HXT  H N N 423 
# 
loop_
_chem_comp_bond.comp_id 
_chem_comp_bond.atom_id_1 
_chem_comp_bond.atom_id_2 
_chem_comp_bond.value_order 
_chem_comp_bond.pdbx_aromatic_flag 
_chem_comp_bond.pdbx_stereo_config 
_chem_comp_bond.pdbx_ordinal 
ACT C   O    doub N N 1   
ACT C   OXT  sing N N 2   
ACT C   CH3  sing N N 3   
ACT CH3 H1   sing N N 4   
ACT CH3 H2   sing N N 5   
ACT CH3 H3   sing N N 6   
ALA N   CA   sing N N 7   
ALA N   H    sing N N 8   
ALA N   H2   sing N N 9   
ALA CA  C    sing N N 10  
ALA CA  CB   sing N N 11  
ALA CA  HA   sing N N 12  
ALA C   O    doub N N 13  
ALA C   OXT  sing N N 14  
ALA CB  HB1  sing N N 15  
ALA CB  HB2  sing N N 16  
ALA CB  HB3  sing N N 17  
ALA OXT HXT  sing N N 18  
ARG N   CA   sing N N 19  
ARG N   H    sing N N 20  
ARG N   H2   sing N N 21  
ARG CA  C    sing N N 22  
ARG CA  CB   sing N N 23  
ARG CA  HA   sing N N 24  
ARG C   O    doub N N 25  
ARG C   OXT  sing N N 26  
ARG CB  CG   sing N N 27  
ARG CB  HB2  sing N N 28  
ARG CB  HB3  sing N N 29  
ARG CG  CD   sing N N 30  
ARG CG  HG2  sing N N 31  
ARG CG  HG3  sing N N 32  
ARG CD  NE   sing N N 33  
ARG CD  HD2  sing N N 34  
ARG CD  HD3  sing N N 35  
ARG NE  CZ   sing N N 36  
ARG NE  HE   sing N N 37  
ARG CZ  NH1  sing N N 38  
ARG CZ  NH2  doub N N 39  
ARG NH1 HH11 sing N N 40  
ARG NH1 HH12 sing N N 41  
ARG NH2 HH21 sing N N 42  
ARG NH2 HH22 sing N N 43  
ARG OXT HXT  sing N N 44  
ASN N   CA   sing N N 45  
ASN N   H    sing N N 46  
ASN N   H2   sing N N 47  
ASN CA  C    sing N N 48  
ASN CA  CB   sing N N 49  
ASN CA  HA   sing N N 50  
ASN C   O    doub N N 51  
ASN C   OXT  sing N N 52  
ASN CB  CG   sing N N 53  
ASN CB  HB2  sing N N 54  
ASN CB  HB3  sing N N 55  
ASN CG  OD1  doub N N 56  
ASN CG  ND2  sing N N 57  
ASN ND2 HD21 sing N N 58  
ASN ND2 HD22 sing N N 59  
ASN OXT HXT  sing N N 60  
ASP N   CA   sing N N 61  
ASP N   H    sing N N 62  
ASP N   H2   sing N N 63  
ASP CA  C    sing N N 64  
ASP CA  CB   sing N N 65  
ASP CA  HA   sing N N 66  
ASP C   O    doub N N 67  
ASP C   OXT  sing N N 68  
ASP CB  CG   sing N N 69  
ASP CB  HB2  sing N N 70  
ASP CB  HB3  sing N N 71  
ASP CG  OD1  doub N N 72  
ASP CG  OD2  sing N N 73  
ASP OD2 HD2  sing N N 74  
ASP OXT HXT  sing N N 75  
CYS N   CA   sing N N 76  
CYS N   H    sing N N 77  
CYS N   H2   sing N N 78  
CYS CA  C    sing N N 79  
CYS CA  CB   sing N N 80  
CYS CA  HA   sing N N 81  
CYS C   O    doub N N 82  
CYS C   OXT  sing N N 83  
CYS CB  SG   sing N N 84  
CYS CB  HB2  sing N N 85  
CYS CB  HB3  sing N N 86  
CYS SG  HG   sing N N 87  
CYS OXT HXT  sing N N 88  
GLN N   CA   sing N N 89  
GLN N   H    sing N N 90  
GLN N   H2   sing N N 91  
GLN CA  C    sing N N 92  
GLN CA  CB   sing N N 93  
GLN CA  HA   sing N N 94  
GLN C   O    doub N N 95  
GLN C   OXT  sing N N 96  
GLN CB  CG   sing N N 97  
GLN CB  HB2  sing N N 98  
GLN CB  HB3  sing N N 99  
GLN CG  CD   sing N N 100 
GLN CG  HG2  sing N N 101 
GLN CG  HG3  sing N N 102 
GLN CD  OE1  doub N N 103 
GLN CD  NE2  sing N N 104 
GLN NE2 HE21 sing N N 105 
GLN NE2 HE22 sing N N 106 
GLN OXT HXT  sing N N 107 
GLU N   CA   sing N N 108 
GLU N   H    sing N N 109 
GLU N   H2   sing N N 110 
GLU CA  C    sing N N 111 
GLU CA  CB   sing N N 112 
GLU CA  HA   sing N N 113 
GLU C   O    doub N N 114 
GLU C   OXT  sing N N 115 
GLU CB  CG   sing N N 116 
GLU CB  HB2  sing N N 117 
GLU CB  HB3  sing N N 118 
GLU CG  CD   sing N N 119 
GLU CG  HG2  sing N N 120 
GLU CG  HG3  sing N N 121 
GLU CD  OE1  doub N N 122 
GLU CD  OE2  sing N N 123 
GLU OE2 HE2  sing N N 124 
GLU OXT HXT  sing N N 125 
GLY N   CA   sing N N 126 
GLY N   H    sing N N 127 
GLY N   H2   sing N N 128 
GLY CA  C    sing N N 129 
GLY CA  HA2  sing N N 130 
GLY CA  HA3  sing N N 131 
GLY C   O    doub N N 132 
GLY C   OXT  sing N N 133 
GLY OXT HXT  sing N N 134 
HIS N   CA   sing N N 135 
HIS N   H    sing N N 136 
HIS N   H2   sing N N 137 
HIS CA  C    sing N N 138 
HIS CA  CB   sing N N 139 
HIS CA  HA   sing N N 140 
HIS C   O    doub N N 141 
HIS C   OXT  sing N N 142 
HIS CB  CG   sing N N 143 
HIS CB  HB2  sing N N 144 
HIS CB  HB3  sing N N 145 
HIS CG  ND1  sing Y N 146 
HIS CG  CD2  doub Y N 147 
HIS ND1 CE1  doub Y N 148 
HIS ND1 HD1  sing N N 149 
HIS CD2 NE2  sing Y N 150 
HIS CD2 HD2  sing N N 151 
HIS CE1 NE2  sing Y N 152 
HIS CE1 HE1  sing N N 153 
HIS NE2 HE2  sing N N 154 
HIS OXT HXT  sing N N 155 
HOH O   H1   sing N N 156 
HOH O   H2   sing N N 157 
ILE N   CA   sing N N 158 
ILE N   H    sing N N 159 
ILE N   H2   sing N N 160 
ILE CA  C    sing N N 161 
ILE CA  CB   sing N N 162 
ILE CA  HA   sing N N 163 
ILE C   O    doub N N 164 
ILE C   OXT  sing N N 165 
ILE CB  CG1  sing N N 166 
ILE CB  CG2  sing N N 167 
ILE CB  HB   sing N N 168 
ILE CG1 CD1  sing N N 169 
ILE CG1 HG12 sing N N 170 
ILE CG1 HG13 sing N N 171 
ILE CG2 HG21 sing N N 172 
ILE CG2 HG22 sing N N 173 
ILE CG2 HG23 sing N N 174 
ILE CD1 HD11 sing N N 175 
ILE CD1 HD12 sing N N 176 
ILE CD1 HD13 sing N N 177 
ILE OXT HXT  sing N N 178 
LEU N   CA   sing N N 179 
LEU N   H    sing N N 180 
LEU N   H2   sing N N 181 
LEU CA  C    sing N N 182 
LEU CA  CB   sing N N 183 
LEU CA  HA   sing N N 184 
LEU C   O    doub N N 185 
LEU C   OXT  sing N N 186 
LEU CB  CG   sing N N 187 
LEU CB  HB2  sing N N 188 
LEU CB  HB3  sing N N 189 
LEU CG  CD1  sing N N 190 
LEU CG  CD2  sing N N 191 
LEU CG  HG   sing N N 192 
LEU CD1 HD11 sing N N 193 
LEU CD1 HD12 sing N N 194 
LEU CD1 HD13 sing N N 195 
LEU CD2 HD21 sing N N 196 
LEU CD2 HD22 sing N N 197 
LEU CD2 HD23 sing N N 198 
LEU OXT HXT  sing N N 199 
LYS N   CA   sing N N 200 
LYS N   H    sing N N 201 
LYS N   H2   sing N N 202 
LYS CA  C    sing N N 203 
LYS CA  CB   sing N N 204 
LYS CA  HA   sing N N 205 
LYS C   O    doub N N 206 
LYS C   OXT  sing N N 207 
LYS CB  CG   sing N N 208 
LYS CB  HB2  sing N N 209 
LYS CB  HB3  sing N N 210 
LYS CG  CD   sing N N 211 
LYS CG  HG2  sing N N 212 
LYS CG  HG3  sing N N 213 
LYS CD  CE   sing N N 214 
LYS CD  HD2  sing N N 215 
LYS CD  HD3  sing N N 216 
LYS CE  NZ   sing N N 217 
LYS CE  HE2  sing N N 218 
LYS CE  HE3  sing N N 219 
LYS NZ  HZ1  sing N N 220 
LYS NZ  HZ2  sing N N 221 
LYS NZ  HZ3  sing N N 222 
LYS OXT HXT  sing N N 223 
MET N   CA   sing N N 224 
MET N   H    sing N N 225 
MET N   H2   sing N N 226 
MET CA  C    sing N N 227 
MET CA  CB   sing N N 228 
MET CA  HA   sing N N 229 
MET C   O    doub N N 230 
MET C   OXT  sing N N 231 
MET CB  CG   sing N N 232 
MET CB  HB2  sing N N 233 
MET CB  HB3  sing N N 234 
MET CG  SD   sing N N 235 
MET CG  HG2  sing N N 236 
MET CG  HG3  sing N N 237 
MET SD  CE   sing N N 238 
MET CE  HE1  sing N N 239 
MET CE  HE2  sing N N 240 
MET CE  HE3  sing N N 241 
MET OXT HXT  sing N N 242 
PHE N   CA   sing N N 243 
PHE N   H    sing N N 244 
PHE N   H2   sing N N 245 
PHE CA  C    sing N N 246 
PHE CA  CB   sing N N 247 
PHE CA  HA   sing N N 248 
PHE C   O    doub N N 249 
PHE C   OXT  sing N N 250 
PHE CB  CG   sing N N 251 
PHE CB  HB2  sing N N 252 
PHE CB  HB3  sing N N 253 
PHE CG  CD1  doub Y N 254 
PHE CG  CD2  sing Y N 255 
PHE CD1 CE1  sing Y N 256 
PHE CD1 HD1  sing N N 257 
PHE CD2 CE2  doub Y N 258 
PHE CD2 HD2  sing N N 259 
PHE CE1 CZ   doub Y N 260 
PHE CE1 HE1  sing N N 261 
PHE CE2 CZ   sing Y N 262 
PHE CE2 HE2  sing N N 263 
PHE CZ  HZ   sing N N 264 
PHE OXT HXT  sing N N 265 
PRO N   CA   sing N N 266 
PRO N   CD   sing N N 267 
PRO N   H    sing N N 268 
PRO CA  C    sing N N 269 
PRO CA  CB   sing N N 270 
PRO CA  HA   sing N N 271 
PRO C   O    doub N N 272 
PRO C   OXT  sing N N 273 
PRO CB  CG   sing N N 274 
PRO CB  HB2  sing N N 275 
PRO CB  HB3  sing N N 276 
PRO CG  CD   sing N N 277 
PRO CG  HG2  sing N N 278 
PRO CG  HG3  sing N N 279 
PRO CD  HD2  sing N N 280 
PRO CD  HD3  sing N N 281 
PRO OXT HXT  sing N N 282 
QPB OAG CAB  sing N N 283 
QPB CAB CAF  doub Y N 284 
QPB CAB CAA  sing Y N 285 
QPB CAF CAE  sing Y N 286 
QPB CAA CAC  doub Y N 287 
QPB CAE CAD  doub Y N 288 
QPB CAC CAD  sing Y N 289 
QPB CAD CAH  sing N N 290 
QPB CAN OAM  sing N N 291 
QPB OAM CAK  sing N N 292 
QPB CAH CAI  doub N Z 293 
QPB CAK CAI  sing N N 294 
QPB CAK OAL  doub N N 295 
QPB CAI CAJ  sing N N 296 
QPB CAN H1   sing N N 297 
QPB CAN H2   sing N N 298 
QPB CAN H3   sing N N 299 
QPB CAJ H4   sing N N 300 
QPB CAJ H5   sing N N 301 
QPB CAJ H6   sing N N 302 
QPB CAH H7   sing N N 303 
QPB CAC H8   sing N N 304 
QPB CAA H9   sing N N 305 
QPB OAG H10  sing N N 306 
QPB CAF H11  sing N N 307 
QPB CAE H12  sing N N 308 
SER N   CA   sing N N 309 
SER N   H    sing N N 310 
SER N   H2   sing N N 311 
SER CA  C    sing N N 312 
SER CA  CB   sing N N 313 
SER CA  HA   sing N N 314 
SER C   O    doub N N 315 
SER C   OXT  sing N N 316 
SER CB  OG   sing N N 317 
SER CB  HB2  sing N N 318 
SER CB  HB3  sing N N 319 
SER OG  HG   sing N N 320 
SER OXT HXT  sing N N 321 
THR N   CA   sing N N 322 
THR N   H    sing N N 323 
THR N   H2   sing N N 324 
THR CA  C    sing N N 325 
THR CA  CB   sing N N 326 
THR CA  HA   sing N N 327 
THR C   O    doub N N 328 
THR C   OXT  sing N N 329 
THR CB  OG1  sing N N 330 
THR CB  CG2  sing N N 331 
THR CB  HB   sing N N 332 
THR OG1 HG1  sing N N 333 
THR CG2 HG21 sing N N 334 
THR CG2 HG22 sing N N 335 
THR CG2 HG23 sing N N 336 
THR OXT HXT  sing N N 337 
TRP N   CA   sing N N 338 
TRP N   H    sing N N 339 
TRP N   H2   sing N N 340 
TRP CA  C    sing N N 341 
TRP CA  CB   sing N N 342 
TRP CA  HA   sing N N 343 
TRP C   O    doub N N 344 
TRP C   OXT  sing N N 345 
TRP CB  CG   sing N N 346 
TRP CB  HB2  sing N N 347 
TRP CB  HB3  sing N N 348 
TRP CG  CD1  doub Y N 349 
TRP CG  CD2  sing Y N 350 
TRP CD1 NE1  sing Y N 351 
TRP CD1 HD1  sing N N 352 
TRP CD2 CE2  doub Y N 353 
TRP CD2 CE3  sing Y N 354 
TRP NE1 CE2  sing Y N 355 
TRP NE1 HE1  sing N N 356 
TRP CE2 CZ2  sing Y N 357 
TRP CE3 CZ3  doub Y N 358 
TRP CE3 HE3  sing N N 359 
TRP CZ2 CH2  doub Y N 360 
TRP CZ2 HZ2  sing N N 361 
TRP CZ3 CH2  sing Y N 362 
TRP CZ3 HZ3  sing N N 363 
TRP CH2 HH2  sing N N 364 
TRP OXT HXT  sing N N 365 
TYR N   CA   sing N N 366 
TYR N   H    sing N N 367 
TYR N   H2   sing N N 368 
TYR CA  C    sing N N 369 
TYR CA  CB   sing N N 370 
TYR CA  HA   sing N N 371 
TYR C   O    doub N N 372 
TYR C   OXT  sing N N 373 
TYR CB  CG   sing N N 374 
TYR CB  HB2  sing N N 375 
TYR CB  HB3  sing N N 376 
TYR CG  CD1  doub Y N 377 
TYR CG  CD2  sing Y N 378 
TYR CD1 CE1  sing Y N 379 
TYR CD1 HD1  sing N N 380 
TYR CD2 CE2  doub Y N 381 
TYR CD2 HD2  sing N N 382 
TYR CE1 CZ   doub Y N 383 
TYR CE1 HE1  sing N N 384 
TYR CE2 CZ   sing Y N 385 
TYR CE2 HE2  sing N N 386 
TYR CZ  OH   sing N N 387 
TYR OH  HH   sing N N 388 
TYR OXT HXT  sing N N 389 
VAL N   CA   sing N N 390 
VAL N   H    sing N N 391 
VAL N   H2   sing N N 392 
VAL CA  C    sing N N 393 
VAL CA  CB   sing N N 394 
VAL CA  HA   sing N N 395 
VAL C   O    doub N N 396 
VAL C   OXT  sing N N 397 
VAL CB  CG1  sing N N 398 
VAL CB  CG2  sing N N 399 
VAL CB  HB   sing N N 400 
VAL CG1 HG11 sing N N 401 
VAL CG1 HG12 sing N N 402 
VAL CG1 HG13 sing N N 403 
VAL CG2 HG21 sing N N 404 
VAL CG2 HG22 sing N N 405 
VAL CG2 HG23 sing N N 406 
VAL OXT HXT  sing N N 407 
# 
_pdbx_initial_refinement_model.id               1 
_pdbx_initial_refinement_model.entity_id_list   ? 
_pdbx_initial_refinement_model.type             'experimental model' 
_pdbx_initial_refinement_model.source_name      PDB 
_pdbx_initial_refinement_model.accession_code   4YFP 
_pdbx_initial_refinement_model.details          ? 
# 
_atom_sites.entry_id                    6ZSW 
_atom_sites.Cartn_transf_matrix[1][1]   ? 
_atom_sites.Cartn_transf_matrix[1][2]   ? 
_atom_sites.Cartn_transf_matrix[1][3]   ? 
_atom_sites.Cartn_transf_matrix[2][1]   ? 
_atom_sites.Cartn_transf_matrix[2][2]   ? 
_atom_sites.Cartn_transf_matrix[2][3]   ? 
_atom_sites.Cartn_transf_matrix[3][1]   ? 
_atom_sites.Cartn_transf_matrix[3][2]   ? 
_atom_sites.Cartn_transf_matrix[3][3]   ? 
_atom_sites.Cartn_transf_vector[1]      ? 
_atom_sites.Cartn_transf_vector[2]      ? 
_atom_sites.Cartn_transf_vector[3]      ? 
_atom_sites.fract_transf_matrix[1][1]   -0.00104288 
_atom_sites.fract_transf_matrix[1][2]   -0.00420746 
_atom_sites.fract_transf_matrix[1][3]   0.01936300 
_atom_sites.fract_transf_matrix[2][1]   -0.01514325 
_atom_sites.fract_transf_matrix[2][2]   0.00685016 
_atom_sites.fract_transf_matrix[2][3]   0.01083983 
_atom_sites.fract_transf_matrix[3][1]   -0.00511248 
_atom_sites.fract_transf_matrix[3][2]   -0.00808582 
_atom_sites.fract_transf_matrix[3][3]   -0.00203235 
_atom_sites.fract_transf_vector[1]      -0.476772 
_atom_sites.fract_transf_vector[2]      0.273958 
_atom_sites.fract_transf_vector[3]      0.116380 
_atom_sites.solution_primary            ? 
_atom_sites.solution_secondary          ? 
_atom_sites.solution_hydrogens          ? 
_atom_sites.special_details             ? 
# 
loop_
_atom_type.symbol 
C 
N 
O 
S 
# 
loop_
_atom_site.group_PDB 
_atom_site.id 
_atom_site.type_symbol 
_atom_site.label_atom_id 
_atom_site.label_alt_id 
_atom_site.label_comp_id 
_atom_site.label_asym_id 
_atom_site.label_entity_id 
_atom_site.label_seq_id 
_atom_site.pdbx_PDB_ins_code 
_atom_site.Cartn_x 
_atom_site.Cartn_y 
_atom_site.Cartn_z 
_atom_site.occupancy 
_atom_site.B_iso_or_equiv 
_atom_site.pdbx_formal_charge 
_atom_site.auth_seq_id 
_atom_site.auth_comp_id 
_atom_site.auth_asym_id 
_atom_site.auth_atom_id 
_atom_site.pdbx_PDB_model_num 
ATOM   1    N N   . MET A 1 4   ? -9.682  -17.749 12.082  1.00 77.18 ? 0   MET A N   1 
ATOM   2    C CA  . MET A 1 4   ? -8.303  -17.737 12.661  1.00 81.80 ? 0   MET A CA  1 
ATOM   3    C C   . MET A 1 4   ? -7.561  -16.488 12.184  1.00 77.41 ? 0   MET A C   1 
ATOM   4    O O   . MET A 1 4   ? -7.726  -16.071 11.036  1.00 68.53 ? 0   MET A O   1 
ATOM   5    C CB  . MET A 1 4   ? -7.521  -18.984 12.239  1.00 73.42 ? 0   MET A CB  1 
ATOM   6    C CG  . MET A 1 4   ? -7.700  -20.137 13.213  1.00 83.62 ? 0   MET A CG  1 
ATOM   7    S SD  . MET A 1 4   ? -6.935  -21.689 12.651  1.00 83.11 ? 0   MET A SD  1 
ATOM   8    C CE  . MET A 1 4   ? -5.419  -21.686 13.614  1.00 59.71 ? 0   MET A CE  1 
ATOM   9    N N   . PRO A 1 5   ? -6.732  -15.850 13.043  1.00 87.95 ? 1   PRO A N   1 
ATOM   10   C CA  . PRO A 1 5   ? -6.041  -14.606 12.679  1.00 84.12 ? 1   PRO A CA  1 
ATOM   11   C C   . PRO A 1 5   ? -5.115  -14.657 11.454  1.00 77.39 ? 1   PRO A C   1 
ATOM   12   O O   . PRO A 1 5   ? -4.219  -15.493 11.356  1.00 77.06 ? 1   PRO A O   1 
ATOM   13   C CB  . PRO A 1 5   ? -5.269  -14.232 13.953  1.00 80.79 ? 1   PRO A CB  1 
ATOM   14   C CG  . PRO A 1 5   ? -5.150  -15.540 14.711  1.00 81.82 ? 1   PRO A CG  1 
ATOM   15   C CD  . PRO A 1 5   ? -6.455  -16.257 14.432  1.00 85.85 ? 1   PRO A CD  1 
ATOM   16   N N   . ASN A 1 6   ? -5.351  -13.726 10.523  1.00 64.14 ? 2   ASN A N   1 
ATOM   17   C CA  . ASN A 1 6   ? -4.523  -13.510 9.355   1.00 66.71 ? 2   ASN A CA  1 
ATOM   18   C C   . ASN A 1 6   ? -4.508  -12.004 9.073   1.00 61.80 ? 2   ASN A C   1 
ATOM   19   O O   . ASN A 1 6   ? -4.626  -11.206 9.995   1.00 59.42 ? 2   ASN A O   1 
ATOM   20   C CB  . ASN A 1 6   ? -4.968  -14.436 8.217   1.00 61.82 ? 2   ASN A CB  1 
ATOM   21   C CG  . ASN A 1 6   ? -6.411  -14.226 7.808   1.00 66.07 ? 2   ASN A CG  1 
ATOM   22   O OD1 . ASN A 1 6   ? -7.020  -13.196 8.117   1.00 63.77 ? 2   ASN A OD1 1 
ATOM   23   N ND2 . ASN A 1 6   ? -6.958  -15.178 7.072   1.00 58.03 ? 2   ASN A ND2 1 
ATOM   24   N N   . PHE A 1 7   ? -4.384  -11.606 7.802   1.00 61.38 ? 3   PHE A N   1 
ATOM   25   C CA  . PHE A 1 7   ? -4.277  -10.191 7.503   1.00 55.79 ? 3   PHE A CA  1 
ATOM   26   C C   . PHE A 1 7   ? -5.625  -9.514  7.738   1.00 55.83 ? 3   PHE A C   1 
ATOM   27   O O   . PHE A 1 7   ? -5.668  -8.309  7.953   1.00 60.49 ? 3   PHE A O   1 
ATOM   28   C CB  . PHE A 1 7   ? -3.820  -9.972  6.069   1.00 50.24 ? 3   PHE A CB  1 
ATOM   29   C CG  . PHE A 1 7   ? -2.355  -10.138 5.809   1.00 54.84 ? 3   PHE A CG  1 
ATOM   30   C CD1 . PHE A 1 7   ? -1.827  -11.393 5.494   1.00 53.38 ? 3   PHE A CD1 1 
ATOM   31   C CD2 . PHE A 1 7   ? -1.506  -9.026  5.816   1.00 50.33 ? 3   PHE A CD2 1 
ATOM   32   C CE1 . PHE A 1 7   ? -0.480  -11.538 5.174   1.00 49.68 ? 3   PHE A CE1 1 
ATOM   33   C CE2 . PHE A 1 7   ? -0.150  -9.184  5.539   1.00 47.45 ? 3   PHE A CE2 1 
ATOM   34   C CZ  . PHE A 1 7   ? 0.344   -10.427 5.173   1.00 46.11 ? 3   PHE A CZ  1 
ATOM   35   N N   . SER A 1 8   ? -6.706  -10.307 7.728   1.00 55.67 ? 4   SER A N   1 
ATOM   36   C CA  . SER A 1 8   ? -8.083  -9.860  7.895   1.00 58.26 ? 4   SER A CA  1 
ATOM   37   C C   . SER A 1 8   ? -8.205  -8.910  9.083   1.00 63.02 ? 4   SER A C   1 
ATOM   38   O O   . SER A 1 8   ? -7.722  -9.205  10.164  1.00 53.44 ? 4   SER A O   1 
ATOM   39   C CB  . SER A 1 8   ? -9.009  -11.048 8.081   1.00 55.61 ? 4   SER A CB  1 
ATOM   40   O OG  . SER A 1 8   ? -9.260  -11.631 6.814   1.00 60.14 ? 4   SER A OG  1 
ATOM   41   N N   . GLY A 1 9   ? -8.833  -7.753  8.876   1.00 55.25 ? 5   GLY A N   1 
ATOM   42   C CA  . GLY A 1 9   ? -9.147  -6.924  10.027  1.00 63.09 ? 5   GLY A CA  1 
ATOM   43   C C   . GLY A 1 9   ? -9.304  -5.453  9.661   1.00 60.33 ? 5   GLY A C   1 
ATOM   44   O O   . GLY A 1 9   ? -9.296  -5.088  8.488   1.00 51.71 ? 5   GLY A O   1 
ATOM   45   N N   . ASN A 1 10  ? -9.402  -4.639  10.714  1.00 55.38 ? 6   ASN A N   1 
ATOM   46   C CA  . ASN A 1 10  ? -9.562  -3.209  10.604  1.00 55.75 ? 6   ASN A CA  1 
ATOM   47   C C   . ASN A 1 10  ? -8.311  -2.642  11.221  1.00 59.32 ? 6   ASN A C   1 
ATOM   48   O O   . ASN A 1 10  ? -8.047  -2.922  12.379  1.00 62.53 ? 6   ASN A O   1 
ATOM   49   C CB  . ASN A 1 10  ? -10.809 -2.732  11.358  1.00 56.70 ? 6   ASN A CB  1 
ATOM   50   C CG  . ASN A 1 10  ? -12.068 -3.167  10.643  1.00 60.16 ? 6   ASN A CG  1 
ATOM   51   O OD1 . ASN A 1 10  ? -12.342 -2.746  9.526   1.00 65.98 ? 6   ASN A OD1 1 
ATOM   52   N ND2 . ASN A 1 10  ? -12.825 -4.042  11.268  1.00 73.19 ? 6   ASN A ND2 1 
ATOM   53   N N   . TRP A 1 11  ? -7.541  -1.909  10.413  1.00 51.52 ? 7   TRP A N   1 
ATOM   54   C CA  . TRP A 1 11  ? -6.227  -1.454  10.827  1.00 49.63 ? 7   TRP A CA  1 
ATOM   55   C C   . TRP A 1 11  ? -6.209  0.068   10.826  1.00 51.74 ? 7   TRP A C   1 
ATOM   56   O O   . TRP A 1 11  ? -6.859  0.677   9.976   1.00 56.76 ? 7   TRP A O   1 
ATOM   57   C CB  . TRP A 1 11  ? -5.214  -2.010  9.822   1.00 49.63 ? 7   TRP A CB  1 
ATOM   58   C CG  . TRP A 1 11  ? -5.146  -3.519  9.784   1.00 53.99 ? 7   TRP A CG  1 
ATOM   59   C CD1 . TRP A 1 11  ? -5.791  -4.391  8.943   1.00 56.79 ? 7   TRP A CD1 1 
ATOM   60   C CD2 . TRP A 1 11  ? -4.300  -4.333  10.616  1.00 50.16 ? 7   TRP A CD2 1 
ATOM   61   N NE1 . TRP A 1 11  ? -5.390  -5.687  9.190   1.00 49.39 ? 7   TRP A NE1 1 
ATOM   62   C CE2 . TRP A 1 11  ? -4.481  -5.677  10.219  1.00 56.19 ? 7   TRP A CE2 1 
ATOM   63   C CE3 . TRP A 1 11  ? -3.398  -4.043  11.645  1.00 54.16 ? 7   TRP A CE3 1 
ATOM   64   C CZ2 . TRP A 1 11  ? -3.777  -6.722  10.830  1.00 54.93 ? 7   TRP A CZ2 1 
ATOM   65   C CZ3 . TRP A 1 11  ? -2.711  -5.079  12.256  1.00 51.45 ? 7   TRP A CZ3 1 
ATOM   66   C CH2 . TRP A 1 11  ? -2.887  -6.394  11.836  1.00 50.23 ? 7   TRP A CH2 1 
ATOM   67   N N   . LYS A 1 12  ? -5.438  0.667   11.739  1.00 50.70 ? 8   LYS A N   1 
ATOM   68   C CA  . LYS A 1 12  ? -5.328  2.117   11.850  1.00 53.62 ? 8   LYS A CA  1 
ATOM   69   C C   . LYS A 1 12  ? -3.851  2.491   11.916  1.00 53.04 ? 8   LYS A C   1 
ATOM   70   O O   . LYS A 1 12  ? -3.078  1.839   12.619  1.00 57.23 ? 8   LYS A O   1 
ATOM   71   C CB  . LYS A 1 12  ? -6.107  2.595   13.082  1.00 54.85 ? 8   LYS A CB  1 
ATOM   72   N N   . ILE A 1 13  ? -3.439  3.526   11.153  1.00 50.84 ? 9   ILE A N   1 
ATOM   73   C CA  . ILE A 1 13  ? -2.020  3.871   11.052  1.00 52.42 ? 9   ILE A CA  1 
ATOM   74   C C   . ILE A 1 13  ? -1.495  4.433   12.373  1.00 56.50 ? 9   ILE A C   1 
ATOM   75   O O   . ILE A 1 13  ? -2.207  5.160   13.041  1.00 60.49 ? 9   ILE A O   1 
ATOM   76   C CB  . ILE A 1 13  ? -1.739  4.838   9.884   1.00 48.84 ? 9   ILE A CB  1 
ATOM   77   C CG1 . ILE A 1 13  ? -0.238  4.946   9.600   1.00 52.35 ? 9   ILE A CG1 1 
ATOM   78   C CG2 . ILE A 1 13  ? -2.414  6.202   10.111  1.00 51.00 ? 9   ILE A CG2 1 
ATOM   79   C CD1 . ILE A 1 13  ? 0.143   5.630   8.304   1.00 49.90 ? 9   ILE A CD1 1 
ATOM   80   N N   . ILE A 1 14  ? -0.230  4.153   12.717  1.00 55.99 ? 10  ILE A N   1 
ATOM   81   C CA  . ILE A 1 14  ? 0.386   4.733   13.904  1.00 60.44 ? 10  ILE A CA  1 
ATOM   82   C C   . ILE A 1 14  ? 1.717   5.390   13.541  1.00 63.02 ? 10  ILE A C   1 
ATOM   83   O O   . ILE A 1 14  ? 2.204   6.237   14.267  1.00 61.46 ? 10  ILE A O   1 
ATOM   84   C CB  . ILE A 1 14  ? 0.534   3.718   15.063  1.00 61.00 ? 10  ILE A CB  1 
ATOM   85   C CG1 . ILE A 1 14  ? 1.327   2.472   14.652  1.00 55.60 ? 10  ILE A CG1 1 
ATOM   86   C CG2 . ILE A 1 14  ? -0.836  3.340   15.612  1.00 50.79 ? 10  ILE A CG2 1 
ATOM   87   C CD1 . ILE A 1 14  ? 2.127   1.841   15.784  1.00 68.58 ? 10  ILE A CD1 1 
ATOM   88   N N   . ARG A 1 15  ? 2.300   5.056   12.393  1.00 59.06 ? 11  ARG A N   1 
ATOM   89   C CA  . ARG A 1 15  ? 3.599   5.632   12.083  1.00 62.30 ? 11  ARG A CA  1 
ATOM   90   C C   . ARG A 1 15  ? 3.775   5.640   10.570  1.00 67.24 ? 11  ARG A C   1 
ATOM   91   O O   . ARG A 1 15  ? 3.323   4.721   9.886   1.00 58.30 ? 11  ARG A O   1 
ATOM   92   C CB  . ARG A 1 15  ? 4.702   4.829   12.779  1.00 63.26 ? 11  ARG A CB  1 
ATOM   93   C CG  . ARG A 1 15  ? 6.102   5.388   12.571  1.00 78.72 ? 11  ARG A CG  1 
ATOM   94   C CD  . ARG A 1 15  ? 7.104   4.834   13.572  1.00 78.07 ? 11  ARG A CD  1 
ATOM   95   N NE  . ARG A 1 15  ? 7.178   3.383   13.762  1.00 77.32 ? 11  ARG A NE  1 
ATOM   96   C CZ  . ARG A 1 15  ? 6.549   2.677   14.709  1.00 87.25 ? 11  ARG A CZ  1 
ATOM   97   N NH1 . ARG A 1 15  ? 5.741   3.275   15.570  1.00 98.00 ? 11  ARG A NH1 1 
ATOM   98   N NH2 . ARG A 1 15  ? 6.712   1.366   14.785  1.00 83.10 ? 11  ARG A NH2 1 
ATOM   99   N N   . SER A 1 16  ? 4.453   6.673   10.069  1.00 61.61 ? 12  SER A N   1 
ATOM   100  C CA  . SER A 1 16  ? 4.574   6.903   8.642   1.00 58.22 ? 12  SER A CA  1 
ATOM   101  C C   . SER A 1 16  ? 5.894   7.596   8.369   1.00 65.16 ? 12  SER A C   1 
ATOM   102  O O   . SER A 1 16  ? 5.979   8.791   8.621   1.00 68.64 ? 12  SER A O   1 
ATOM   103  C CB  . SER A 1 16  ? 3.423   7.715   8.107   1.00 60.55 ? 12  SER A CB  1 
ATOM   104  O OG  . SER A 1 16  ? 3.491   7.808   6.678   1.00 56.27 ? 12  SER A OG  1 
ATOM   105  N N   . GLU A 1 17  ? 6.877   6.821   7.863   1.00 55.74 ? 13  GLU A N   1 
ATOM   106  C CA  . GLU A 1 17  ? 8.241   7.225   7.561   1.00 57.62 ? 13  GLU A CA  1 
ATOM   107  C C   . GLU A 1 17  ? 8.441   7.329   6.046   1.00 65.92 ? 13  GLU A C   1 
ATOM   108  O O   . GLU A 1 17  ? 8.068   6.410   5.329   1.00 60.70 ? 13  GLU A O   1 
ATOM   109  C CB  . GLU A 1 17  ? 9.159   6.231   8.269   1.00 67.04 ? 13  GLU A CB  1 
ATOM   110  C CG  . GLU A 1 17  ? 10.600  6.246   7.813   1.00 88.11 ? 13  GLU A CG  1 
ATOM   111  C CD  . GLU A 1 17  ? 11.422  5.085   8.370   1.00 98.00 ? 13  GLU A CD  1 
ATOM   112  O OE1 . GLU A 1 17  ? 11.543  4.980   9.613   1.00 98.00 ? 13  GLU A OE1 1 
ATOM   113  O OE2 . GLU A 1 17  ? 11.931  4.278   7.561   1.00 86.75 ? 13  GLU A OE2 1 
ATOM   114  N N   . ASN A 1 18  ? 8.999   8.465   5.573   1.00 51.95 ? 14  ASN A N   1 
ATOM   115  C CA  . ASN A 1 18  ? 9.419   8.758   4.201   1.00 50.86 ? 14  ASN A CA  1 
ATOM   116  C C   . ASN A 1 18  ? 8.256   8.931   3.212   1.00 49.25 ? 14  ASN A C   1 
ATOM   117  O O   . ASN A 1 18  ? 8.472   8.876   2.006   1.00 52.56 ? 14  ASN A O   1 
ATOM   118  C CB  . ASN A 1 18  ? 10.444  7.770   3.610   1.00 55.85 ? 14  ASN A CB  1 
ATOM   119  C CG  . ASN A 1 18  ? 11.754  7.686   4.369   1.00 73.25 ? 14  ASN A CG  1 
ATOM   120  O OD1 . ASN A 1 18  ? 12.206  8.688   4.910   1.00 72.02 ? 14  ASN A OD1 1 
ATOM   121  N ND2 . ASN A 1 18  ? 12.369  6.504   4.417   1.00 60.85 ? 14  ASN A ND2 1 
ATOM   122  N N   . PHE A 1 19  ? 7.041   9.232   3.684   1.00 56.38 ? 15  PHE A N   1 
ATOM   123  C CA  . PHE A 1 19  ? 5.927   9.347   2.761   1.00 49.86 ? 15  PHE A CA  1 
ATOM   124  C C   . PHE A 1 19  ? 6.129   10.553  1.856   1.00 57.58 ? 15  PHE A C   1 
ATOM   125  O O   . PHE A 1 19  ? 5.970   10.510  0.640   1.00 49.71 ? 15  PHE A O   1 
ATOM   126  C CB  . PHE A 1 19  ? 4.614   9.401   3.545   1.00 54.83 ? 15  PHE A CB  1 
ATOM   127  C CG  . PHE A 1 19  ? 3.389   9.417   2.669   1.00 56.54 ? 15  PHE A CG  1 
ATOM   128  C CD1 . PHE A 1 19  ? 3.147   8.383   1.764   1.00 63.26 ? 15  PHE A CD1 1 
ATOM   129  C CD2 . PHE A 1 19  ? 2.456   10.432  2.764   1.00 62.85 ? 15  PHE A CD2 1 
ATOM   130  C CE1 . PHE A 1 19  ? 2.022   8.392   0.949   1.00 63.62 ? 15  PHE A CE1 1 
ATOM   131  C CE2 . PHE A 1 19  ? 1.336   10.448  1.937   1.00 72.83 ? 15  PHE A CE2 1 
ATOM   132  C CZ  . PHE A 1 19  ? 1.118   9.425   1.036   1.00 69.54 ? 15  PHE A CZ  1 
ATOM   133  N N   . GLU A 1 20  ? 6.600   11.651  2.446   1.00 50.92 ? 16  GLU A N   1 
ATOM   134  C CA  . GLU A 1 20  ? 6.723   12.842  1.635   1.00 48.83 ? 16  GLU A CA  1 
ATOM   135  C C   . GLU A 1 20  ? 7.786   12.645  0.563   1.00 47.48 ? 16  GLU A C   1 
ATOM   136  O O   . GLU A 1 20  ? 7.659   13.149  -0.561  1.00 52.95 ? 16  GLU A O   1 
ATOM   137  C CB  . GLU A 1 20  ? 7.122   14.000  2.568   1.00 53.37 ? 16  GLU A CB  1 
ATOM   138  C CG  . GLU A 1 20  ? 7.469   15.243  1.823   1.00 56.11 ? 16  GLU A CG  1 
ATOM   139  C CD  . GLU A 1 20  ? 7.511   16.492  2.711   1.00 72.06 ? 16  GLU A CD  1 
ATOM   140  O OE1 . GLU A 1 20  ? 7.612   16.365  3.972   1.00 67.45 ? 16  GLU A OE1 1 
ATOM   141  O OE2 . GLU A 1 20  ? 7.424   17.590  2.136   1.00 62.70 ? 16  GLU A OE2 1 
ATOM   142  N N   . GLU A 1 21  ? 8.902   12.014  0.961   1.00 51.67 ? 17  GLU A N   1 
ATOM   143  C CA  . GLU A 1 21  ? 10.001  11.819  0.022   1.00 52.36 ? 17  GLU A CA  1 
ATOM   144  C C   . GLU A 1 21  ? 9.501   10.968  -1.170  1.00 53.30 ? 17  GLU A C   1 
ATOM   145  O O   . GLU A 1 21  ? 9.859   11.212  -2.325  1.00 52.57 ? 17  GLU A O   1 
ATOM   146  C CB  . GLU A 1 21  ? 11.183  11.172  0.764   1.00 60.11 ? 17  GLU A CB  1 
ATOM   147  C CG  . GLU A 1 21  ? 11.857  12.026  1.857   1.00 64.16 ? 17  GLU A CG  1 
ATOM   148  C CD  . GLU A 1 21  ? 11.220  12.211  3.239   1.00 78.18 ? 17  GLU A CD  1 
ATOM   149  O OE1 . GLU A 1 21  ? 9.973   11.966  3.419   1.00 62.15 ? 17  GLU A OE1 1 
ATOM   150  O OE2 . GLU A 1 21  ? 11.981  12.615  4.166   1.00 85.12 ? 17  GLU A OE2 1 
ATOM   151  N N   . LEU A 1 22  ? 8.660   9.954   -0.900  1.00 59.19 ? 18  LEU A N   1 
ATOM   152  C CA  . LEU A 1 22  ? 8.122   9.063   -1.945  1.00 53.00 ? 18  LEU A CA  1 
ATOM   153  C C   . LEU A 1 22  ? 7.320   9.905   -2.936  1.00 51.37 ? 18  LEU A C   1 
ATOM   154  O O   . LEU A 1 22  ? 7.463   9.794   -4.142  1.00 55.84 ? 18  LEU A O   1 
ATOM   155  C CB  . LEU A 1 22  ? 7.212   8.038   -1.240  1.00 50.67 ? 18  LEU A CB  1 
ATOM   156  C CG  . LEU A 1 22  ? 6.411   7.114   -2.176  1.00 62.10 ? 18  LEU A CG  1 
ATOM   157  C CD1 . LEU A 1 22  ? 7.289   6.009   -2.711  1.00 54.40 ? 18  LEU A CD1 1 
ATOM   158  C CD2 . LEU A 1 22  ? 5.205   6.487   -1.475  1.00 55.08 ? 18  LEU A CD2 1 
ATOM   159  N N   . LEU A 1 23  ? 6.479   10.816  -2.420  1.00 55.05 ? 19  LEU A N   1 
ATOM   160  C CA  . LEU A 1 23  ? 5.635   11.614  -3.293  1.00 52.49 ? 19  LEU A CA  1 
ATOM   161  C C   . LEU A 1 23  ? 6.500   12.546  -4.115  1.00 61.41 ? 19  LEU A C   1 
ATOM   162  O O   . LEU A 1 23  ? 6.179   12.879  -5.268  1.00 56.98 ? 19  LEU A O   1 
ATOM   163  C CB  . LEU A 1 23  ? 4.626   12.415  -2.467  1.00 54.87 ? 19  LEU A CB  1 
ATOM   164  C CG  . LEU A 1 23  ? 3.624   11.548  -1.703  1.00 66.16 ? 19  LEU A CG  1 
ATOM   165  C CD1 . LEU A 1 23  ? 2.855   12.387  -0.706  1.00 71.96 ? 19  LEU A CD1 1 
ATOM   166  C CD2 . LEU A 1 23  ? 2.644   10.868  -2.668  1.00 58.20 ? 19  LEU A CD2 1 
ATOM   167  N N   . LYS A 1 24  ? 7.593   12.991  -3.495  1.00 57.95 ? 20  LYS A N   1 
ATOM   168  C CA  . LYS A 1 24  ? 8.463   13.862  -4.257  1.00 61.65 ? 20  LYS A CA  1 
ATOM   169  C C   . LYS A 1 24  ? 8.941   13.112  -5.501  1.00 61.23 ? 20  LYS A C   1 
ATOM   170  O O   . LYS A 1 24  ? 8.931   13.683  -6.589  1.00 59.62 ? 20  LYS A O   1 
ATOM   171  C CB  . LYS A 1 24  ? 9.616   14.351  -3.384  1.00 61.31 ? 20  LYS A CB  1 
ATOM   172  C CG  . LYS A 1 24  ? 10.407  15.480  -4.007  1.00 57.12 ? 20  LYS A CG  1 
ATOM   173  C CD  . LYS A 1 24  ? 11.417  16.035  -2.996  1.00 59.98 ? 20  LYS A CD  1 
ATOM   174  C CE  . LYS A 1 24  ? 12.123  17.275  -3.516  1.00 63.87 ? 20  LYS A CE  1 
ATOM   175  N NZ  . LYS A 1 24  ? 13.268  17.641  -2.641  1.00 62.13 ? 20  LYS A NZ  1 
ATOM   176  N N   . VAL A 1 25  ? 9.336   11.835  -5.338  1.00 59.01 ? 21  VAL A N   1 
ATOM   177  C CA  . VAL A 1 25  ? 9.921   11.019  -6.407  1.00 59.80 ? 21  VAL A CA  1 
ATOM   178  C C   . VAL A 1 25  ? 8.892   10.814  -7.515  1.00 60.94 ? 21  VAL A C   1 
ATOM   179  O O   . VAL A 1 25  ? 9.215   10.670  -8.685  1.00 66.19 ? 21  VAL A O   1 
ATOM   180  C CB  . VAL A 1 25  ? 10.426  9.664   -5.868  1.00 61.87 ? 21  VAL A CB  1 
ATOM   181  C CG1 . VAL A 1 25  ? 10.549  8.616   -6.962  1.00 67.54 ? 21  VAL A CG1 1 
ATOM   182  C CG2 . VAL A 1 25  ? 11.755  9.812   -5.160  1.00 60.88 ? 21  VAL A CG2 1 
ATOM   183  N N   . LEU A 1 26  ? 7.629   10.799  -7.114  1.00 67.24 ? 22  LEU A N   1 
ATOM   184  C CA  . LEU A 1 26  ? 6.512   10.658  -8.015  1.00 60.13 ? 22  LEU A CA  1 
ATOM   185  C C   . LEU A 1 26  ? 6.091   12.021  -8.583  1.00 66.23 ? 22  LEU A C   1 
ATOM   186  O O   . LEU A 1 26  ? 5.056   12.130  -9.225  1.00 70.59 ? 22  LEU A O   1 
ATOM   187  C CB  . LEU A 1 26  ? 5.395   10.000  -7.190  1.00 59.52 ? 22  LEU A CB  1 
ATOM   188  C CG  . LEU A 1 26  ? 5.735   8.581   -6.722  1.00 66.10 ? 22  LEU A CG  1 
ATOM   189  C CD1 . LEU A 1 26  ? 4.718   8.013   -5.742  1.00 70.08 ? 22  LEU A CD1 1 
ATOM   190  C CD2 . LEU A 1 26  ? 5.884   7.656   -7.913  1.00 76.58 ? 22  LEU A CD2 1 
ATOM   191  N N   . GLY A 1 27  ? 6.863   13.084  -8.331  1.00 65.75 ? 23  GLY A N   1 
ATOM   192  C CA  . GLY A 1 27  ? 6.609   14.367  -8.993  1.00 56.75 ? 23  GLY A CA  1 
ATOM   193  C C   . GLY A 1 27  ? 5.431   15.180  -8.421  1.00 58.99 ? 23  GLY A C   1 
ATOM   194  O O   . GLY A 1 27  ? 4.965   16.096  -9.071  1.00 73.11 ? 23  GLY A O   1 
ATOM   195  N N   . VAL A 1 28  ? 4.938   14.880  -7.210  1.00 57.05 ? 24  VAL A N   1 
ATOM   196  C CA  . VAL A 1 28  ? 3.902   15.705  -6.591  1.00 59.79 ? 24  VAL A CA  1 
ATOM   197  C C   . VAL A 1 28  ? 4.525   16.985  -6.031  1.00 57.67 ? 24  VAL A C   1 
ATOM   198  O O   . VAL A 1 28  ? 5.528   16.901  -5.303  1.00 65.48 ? 24  VAL A O   1 
ATOM   199  C CB  . VAL A 1 28  ? 3.258   14.940  -5.426  1.00 60.38 ? 24  VAL A CB  1 
ATOM   200  C CG1 . VAL A 1 28  ? 2.166   15.748  -4.750  1.00 62.17 ? 24  VAL A CG1 1 
ATOM   201  C CG2 . VAL A 1 28  ? 2.759   13.568  -5.842  1.00 59.40 ? 24  VAL A CG2 1 
ATOM   202  N N   . ASN A 1 29  ? 3.883   18.142  -6.278  1.00 55.05 ? 25  ASN A N   1 
ATOM   203  C CA  . ASN A 1 29  ? 4.324   19.455  -5.795  1.00 67.54 ? 25  ASN A CA  1 
ATOM   204  C C   . ASN A 1 29  ? 4.259   19.571  -4.256  1.00 61.82 ? 25  ASN A C   1 
ATOM   205  O O   . ASN A 1 29  ? 3.503   18.860  -3.573  1.00 56.50 ? 25  ASN A O   1 
ATOM   206  C CB  . ASN A 1 29  ? 3.672   20.620  -6.566  1.00 69.72 ? 25  ASN A CB  1 
ATOM   207  C CG  . ASN A 1 29  ? 2.589   21.352  -5.786  1.00 98.00 ? 25  ASN A CG  1 
ATOM   208  O OD1 . ASN A 1 29  ? 1.564   20.779  -5.406  1.00 83.46 ? 25  ASN A OD1 1 
ATOM   209  N ND2 . ASN A 1 29  ? 2.815   22.631  -5.515  1.00 98.00 ? 25  ASN A ND2 1 
ATOM   210  N N   . VAL A 1 30  ? 5.043   20.514  -3.708  1.00 60.88 ? 26  VAL A N   1 
ATOM   211  C CA  . VAL A 1 30  ? 5.302   20.566  -2.273  1.00 53.27 ? 26  VAL A CA  1 
ATOM   212  C C   . VAL A 1 30  ? 3.986   20.754  -1.521  1.00 55.87 ? 26  VAL A C   1 
ATOM   213  O O   . VAL A 1 30  ? 3.739   20.088  -0.510  1.00 57.10 ? 26  VAL A O   1 
ATOM   214  C CB  . VAL A 1 30  ? 6.345   21.642  -1.912  1.00 61.85 ? 26  VAL A CB  1 
ATOM   215  C CG1 . VAL A 1 30  ? 6.010   22.977  -2.554  1.00 55.73 ? 26  VAL A CG1 1 
ATOM   216  C CG2 . VAL A 1 30  ? 6.459   21.808  -0.389  1.00 52.65 ? 26  VAL A CG2 1 
ATOM   217  N N   . MET A 1 31  ? 3.118   21.640  -2.034  1.00 53.05 ? 27  MET A N   1 
ATOM   218  C CA  . MET A 1 31  ? 1.918   21.997  -1.292  1.00 61.90 ? 27  MET A CA  1 
ATOM   219  C C   . MET A 1 31  ? 0.980   20.789  -1.210  1.00 56.56 ? 27  MET A C   1 
ATOM   220  O O   . MET A 1 31  ? 0.430   20.480  -0.155  1.00 61.13 ? 27  MET A O   1 
ATOM   221  C CB  . MET A 1 31  ? 1.223   23.240  -1.881  1.00 67.01 ? 27  MET A CB  1 
ATOM   222  C CG  . MET A 1 31  ? 0.032   23.688  -1.040  1.00 89.11 ? 27  MET A CG  1 
ATOM   223  S SD  . MET A 1 31  ? -1.431  24.385  -1.891  1.00 98.00 ? 27  MET A SD  1 
ATOM   224  C CE  . MET A 1 31  ? -2.241  22.919  -2.555  1.00 80.61 ? 27  MET A CE  1 
ATOM   225  N N   . LEU A 1 32  ? 0.865   20.036  -2.310  1.00 57.90 ? 28  LEU A N   1 
ATOM   226  C CA  . LEU A 1 32  ? 0.051   18.835  -2.297  1.00 60.55 ? 28  LEU A CA  1 
ATOM   227  C C   . LEU A 1 32  ? 0.698   17.730  -1.455  1.00 59.24 ? 28  LEU A C   1 
ATOM   228  O O   . LEU A 1 32  ? 0.003   16.930  -0.815  1.00 53.25 ? 28  LEU A O   1 
ATOM   229  C CB  . LEU A 1 32  ? -0.178  18.378  -3.740  1.00 61.60 ? 28  LEU A CB  1 
ATOM   230  C CG  . LEU A 1 32  ? -1.104  19.257  -4.585  1.00 65.72 ? 28  LEU A CG  1 
ATOM   231  C CD1 . LEU A 1 32  ? -1.139  18.741  -6.017  1.00 79.45 ? 28  LEU A CD1 1 
ATOM   232  C CD2 . LEU A 1 32  ? -2.503  19.266  -4.015  1.00 66.79 ? 28  LEU A CD2 1 
ATOM   233  N N   . ARG A 1 33  ? 2.031   17.678  -1.431  1.00 51.39 ? 29  ARG A N   1 
ATOM   234  C CA  . ARG A 1 33  ? 2.679   16.700  -0.558  1.00 58.15 ? 29  ARG A CA  1 
ATOM   235  C C   . ARG A 1 33  ? 2.319   16.950  0.894   1.00 53.04 ? 29  ARG A C   1 
ATOM   236  O O   . ARG A 1 33  ? 2.139   16.000  1.638   1.00 50.17 ? 29  ARG A O   1 
ATOM   237  C CB  . ARG A 1 33  ? 4.208   16.747  -0.629  1.00 52.55 ? 29  ARG A CB  1 
ATOM   238  C CG  . ARG A 1 33  ? 4.744   16.461  -2.010  1.00 54.72 ? 29  ARG A CG  1 
ATOM   239  C CD  . ARG A 1 33  ? 6.189   16.061  -1.943  1.00 60.09 ? 29  ARG A CD  1 
ATOM   240  N NE  . ARG A 1 33  ? 7.168   17.070  -1.572  1.00 59.55 ? 29  ARG A NE  1 
ATOM   241  C CZ  . ARG A 1 33  ? 7.746   17.957  -2.386  1.00 61.36 ? 29  ARG A CZ  1 
ATOM   242  N NH1 . ARG A 1 33  ? 7.407   18.060  -3.658  1.00 55.97 ? 29  ARG A NH1 1 
ATOM   243  N NH2 . ARG A 1 33  ? 8.666   18.769  -1.901  1.00 54.17 ? 29  ARG A NH2 1 
ATOM   244  N N   . LYS A 1 34  ? 2.335   18.226  1.319   1.00 51.84 ? 30  LYS A N   1 
ATOM   245  C CA  . LYS A 1 34  ? 2.137   18.532  2.733   1.00 52.67 ? 30  LYS A CA  1 
ATOM   246  C C   . LYS A 1 34  ? 0.713   18.176  3.142   1.00 53.43 ? 30  LYS A C   1 
ATOM   247  O O   . LYS A 1 34  ? 0.471   17.700  4.250   1.00 49.47 ? 30  LYS A O   1 
ATOM   248  C CB  . LYS A 1 34  ? 2.424   20.014  3.045   1.00 47.97 ? 30  LYS A CB  1 
ATOM   249  C CG  . LYS A 1 34  ? 3.875   20.427  2.796   1.00 47.54 ? 30  LYS A CG  1 
ATOM   250  C CD  . LYS A 1 34  ? 4.954   19.566  3.482   1.00 49.17 ? 30  LYS A CD  1 
ATOM   251  C CE  . LYS A 1 34  ? 6.315   20.258  3.391   1.00 50.32 ? 30  LYS A CE  1 
ATOM   252  N NZ  . LYS A 1 34  ? 7.379   19.495  4.092   1.00 50.66 ? 30  LYS A NZ  1 
ATOM   253  N N   . ILE A 1 35  ? -0.222  18.402  2.214   1.00 55.92 ? 31  ILE A N   1 
ATOM   254  C CA  . ILE A 1 35  ? -1.631  18.103  2.446   1.00 55.57 ? 31  ILE A CA  1 
ATOM   255  C C   . ILE A 1 35  ? -1.793  16.582  2.497   1.00 51.57 ? 31  ILE A C   1 
ATOM   256  O O   . ILE A 1 35  ? -2.537  16.046  3.317   1.00 55.86 ? 31  ILE A O   1 
ATOM   257  C CB  . ILE A 1 35  ? -2.431  18.794  1.316   1.00 58.75 ? 31  ILE A CB  1 
ATOM   258  C CG1 . ILE A 1 35  ? -2.670  20.276  1.638   1.00 61.71 ? 31  ILE A CG1 1 
ATOM   259  C CG2 . ILE A 1 35  ? -3.716  18.076  0.960   1.00 73.32 ? 31  ILE A CG2 1 
ATOM   260  C CD1 . ILE A 1 35  ? -2.973  21.136  0.412   1.00 64.05 ? 31  ILE A CD1 1 
ATOM   261  N N   . ALA A 1 36  ? -1.046  15.896  1.637   1.00 50.48 ? 32  ALA A N   1 
ATOM   262  C CA  . ALA A 1 36  ? -1.139  14.448  1.594   1.00 54.22 ? 32  ALA A CA  1 
ATOM   263  C C   . ALA A 1 36  ? -0.543  13.855  2.873   1.00 59.10 ? 32  ALA A C   1 
ATOM   264  O O   . ALA A 1 36  ? -1.116  12.936  3.455   1.00 52.01 ? 32  ALA A O   1 
ATOM   265  C CB  . ALA A 1 36  ? -0.448  13.956  0.353   1.00 48.40 ? 32  ALA A CB  1 
ATOM   266  N N   . VAL A 1 37  ? 0.594   14.408  3.347   1.00 52.58 ? 33  VAL A N   1 
ATOM   267  C CA  . VAL A 1 37  ? 1.124   13.939  4.618   1.00 48.14 ? 33  VAL A CA  1 
ATOM   268  C C   . VAL A 1 37  ? 0.066   14.114  5.696   1.00 56.01 ? 33  VAL A C   1 
ATOM   269  O O   . VAL A 1 37  ? -0.105  13.210  6.517   1.00 50.29 ? 33  VAL A O   1 
ATOM   270  C CB  . VAL A 1 37  ? 2.452   14.617  5.055   1.00 51.30 ? 33  VAL A CB  1 
ATOM   271  C CG1 . VAL A 1 37  ? 2.838   14.085  6.429   1.00 52.15 ? 33  VAL A CG1 1 
ATOM   272  C CG2 . VAL A 1 37  ? 3.581   14.306  4.064   1.00 52.07 ? 33  VAL A CG2 1 
ATOM   273  N N   . ALA A 1 38  ? -0.549  15.309  5.770   1.00 51.58 ? 34  ALA A N   1 
ATOM   274  C CA  . ALA A 1 38  ? -1.515  15.520  6.836   1.00 53.24 ? 34  ALA A CA  1 
ATOM   275  C C   . ALA A 1 38  ? -2.656  14.512  6.662   1.00 55.19 ? 34  ALA A C   1 
ATOM   276  O O   . ALA A 1 38  ? -3.182  14.029  7.651   1.00 53.36 ? 34  ALA A O   1 
ATOM   277  C CB  . ALA A 1 38  ? -2.079  16.923  6.799   1.00 48.51 ? 34  ALA A CB  1 
ATOM   278  N N   . ALA A 1 39  ? -3.099  14.279  5.416   1.00 50.27 ? 35  ALA A N   1 
ATOM   279  C CA  . ALA A 1 39  ? -4.208  13.353  5.146   1.00 58.67 ? 35  ALA A CA  1 
ATOM   280  C C   . ALA A 1 39  ? -3.816  11.921  5.560   1.00 67.58 ? 35  ALA A C   1 
ATOM   281  O O   . ALA A 1 39  ? -4.667  11.131  5.954   1.00 56.87 ? 35  ALA A O   1 
ATOM   282  C CB  . ALA A 1 39  ? -4.501  13.349  3.658   1.00 52.31 ? 35  ALA A CB  1 
ATOM   283  N N   . ALA A 1 40  ? -2.520  11.576  5.450   1.00 61.96 ? 36  ALA A N   1 
ATOM   284  C CA  . ALA A 1 40  ? -2.030  10.223  5.744   1.00 63.72 ? 36  ALA A CA  1 
ATOM   285  C C   . ALA A 1 40  ? -2.202  9.822   7.202   1.00 57.64 ? 36  ALA A C   1 
ATOM   286  O O   . ALA A 1 40  ? -2.217  8.633   7.518   1.00 65.37 ? 36  ALA A O   1 
ATOM   287  C CB  . ALA A 1 40  ? -0.590  10.064  5.331   1.00 66.04 ? 36  ALA A CB  1 
ATOM   288  N N   . SER A 1 41  ? -2.388  10.775  8.122   1.00 55.50 ? 37  SER A N   1 
ATOM   289  C CA  . SER A 1 41  ? -2.409  10.333  9.515   1.00 56.56 ? 37  SER A CA  1 
ATOM   290  C C   . SER A 1 41  ? -3.771  9.761   9.879   1.00 62.21 ? 37  SER A C   1 
ATOM   291  O O   . SER A 1 41  ? -3.926  9.194   10.960  1.00 61.51 ? 37  SER A O   1 
ATOM   292  C CB  . SER A 1 41  ? -1.985  11.423  10.469  1.00 82.63 ? 37  SER A CB  1 
ATOM   293  O OG  . SER A 1 41  ? -2.942  12.472  10.488  1.00 69.77 ? 37  SER A OG  1 
ATOM   294  N N   . LYS A 1 42  ? -4.747  9.883   8.956   1.00 57.74 ? 38  LYS A N   1 
ATOM   295  C CA  . LYS A 1 42  ? -6.031  9.207   9.105   1.00 61.16 ? 38  LYS A CA  1 
ATOM   296  C C   . LYS A 1 42  ? -6.150  7.955   8.206   1.00 57.04 ? 38  LYS A C   1 
ATOM   297  O O   . LYS A 1 42  ? -7.257  7.416   8.046   1.00 55.58 ? 38  LYS A O   1 
ATOM   298  C CB  . LYS A 1 42  ? -7.204  10.175  8.850   1.00 62.16 ? 38  LYS A CB  1 
ATOM   299  C CG  . LYS A 1 42  ? -7.192  11.488  9.647   1.00 70.48 ? 38  LYS A CG  1 
ATOM   300  N N   . TYR A 1 43  ? -5.054  7.495   7.573   1.00 48.87 ? 39  TYR A N   1 
ATOM   301  C CA  . TYR A 1 43  ? -5.149  6.256   6.798   1.00 53.26 ? 39  TYR A CA  1 
ATOM   302  C C   . TYR A 1 43  ? -5.762  5.133   7.651   1.00 52.11 ? 39  TYR A C   1 
ATOM   303  O O   . TYR A 1 43  ? -5.269  4.849   8.722   1.00 46.58 ? 39  TYR A O   1 
ATOM   304  C CB  . TYR A 1 43  ? -3.774  5.784   6.330   1.00 54.78 ? 39  TYR A CB  1 
ATOM   305  C CG  . TYR A 1 43  ? -3.392  6.305   4.974   1.00 66.81 ? 39  TYR A CG  1 
ATOM   306  C CD1 . TYR A 1 43  ? -4.240  6.144   3.892   1.00 72.76 ? 39  TYR A CD1 1 
ATOM   307  C CD2 . TYR A 1 43  ? -2.175  6.918   4.751   1.00 77.86 ? 39  TYR A CD2 1 
ATOM   308  C CE1 . TYR A 1 43  ? -3.914  6.611   2.629   1.00 73.94 ? 39  TYR A CE1 1 
ATOM   309  C CE2 . TYR A 1 43  ? -1.826  7.389   3.491   1.00 80.61 ? 39  TYR A CE2 1 
ATOM   310  C CZ  . TYR A 1 43  ? -2.700  7.243   2.429   1.00 81.36 ? 39  TYR A CZ  1 
ATOM   311  O OH  . TYR A 1 43  ? -2.360  7.690   1.184   1.00 82.09 ? 39  TYR A OH  1 
ATOM   312  N N   . ALA A 1 44  ? -6.836  4.499   7.183   1.00 47.90 ? 40  ALA A N   1 
ATOM   313  C CA  . ALA A 1 44  ? -7.329  3.266   7.776   1.00 53.23 ? 40  ALA A CA  1 
ATOM   314  C C   . ALA A 1 44  ? -7.330  2.193   6.690   1.00 55.37 ? 40  ALA A C   1 
ATOM   315  O O   . ALA A 1 44  ? -7.517  2.508   5.511   1.00 54.71 ? 40  ALA A O   1 
ATOM   316  C CB  . ALA A 1 44  ? -8.740  3.469   8.356   1.00 53.29 ? 40  ALA A CB  1 
ATOM   317  N N   . VAL A 1 45  ? -7.173  0.913   7.083   1.00 48.41 ? 41  VAL A N   1 
ATOM   318  C CA  . VAL A 1 45  ? -7.137  -0.139  6.087   1.00 49.94 ? 41  VAL A CA  1 
ATOM   319  C C   . VAL A 1 45  ? -8.061  -1.239  6.574   1.00 54.25 ? 41  VAL A C   1 
ATOM   320  O O   . VAL A 1 45  ? -8.014  -1.613  7.735   1.00 52.37 ? 41  VAL A O   1 
ATOM   321  C CB  . VAL A 1 45  ? -5.706  -0.670  5.854   1.00 54.76 ? 41  VAL A CB  1 
ATOM   322  C CG1 . VAL A 1 45  ? -5.732  -1.861  4.913   1.00 53.76 ? 41  VAL A CG1 1 
ATOM   323  C CG2 . VAL A 1 45  ? -4.779  0.399   5.284   1.00 53.96 ? 41  VAL A CG2 1 
ATOM   324  N N   . GLU A 1 46  ? -8.949  -1.710  5.699   1.00 47.21 ? 42  GLU A N   1 
ATOM   325  C CA  . GLU A 1 46  ? -9.754  -2.853  6.084   1.00 54.35 ? 42  GLU A CA  1 
ATOM   326  C C   . GLU A 1 46  ? -9.365  -4.006  5.155   1.00 49.35 ? 42  GLU A C   1 
ATOM   327  O O   . GLU A 1 46  ? -9.371  -3.838  3.942   1.00 49.38 ? 42  GLU A O   1 
ATOM   328  C CB  . GLU A 1 46  ? -11.263 -2.539  6.013   1.00 52.26 ? 42  GLU A CB  1 
ATOM   329  C CG  . GLU A 1 46  ? -12.127 -3.798  6.068   1.00 72.33 ? 42  GLU A CG  1 
ATOM   330  C CD  . GLU A 1 46  ? -13.636 -3.637  5.942   1.00 86.19 ? 42  GLU A CD  1 
ATOM   331  O OE1 . GLU A 1 46  ? -14.107 -3.032  4.944   1.00 91.40 ? 42  GLU A OE1 1 
ATOM   332  O OE2 . GLU A 1 46  ? -14.340 -4.112  6.852   1.00 98.00 ? 42  GLU A OE2 1 
ATOM   333  N N   . ILE A 1 47  ? -9.050  -5.173  5.725   1.00 52.57 ? 43  ILE A N   1 
ATOM   334  C CA  . ILE A 1 47  ? -8.675  -6.319  4.898   1.00 52.86 ? 43  ILE A CA  1 
ATOM   335  C C   . ILE A 1 47  ? -9.610  -7.472  5.198   1.00 45.50 ? 43  ILE A C   1 
ATOM   336  O O   . ILE A 1 47  ? -9.803  -7.800  6.371   1.00 52.79 ? 43  ILE A O   1 
ATOM   337  C CB  . ILE A 1 47  ? -7.232  -6.741  5.229   1.00 52.98 ? 43  ILE A CB  1 
ATOM   338  C CG1 . ILE A 1 47  ? -6.278  -5.583  4.906   1.00 47.56 ? 43  ILE A CG1 1 
ATOM   339  C CG2 . ILE A 1 47  ? -6.858  -8.017  4.470   1.00 52.33 ? 43  ILE A CG2 1 
ATOM   340  C CD1 . ILE A 1 47  ? -4.812  -5.923  5.044   1.00 49.02 ? 43  ILE A CD1 1 
ATOM   341  N N   . LYS A 1 48  ? -10.039 -8.146  4.137   1.00 50.05 ? 44  LYS A N   1 
ATOM   342  C CA  . LYS A 1 48  ? -10.608 -9.481  4.254   1.00 54.48 ? 44  LYS A CA  1 
ATOM   343  C C   . LYS A 1 48  ? -9.777  -10.495 3.450   1.00 54.87 ? 44  LYS A C   1 
ATOM   344  O O   . LYS A 1 48  ? -9.602  -10.382 2.233   1.00 51.35 ? 44  LYS A O   1 
ATOM   345  C CB  . LYS A 1 48  ? -12.102 -9.416  3.899   1.00 51.60 ? 44  LYS A CB  1 
ATOM   346  N N   . GLN A 1 49  ? -9.270  -11.525 4.137   1.00 56.89 ? 45  GLN A N   1 
ATOM   347  C CA  . GLN A 1 49  ? -8.452  -12.529 3.476   1.00 58.82 ? 45  GLN A CA  1 
ATOM   348  C C   . GLN A 1 49  ? -9.051  -13.928 3.657   1.00 55.05 ? 45  GLN A C   1 
ATOM   349  O O   . GLN A 1 49  ? -9.257  -14.345 4.789   1.00 59.34 ? 45  GLN A O   1 
ATOM   350  C CB  . GLN A 1 49  ? -7.045  -12.518 4.085   1.00 50.34 ? 45  GLN A CB  1 
ATOM   351  C CG  . GLN A 1 49  ? -6.224  -13.736 3.671   1.00 51.42 ? 45  GLN A CG  1 
ATOM   352  C CD  . GLN A 1 49  ? -4.888  -13.866 4.372   1.00 60.68 ? 45  GLN A CD  1 
ATOM   353  O OE1 . GLN A 1 49  ? -4.589  -13.170 5.344   1.00 54.34 ? 45  GLN A OE1 1 
ATOM   354  N NE2 . GLN A 1 49  ? -4.092  -14.820 3.911   1.00 54.12 ? 45  GLN A NE2 1 
ATOM   355  N N   . GLU A 1 50  ? -9.193  -14.684 2.552   1.00 56.74 ? 46  GLU A N   1 
ATOM   356  C CA  . GLU A 1 50  ? -9.469  -16.117 2.593   1.00 68.60 ? 46  GLU A CA  1 
ATOM   357  C C   . GLU A 1 50  ? -8.488  -16.843 1.668   1.00 55.48 ? 46  GLU A C   1 
ATOM   358  O O   . GLU A 1 50  ? -8.472  -16.601 0.469   1.00 55.20 ? 46  GLU A O   1 
ATOM   359  C CB  . GLU A 1 50  ? -10.928 -16.407 2.192   1.00 64.00 ? 46  GLU A CB  1 
ATOM   360  N N   . GLY A 1 51  ? -7.693  -17.757 2.228   1.00 68.06 ? 47  GLY A N   1 
ATOM   361  C CA  . GLY A 1 51  ? -6.651  -18.412 1.449   1.00 64.08 ? 47  GLY A CA  1 
ATOM   362  C C   . GLY A 1 51  ? -5.667  -17.385 0.882   1.00 60.18 ? 47  GLY A C   1 
ATOM   363  O O   . GLY A 1 51  ? -5.057  -16.629 1.640   1.00 60.21 ? 47  GLY A O   1 
ATOM   364  N N   . ASP A 1 52  ? -5.597  -17.278 -0.449  1.00 57.55 ? 48  ASP A N   1 
ATOM   365  C CA  . ASP A 1 52  ? -4.717  -16.287 -1.059  1.00 66.40 ? 48  ASP A CA  1 
ATOM   366  C C   . ASP A 1 52  ? -5.525  -15.276 -1.872  1.00 56.99 ? 48  ASP A C   1 
ATOM   367  O O   . ASP A 1 52  ? -5.002  -14.623 -2.785  1.00 56.00 ? 48  ASP A O   1 
ATOM   368  C CB  . ASP A 1 52  ? -3.566  -16.954 -1.825  1.00 63.87 ? 48  ASP A CB  1 
ATOM   369  C CG  . ASP A 1 52  ? -4.032  -17.840 -2.960  1.00 76.54 ? 48  ASP A CG  1 
ATOM   370  O OD1 . ASP A 1 52  ? -5.267  -17.849 -3.208  1.00 77.59 ? 48  ASP A OD1 1 
ATOM   371  O OD2 . ASP A 1 52  ? -3.152  -18.526 -3.585  1.00 81.61 ? 48  ASP A OD2 1 
ATOM   372  N N   . THR A 1 53  ? -6.808  -15.145 -1.515  1.00 56.81 ? 49  THR A N   1 
ATOM   373  C CA  . THR A 1 53  ? -7.678  -14.105 -2.059  1.00 63.21 ? 49  THR A CA  1 
ATOM   374  C C   . THR A 1 53  ? -7.861  -12.952 -1.062  1.00 50.96 ? 49  THR A C   1 
ATOM   375  O O   . THR A 1 53  ? -8.201  -13.164 0.111   1.00 53.21 ? 49  THR A O   1 
ATOM   376  C CB  . THR A 1 53  ? -9.006  -14.699 -2.559  1.00 69.54 ? 49  THR A CB  1 
ATOM   377  O OG1 . THR A 1 53  ? -8.739  -15.333 -3.815  1.00 74.22 ? 49  THR A OG1 1 
ATOM   378  C CG2 . THR A 1 53  ? -10.053 -13.635 -2.805  1.00 69.17 ? 49  THR A CG2 1 
ATOM   379  N N   . PHE A 1 54  ? -7.671  -11.727 -1.562  1.00 49.52 ? 50  PHE A N   1 
ATOM   380  C CA  . PHE A 1 54  ? -7.653  -10.557 -0.703  1.00 55.72 ? 50  PHE A CA  1 
ATOM   381  C C   . PHE A 1 54  ? -8.616  -9.487  -1.201  1.00 57.06 ? 50  PHE A C   1 
ATOM   382  O O   . PHE A 1 54  ? -8.620  -9.103  -2.379  1.00 55.42 ? 50  PHE A O   1 
ATOM   383  C CB  . PHE A 1 54  ? -6.254  -9.940  -0.684  1.00 49.34 ? 50  PHE A CB  1 
ATOM   384  C CG  . PHE A 1 54  ? -5.293  -10.693 0.204   1.00 52.45 ? 50  PHE A CG  1 
ATOM   385  C CD1 . PHE A 1 54  ? -4.608  -11.814 -0.269  1.00 54.58 ? 50  PHE A CD1 1 
ATOM   386  C CD2 . PHE A 1 54  ? -5.067  -10.284 1.512   1.00 51.34 ? 50  PHE A CD2 1 
ATOM   387  C CE1 . PHE A 1 54  ? -3.701  -12.477 0.546   1.00 47.01 ? 50  PHE A CE1 1 
ATOM   388  C CE2 . PHE A 1 54  ? -4.128  -10.921 2.311   1.00 53.68 ? 50  PHE A CE2 1 
ATOM   389  C CZ  . PHE A 1 54  ? -3.470  -12.044 1.834   1.00 53.55 ? 50  PHE A CZ  1 
ATOM   390  N N   . TYR A 1 55  ? -9.356  -8.948  -0.235  1.00 54.14 ? 51  TYR A N   1 
ATOM   391  C CA  . TYR A 1 55  ? -10.103 -7.721  -0.463  1.00 59.24 ? 51  TYR A CA  1 
ATOM   392  C C   . TYR A 1 55  ? -9.502  -6.652  0.441   1.00 50.51 ? 51  TYR A C   1 
ATOM   393  O O   . TYR A 1 55  ? -9.394  -6.887  1.643   1.00 51.01 ? 51  TYR A O   1 
ATOM   394  C CB  . TYR A 1 55  ? -11.580 -7.920  -0.066  1.00 55.55 ? 51  TYR A CB  1 
ATOM   395  C CG  . TYR A 1 55  ? -12.316 -6.621  0.193   1.00 62.23 ? 51  TYR A CG  1 
ATOM   396  C CD1 . TYR A 1 55  ? -12.834 -5.884  -0.874  1.00 64.61 ? 51  TYR A CD1 1 
ATOM   397  C CD2 . TYR A 1 55  ? -12.497 -6.112  1.486   1.00 70.82 ? 51  TYR A CD2 1 
ATOM   398  C CE1 . TYR A 1 55  ? -13.515 -4.687  -0.672  1.00 68.70 ? 51  TYR A CE1 1 
ATOM   399  C CE2 . TYR A 1 55  ? -13.166 -4.905  1.707   1.00 66.82 ? 51  TYR A CE2 1 
ATOM   400  C CZ  . TYR A 1 55  ? -13.685 -4.202  0.618   1.00 65.74 ? 51  TYR A CZ  1 
ATOM   401  O OH  . TYR A 1 55  ? -14.350 -3.016  0.765   1.00 73.27 ? 51  TYR A OH  1 
ATOM   402  N N   . ILE A 1 56  ? -9.141  -5.490  -0.126  1.00 48.24 ? 52  ILE A N   1 
ATOM   403  C CA  . ILE A 1 56  ? -8.520  -4.477  0.714   1.00 49.07 ? 52  ILE A CA  1 
ATOM   404  C C   . ILE A 1 56  ? -9.135  -3.124  0.382   1.00 46.78 ? 52  ILE A C   1 
ATOM   405  O O   . ILE A 1 56  ? -9.196  -2.707  -0.781  1.00 47.62 ? 52  ILE A O   1 
ATOM   406  C CB  . ILE A 1 56  ? -6.983  -4.449  0.528   1.00 48.45 ? 52  ILE A CB  1 
ATOM   407  C CG1 . ILE A 1 56  ? -6.365  -5.807  0.891   1.00 50.60 ? 52  ILE A CG1 1 
ATOM   408  C CG2 . ILE A 1 56  ? -6.373  -3.329  1.371   1.00 48.44 ? 52  ILE A CG2 1 
ATOM   409  C CD1 . ILE A 1 56  ? -4.897  -5.961  0.521   1.00 60.04 ? 52  ILE A CD1 1 
ATOM   410  N N   . LYS A 1 57  ? -9.530  -2.416  1.444   1.00 49.42 ? 53  LYS A N   1 
ATOM   411  C CA  . LYS A 1 57  ? -10.099 -1.079  1.305   1.00 49.41 ? 53  LYS A CA  1 
ATOM   412  C C   . LYS A 1 57  ? -9.215  -0.132  2.104   1.00 47.00 ? 53  LYS A C   1 
ATOM   413  O O   . LYS A 1 57  ? -9.076  -0.295  3.311   1.00 49.03 ? 53  LYS A O   1 
ATOM   414  C CB  . LYS A 1 57  ? -11.508 -1.126  1.915   1.00 49.77 ? 53  LYS A CB  1 
ATOM   415  C CG  . LYS A 1 57  ? -12.407 0.103   1.782   1.00 59.31 ? 53  LYS A CG  1 
ATOM   416  C CD  . LYS A 1 57  ? -13.831 -0.177  2.334   1.00 69.90 ? 53  LYS A CD  1 
ATOM   417  C CE  . LYS A 1 57  ? -14.015 0.015   3.837   1.00 68.17 ? 53  LYS A CE  1 
ATOM   418  N N   . VAL A 1 58  ? -8.604  0.835   1.419   1.00 43.81 ? 54  VAL A N   1 
ATOM   419  C CA  . VAL A 1 58  ? -7.808  1.859   2.082   1.00 49.33 ? 54  VAL A CA  1 
ATOM   420  C C   . VAL A 1 58  ? -8.584  3.176   2.001   1.00 53.67 ? 54  VAL A C   1 
ATOM   421  O O   . VAL A 1 58  ? -9.050  3.562   0.934   1.00 52.02 ? 54  VAL A O   1 
ATOM   422  C CB  . VAL A 1 58  ? -6.437  2.085   1.408   1.00 49.66 ? 54  VAL A CB  1 
ATOM   423  C CG1 . VAL A 1 58  ? -5.595  3.045   2.224   1.00 54.91 ? 54  VAL A CG1 1 
ATOM   424  C CG2 . VAL A 1 58  ? -5.647  0.826   1.117   1.00 47.46 ? 54  VAL A CG2 1 
ATOM   425  N N   . SER A 1 59  ? -8.701  3.882   3.127   1.00 53.57 ? 55  SER A N   1 
ATOM   426  C CA  . SER A 1 59  ? -9.416  5.140   3.122   1.00 51.63 ? 55  SER A CA  1 
ATOM   427  C C   . SER A 1 59  ? -8.707  6.151   4.012   1.00 57.92 ? 55  SER A C   1 
ATOM   428  O O   . SER A 1 59  ? -7.911  5.795   4.894   1.00 51.62 ? 55  SER A O   1 
ATOM   429  C CB  . SER A 1 59  ? -10.838 4.939   3.558   1.00 58.44 ? 55  SER A CB  1 
ATOM   430  O OG  . SER A 1 59  ? -10.833 4.411   4.856   1.00 59.07 ? 55  SER A OG  1 
ATOM   431  N N   . THR A 1 60  ? -8.952  7.420   3.673   1.00 52.19 ? 56  THR A N   1 
ATOM   432  C CA  . THR A 1 60  ? -8.686  8.578   4.512   1.00 51.81 ? 56  THR A CA  1 
ATOM   433  C C   . THR A 1 60  ? -10.014 9.269   4.790   1.00 56.84 ? 56  THR A C   1 
ATOM   434  O O   . THR A 1 60  ? -11.065 8.732   4.455   1.00 50.17 ? 56  THR A O   1 
ATOM   435  C CB  . THR A 1 60  ? -7.722  9.532   3.794   1.00 59.65 ? 56  THR A CB  1 
ATOM   436  O OG1 . THR A 1 60  ? -8.465  9.953   2.659   1.00 62.92 ? 56  THR A OG1 1 
ATOM   437  C CG2 . THR A 1 60  ? -6.459  8.852   3.314   1.00 62.10 ? 56  THR A CG2 1 
ATOM   438  N N   . THR A 1 61  ? -9.950  10.501  5.309   1.00 52.52 ? 57  THR A N   1 
ATOM   439  C CA  . THR A 1 61  ? -11.128 11.324  5.562   1.00 51.33 ? 57  THR A CA  1 
ATOM   440  C C   . THR A 1 61  ? -12.060 11.461  4.334   1.00 47.30 ? 57  THR A C   1 
ATOM   441  O O   . THR A 1 61  ? -13.267 11.320  4.485   1.00 50.30 ? 57  THR A O   1 
ATOM   442  C CB  . THR A 1 61  ? -10.724 12.647  6.244   1.00 59.17 ? 57  THR A CB  1 
ATOM   443  O OG1 . THR A 1 61  ? -10.056 12.188  7.424   1.00 62.46 ? 57  THR A OG1 1 
ATOM   444  C CG2 . THR A 1 61  ? -11.925 13.465  6.687   1.00 56.61 ? 57  THR A CG2 1 
ATOM   445  N N   . VAL A 1 62  ? -11.540 11.760  3.136   1.00 41.95 ? 58  VAL A N   1 
ATOM   446  C CA  . VAL A 1 62  ? -12.402 12.156  2.019   1.00 45.20 ? 58  VAL A CA  1 
ATOM   447  C C   . VAL A 1 62  ? -12.349 11.127  0.883   1.00 48.17 ? 58  VAL A C   1 
ATOM   448  O O   . VAL A 1 62  ? -13.131 11.205  -0.048  1.00 48.55 ? 58  VAL A O   1 
ATOM   449  C CB  . VAL A 1 62  ? -12.163 13.612  1.545   1.00 49.56 ? 58  VAL A CB  1 
ATOM   450  C CG1 . VAL A 1 62  ? -12.239 14.574  2.750   1.00 46.36 ? 58  VAL A CG1 1 
ATOM   451  C CG2 . VAL A 1 62  ? -10.800 13.779  0.837   1.00 51.24 ? 58  VAL A CG2 1 
ATOM   452  N N   . TYR A 1 63  ? -11.519 10.074  0.993   1.00 52.59 ? 59  TYR A N   1 
ATOM   453  C CA  . TYR A 1 63  ? -11.318 9.196   -0.165  1.00 47.62 ? 59  TYR A CA  1 
ATOM   454  C C   . TYR A 1 63  ? -11.225 7.722   0.246   1.00 51.79 ? 59  TYR A C   1 
ATOM   455  O O   . TYR A 1 63  ? -10.763 7.390   1.336   1.00 50.96 ? 59  TYR A O   1 
ATOM   456  C CB  . TYR A 1 63  ? -10.031 9.625   -0.892  1.00 51.58 ? 59  TYR A CB  1 
ATOM   457  C CG  . TYR A 1 63  ? -10.012 9.255   -2.352  1.00 52.62 ? 59  TYR A CG  1 
ATOM   458  C CD1 . TYR A 1 63  ? -9.518  8.037   -2.797  1.00 57.96 ? 59  TYR A CD1 1 
ATOM   459  C CD2 . TYR A 1 63  ? -10.505 10.137  -3.294  1.00 50.44 ? 59  TYR A CD2 1 
ATOM   460  C CE1 . TYR A 1 63  ? -9.556  7.694   -4.146  1.00 55.54 ? 59  TYR A CE1 1 
ATOM   461  C CE2 . TYR A 1 63  ? -10.527 9.825   -4.641  1.00 53.18 ? 59  TYR A CE2 1 
ATOM   462  C CZ  . TYR A 1 63  ? -10.070 8.593   -5.068  1.00 57.28 ? 59  TYR A CZ  1 
ATOM   463  O OH  . TYR A 1 63  ? -10.105 8.333   -6.407  1.00 64.25 ? 59  TYR A OH  1 
ATOM   464  N N   . THR A 1 64  ? -11.652 6.816   -0.634  1.00 45.19 ? 60  THR A N   1 
ATOM   465  C CA  . THR A 1 64  ? -11.616 5.404   -0.282  1.00 48.59 ? 60  THR A CA  1 
ATOM   466  C C   . THR A 1 64  ? -11.399 4.624   -1.568  1.00 51.18 ? 60  THR A C   1 
ATOM   467  O O   . THR A 1 64  ? -11.906 5.053   -2.604  1.00 51.73 ? 60  THR A O   1 
ATOM   468  C CB  . THR A 1 64  ? -12.870 5.002   0.519   1.00 53.87 ? 60  THR A CB  1 
ATOM   469  O OG1 . THR A 1 64  ? -12.712 3.641   0.871   1.00 60.23 ? 60  THR A OG1 1 
ATOM   470  C CG2 . THR A 1 64  ? -14.162 5.055   -0.261  1.00 56.53 ? 60  THR A CG2 1 
ATOM   471  N N   . THR A 1 65  ? -10.555 3.575   -1.535  1.00 50.54 ? 61  THR A N   1 
ATOM   472  C CA  . THR A 1 65  ? -10.318 2.738   -2.714  1.00 59.36 ? 61  THR A CA  1 
ATOM   473  C C   . THR A 1 65  ? -10.305 1.278   -2.279  1.00 58.04 ? 61  THR A C   1 
ATOM   474  O O   . THR A 1 65  ? -9.947  0.989   -1.138  1.00 54.74 ? 61  THR A O   1 
ATOM   475  C CB  . THR A 1 65  ? -8.944  2.947   -3.358  1.00 62.19 ? 61  THR A CB  1 
ATOM   476  O OG1 . THR A 1 65  ? -8.118  2.314   -2.391  1.00 86.03 ? 61  THR A OG1 1 
ATOM   477  C CG2 . THR A 1 65  ? -8.514  4.389   -3.476  1.00 60.65 ? 61  THR A CG2 1 
ATOM   478  N N   . GLU A 1 66  ? -10.737 0.377   -3.175  1.00 51.53 ? 62  GLU A N   1 
ATOM   479  C CA  . GLU A 1 66  ? -10.868 -1.031  -2.848  1.00 62.72 ? 62  GLU A CA  1 
ATOM   480  C C   . GLU A 1 66  ? -10.067 -1.811  -3.872  1.00 71.20 ? 62  GLU A C   1 
ATOM   481  O O   . GLU A 1 66  ? -10.181 -1.532  -5.059  1.00 66.91 ? 62  GLU A O   1 
ATOM   482  C CB  . GLU A 1 66  ? -12.286 -1.530  -3.093  1.00 59.33 ? 62  GLU A CB  1 
ATOM   483  C CG  . GLU A 1 66  ? -13.282 -0.990  -2.092  1.00 73.66 ? 62  GLU A CG  1 
ATOM   484  C CD  . GLU A 1 66  ? -14.730 -1.400  -2.332  1.00 89.16 ? 62  GLU A CD  1 
ATOM   485  O OE1 . GLU A 1 66  ? -15.175 -1.350  -3.511  1.00 82.28 ? 62  GLU A OE1 1 
ATOM   486  O OE2 . GLU A 1 66  ? -15.408 -1.770  -1.334  1.00 77.69 ? 62  GLU A OE2 1 
ATOM   487  N N   . ILE A 1 67  ? -9.332  -2.828  -3.417  1.00 63.06 ? 63  ILE A N   1 
ATOM   488  C CA  . ILE A 1 67  ? -8.779  -3.751  -4.384  1.00 65.77 ? 63  ILE A CA  1 
ATOM   489  C C   . ILE A 1 67  ? -9.148  -5.177  -4.009  1.00 64.61 ? 63  ILE A C   1 
ATOM   490  O O   . ILE A 1 67  ? -9.439  -5.503  -2.856  1.00 62.71 ? 63  ILE A O   1 
ATOM   491  C CB  . ILE A 1 67  ? -7.271  -3.562  -4.564  1.00 71.71 ? 63  ILE A CB  1 
ATOM   492  C CG1 . ILE A 1 67  ? -6.473  -4.078  -3.368  1.00 63.46 ? 63  ILE A CG1 1 
ATOM   493  C CG2 . ILE A 1 67  ? -6.944  -2.110  -4.868  1.00 77.80 ? 63  ILE A CG2 1 
ATOM   494  C CD1 . ILE A 1 67  ? -4.984  -3.897  -3.565  1.00 71.51 ? 63  ILE A CD1 1 
ATOM   495  N N   . ASN A 1 68  ? -9.135  -6.005  -5.043  1.00 65.63 ? 64  ASN A N   1 
ATOM   496  C CA  . ASN A 1 68  ? -9.375  -7.431  -4.929  1.00 74.47 ? 64  ASN A CA  1 
ATOM   497  C C   . ASN A 1 68  ? -8.247  -8.105  -5.703  1.00 70.49 ? 64  ASN A C   1 
ATOM   498  O O   . ASN A 1 68  ? -7.931  -7.659  -6.793  1.00 68.06 ? 64  ASN A O   1 
ATOM   499  C CB  . ASN A 1 68  ? -10.759 -7.813  -5.467  1.00 73.18 ? 64  ASN A CB  1 
ATOM   500  C CG  . ASN A 1 68  ? -11.902 -7.253  -4.636  1.00 81.16 ? 64  ASN A CG  1 
ATOM   501  O OD1 . ASN A 1 68  ? -12.407 -7.907  -3.719  1.00 63.58 ? 64  ASN A OD1 1 
ATOM   502  N ND2 . ASN A 1 68  ? -12.295 -6.025  -4.928  1.00 72.96 ? 64  ASN A ND2 1 
ATOM   503  N N   . PHE A 1 69  ? -7.570  -9.085  -5.105  1.00 63.09 ? 65  PHE A N   1 
ATOM   504  C CA  . PHE A 1 69  ? -6.562  -9.801  -5.874  1.00 53.85 ? 65  PHE A CA  1 
ATOM   505  C C   . PHE A 1 69  ? -6.419  -11.210 -5.343  1.00 51.68 ? 65  PHE A C   1 
ATOM   506  O O   . PHE A 1 69  ? -6.870  -11.535 -4.245  1.00 56.60 ? 65  PHE A O   1 
ATOM   507  C CB  . PHE A 1 69  ? -5.213  -9.077  -5.935  1.00 55.07 ? 65  PHE A CB  1 
ATOM   508  C CG  . PHE A 1 69  ? -4.530  -8.891  -4.604  1.00 66.74 ? 65  PHE A CG  1 
ATOM   509  C CD1 . PHE A 1 69  ? -3.729  -9.899  -4.069  1.00 52.06 ? 65  PHE A CD1 1 
ATOM   510  C CD2 . PHE A 1 69  ? -4.673  -7.703  -3.891  1.00 62.47 ? 65  PHE A CD2 1 
ATOM   511  C CE1 . PHE A 1 69  ? -3.089  -9.718  -2.853  1.00 50.21 ? 65  PHE A CE1 1 
ATOM   512  C CE2 . PHE A 1 69  ? -4.025  -7.523  -2.678  1.00 59.35 ? 65  PHE A CE2 1 
ATOM   513  C CZ  . PHE A 1 69  ? -3.247  -8.537  -2.146  1.00 59.17 ? 65  PHE A CZ  1 
ATOM   514  N N   . LYS A 1 70  ? -5.836  -12.046 -6.199  1.00 53.56 ? 66  LYS A N   1 
ATOM   515  C CA  . LYS A 1 70  ? -5.445  -13.390 -5.820  1.00 57.63 ? 66  LYS A CA  1 
ATOM   516  C C   . LYS A 1 70  ? -3.933  -13.380 -6.000  1.00 52.42 ? 66  LYS A C   1 
ATOM   517  O O   . LYS A 1 70  ? -3.424  -12.881 -7.014  1.00 48.04 ? 66  LYS A O   1 
ATOM   518  C CB  . LYS A 1 70  ? -6.074  -14.419 -6.773  1.00 59.11 ? 66  LYS A CB  1 
ATOM   519  C CG  . LYS A 1 70  ? -6.366  -15.795 -6.179  1.00 73.89 ? 66  LYS A CG  1 
ATOM   520  C CD  . LYS A 1 70  ? -6.650  -16.890 -7.214  1.00 77.16 ? 66  LYS A CD  1 
ATOM   521  C CE  . LYS A 1 70  ? -6.453  -18.302 -6.680  1.00 68.89 ? 66  LYS A CE  1 
ATOM   522  N N   . VAL A 1 71  ? -3.229  -13.822 -4.965  1.00 50.50 ? 67  VAL A N   1 
ATOM   523  C CA  . VAL A 1 71  ? -1.784  -13.916 -5.115  1.00 50.83 ? 67  VAL A CA  1 
ATOM   524  C C   . VAL A 1 71  ? -1.501  -14.743 -6.379  1.00 55.92 ? 67  VAL A C   1 
ATOM   525  O O   . VAL A 1 71  ? -2.167  -15.744 -6.637  1.00 52.59 ? 67  VAL A O   1 
ATOM   526  C CB  . VAL A 1 71  ? -1.202  -14.586 -3.868  1.00 53.12 ? 67  VAL A CB  1 
ATOM   527  C CG1 . VAL A 1 71  ? 0.300   -14.793 -4.038  1.00 51.13 ? 67  VAL A CG1 1 
ATOM   528  C CG2 . VAL A 1 71  ? -1.560  -13.803 -2.600  1.00 48.31 ? 67  VAL A CG2 1 
ATOM   529  N N   . GLY A 1 72  ? -0.584  -14.273 -7.217  1.00 47.68 ? 68  GLY A N   1 
ATOM   530  C CA  . GLY A 1 72  ? -0.162  -15.069 -8.358  1.00 53.92 ? 68  GLY A CA  1 
ATOM   531  C C   . GLY A 1 72  ? -0.899  -14.664 -9.626  1.00 63.83 ? 68  GLY A C   1 
ATOM   532  O O   . GLY A 1 72  ? -0.472  -15.018 -10.716 1.00 59.25 ? 68  GLY A O   1 
ATOM   533  N N   . GLU A 1 73  ? -1.947  -13.845 -9.484  1.00 61.42 ? 69  GLU A N   1 
ATOM   534  C CA  . GLU A 1 73  ? -2.758  -13.446 -10.627 1.00 57.00 ? 69  GLU A CA  1 
ATOM   535  C C   . GLU A 1 73  ? -2.708  -11.930 -10.853 1.00 62.10 ? 69  GLU A C   1 
ATOM   536  O O   . GLU A 1 73  ? -3.035  -11.126 -9.969  1.00 59.06 ? 69  GLU A O   1 
ATOM   537  C CB  . GLU A 1 73  ? -4.152  -14.042 -10.402 1.00 62.34 ? 69  GLU A CB  1 
ATOM   538  C CG  . GLU A 1 73  ? -5.220  -13.568 -11.380 1.00 77.88 ? 69  GLU A CG  1 
ATOM   539  C CD  . GLU A 1 73  ? -6.607  -13.916 -10.863 1.00 79.11 ? 69  GLU A CD  1 
ATOM   540  O OE1 . GLU A 1 73  ? -7.402  -12.980 -10.611 1.00 84.81 ? 69  GLU A OE1 1 
ATOM   541  O OE2 . GLU A 1 73  ? -6.855  -15.117 -10.633 1.00 90.02 ? 69  GLU A OE2 1 
ATOM   542  N N   . GLU A 1 74  ? -2.330  -11.543 -12.074 1.00 58.34 ? 70  GLU A N   1 
ATOM   543  C CA  . GLU A 1 74  ? -2.222  -10.155 -12.485 1.00 69.68 ? 70  GLU A CA  1 
ATOM   544  C C   . GLU A 1 74  ? -3.567  -9.434  -12.337 1.00 65.51 ? 70  GLU A C   1 
ATOM   545  O O   . GLU A 1 74  ? -4.630  -9.991  -12.588 1.00 67.92 ? 70  GLU A O   1 
ATOM   546  C CB  . GLU A 1 74  ? -1.611  -10.116 -13.882 1.00 72.27 ? 70  GLU A CB  1 
ATOM   547  C CG  . GLU A 1 74  ? -1.448  -8.719  -14.449 1.00 86.11 ? 70  GLU A CG  1 
ATOM   548  C CD  . GLU A 1 74  ? -0.338  -8.567  -15.480 1.00 90.74 ? 70  GLU A CD  1 
ATOM   549  O OE1 . GLU A 1 74  ? 0.717   -9.218  -15.323 1.00 93.00 ? 70  GLU A OE1 1 
ATOM   550  O OE2 . GLU A 1 74  ? -0.525  -7.780  -16.429 1.00 98.00 ? 70  GLU A OE2 1 
ATOM   551  N N   . PHE A 1 75  ? -3.519  -8.190  -11.865 1.00 62.60 ? 71  PHE A N   1 
ATOM   552  C CA  . PHE A 1 75  ? -4.719  -7.379  -11.709 1.00 62.06 ? 71  PHE A CA  1 
ATOM   553  C C   . PHE A 1 75  ? -4.355  -5.937  -12.040 1.00 66.75 ? 71  PHE A C   1 
ATOM   554  O O   . PHE A 1 75  ? -3.178  -5.642  -12.261 1.00 70.01 ? 71  PHE A O   1 
ATOM   555  C CB  . PHE A 1 75  ? -5.355  -7.601  -10.336 1.00 67.41 ? 71  PHE A CB  1 
ATOM   556  C CG  . PHE A 1 75  ? -4.537  -7.081  -9.183  1.00 64.87 ? 71  PHE A CG  1 
ATOM   557  C CD1 . PHE A 1 75  ? -3.451  -7.808  -8.683  1.00 63.73 ? 71  PHE A CD1 1 
ATOM   558  C CD2 . PHE A 1 75  ? -4.844  -5.859  -8.599  1.00 59.42 ? 71  PHE A CD2 1 
ATOM   559  C CE1 . PHE A 1 75  ? -2.698  -7.339  -7.612  1.00 56.66 ? 71  PHE A CE1 1 
ATOM   560  C CE2 . PHE A 1 75  ? -4.102  -5.389  -7.517  1.00 60.21 ? 71  PHE A CE2 1 
ATOM   561  C CZ  . PHE A 1 75  ? -3.029  -6.126  -7.030  1.00 64.58 ? 71  PHE A CZ  1 
ATOM   562  N N   . GLU A 1 76  ? -5.377  -5.076  -12.160 1.00 79.93 ? 72  GLU A N   1 
ATOM   563  C CA  . GLU A 1 76  ? -5.195  -3.663  -12.474 1.00 72.41 ? 72  GLU A CA  1 
ATOM   564  C C   . GLU A 1 76  ? -5.537  -2.831  -11.238 1.00 64.04 ? 72  GLU A C   1 
ATOM   565  O O   . GLU A 1 76  ? -6.520  -3.096  -10.552 1.00 73.75 ? 72  GLU A O   1 
ATOM   566  C CB  . GLU A 1 76  ? -6.062  -3.250  -13.659 1.00 78.83 ? 72  GLU A CB  1 
ATOM   567  C CG  . GLU A 1 76  ? -5.365  -3.387  -15.007 1.00 98.00 ? 72  GLU A CG  1 
ATOM   568  C CD  . GLU A 1 76  ? -6.060  -2.679  -16.170 1.00 98.00 ? 72  GLU A CD  1 
ATOM   569  O OE1 . GLU A 1 76  ? -6.540  -1.528  -15.987 1.00 98.00 ? 72  GLU A OE1 1 
ATOM   570  O OE2 . GLU A 1 76  ? -6.138  -3.278  -17.254 1.00 98.00 ? 72  GLU A OE2 1 
ATOM   571  N N   . GLU A 1 77  ? -4.680  -1.854  -10.947 1.00 65.52 ? 73  GLU A N   1 
ATOM   572  C CA  . GLU A 1 77  ? -4.850  -0.957  -9.816  1.00 70.90 ? 73  GLU A CA  1 
ATOM   573  C C   . GLU A 1 77  ? -4.222  0.390   -10.194 1.00 72.16 ? 73  GLU A C   1 
ATOM   574  O O   . GLU A 1 77  ? -3.841  0.600   -11.347 1.00 73.14 ? 73  GLU A O   1 
ATOM   575  C CB  . GLU A 1 77  ? -4.359  -1.646  -8.525  1.00 58.77 ? 73  GLU A CB  1 
ATOM   576  C CG  . GLU A 1 77  ? -2.841  -1.787  -8.377  1.00 56.51 ? 73  GLU A CG  1 
ATOM   577  C CD  . GLU A 1 77  ? -2.318  -2.151  -6.974  1.00 68.40 ? 73  GLU A CD  1 
ATOM   578  O OE1 . GLU A 1 77  ? -3.015  -1.850  -5.974  1.00 68.73 ? 73  GLU A OE1 1 
ATOM   579  O OE2 . GLU A 1 77  ? -1.192  -2.711  -6.855  1.00 57.06 ? 73  GLU A OE2 1 
ATOM   580  N N   . GLN A 1 78  ? -4.102  1.304   -9.226  1.00 72.75 ? 74  GLN A N   1 
ATOM   581  C CA  . GLN A 1 78  ? -3.354  2.539   -9.438  1.00 77.71 ? 74  GLN A CA  1 
ATOM   582  C C   . GLN A 1 78  ? -2.060  2.502   -8.618  1.00 72.60 ? 74  GLN A C   1 
ATOM   583  O O   . GLN A 1 78  ? -1.995  1.827   -7.590  1.00 72.04 ? 74  GLN A O   1 
ATOM   584  C CB  . GLN A 1 78  ? -4.201  3.772   -9.074  1.00 77.90 ? 74  GLN A CB  1 
ATOM   585  C CG  . GLN A 1 78  ? -5.581  3.812   -9.727  1.00 83.47 ? 74  GLN A CG  1 
ATOM   586  N N   . THR A 1 79  ? -1.038  3.234   -9.094  1.00 68.04 ? 75  THR A N   1 
ATOM   587  C CA  . THR A 1 79  ? 0.114   3.642   -8.312  1.00 70.13 ? 75  THR A CA  1 
ATOM   588  C C   . THR A 1 79  ? -0.314  4.639   -7.235  1.00 75.93 ? 75  THR A C   1 
ATOM   589  O O   . THR A 1 79  ? -1.425  5.185   -7.257  1.00 66.91 ? 75  THR A O   1 
ATOM   590  C CB  . THR A 1 79  ? 1.185   4.350   -9.162  1.00 80.06 ? 75  THR A CB  1 
ATOM   591  O OG1 . THR A 1 79  ? 0.658   5.538   -9.758  1.00 87.64 ? 75  THR A OG1 1 
ATOM   592  C CG2 . THR A 1 79  ? 1.817   3.464   -10.216 1.00 89.70 ? 75  THR A CG2 1 
ATOM   593  N N   . VAL A 1 80  ? 0.608   4.885   -6.303  1.00 65.72 ? 76  VAL A N   1 
ATOM   594  C CA  . VAL A 1 80  ? 0.338   5.789   -5.196  1.00 82.41 ? 76  VAL A CA  1 
ATOM   595  C C   . VAL A 1 80  ? -0.096  7.165   -5.726  1.00 84.98 ? 76  VAL A C   1 
ATOM   596  O O   . VAL A 1 80  ? -0.956  7.802   -5.128  1.00 90.28 ? 76  VAL A O   1 
ATOM   597  C CB  . VAL A 1 80  ? 1.516   5.841   -4.197  1.00 73.69 ? 76  VAL A CB  1 
ATOM   598  C CG1 . VAL A 1 80  ? 1.450   7.085   -3.325  1.00 64.03 ? 76  VAL A CG1 1 
ATOM   599  C CG2 . VAL A 1 80  ? 1.555   4.576   -3.347  1.00 65.19 ? 76  VAL A CG2 1 
ATOM   600  N N   . ASP A 1 81  ? 0.448   7.599   -6.873  1.00 98.00 ? 77  ASP A N   1 
ATOM   601  C CA  . ASP A 1 81  ? 0.052   8.861   -7.494  1.00 96.02 ? 77  ASP A CA  1 
ATOM   602  C C   . ASP A 1 81  ? -0.959  8.624   -8.626  1.00 97.12 ? 77  ASP A C   1 
ATOM   603  O O   . ASP A 1 81  ? -0.973  9.353   -9.624  1.00 98.00 ? 77  ASP A O   1 
ATOM   604  C CB  . ASP A 1 81  ? 1.265   9.674   -7.955  1.00 79.95 ? 77  ASP A CB  1 
ATOM   605  C CG  . ASP A 1 81  ? 1.781   9.242   -9.314  1.00 98.00 ? 77  ASP A CG  1 
ATOM   606  O OD1 . ASP A 1 81  ? 2.319   8.113   -9.397  1.00 98.00 ? 77  ASP A OD1 1 
ATOM   607  O OD2 . ASP A 1 81  ? 1.601   10.019  -10.290 1.00 98.00 ? 77  ASP A OD2 1 
ATOM   608  N N   . GLY A 1 82  ? -1.794  7.589   -8.459  1.00 82.45 ? 78  GLY A N   1 
ATOM   609  C CA  . GLY A 1 82  ? -3.043  7.444   -9.196  1.00 72.51 ? 78  GLY A CA  1 
ATOM   610  C C   . GLY A 1 82  ? -2.868  7.210   -10.694 1.00 77.84 ? 78  GLY A C   1 
ATOM   611  O O   . GLY A 1 82  ? -3.825  7.352   -11.444 1.00 83.24 ? 78  GLY A O   1 
ATOM   612  N N   . ARG A 1 83  ? -1.671  6.802   -11.133 1.00 84.23 ? 79  ARG A N   1 
ATOM   613  C CA  . ARG A 1 83  ? -1.528  6.321   -12.505 1.00 90.85 ? 79  ARG A CA  1 
ATOM   614  C C   . ARG A 1 83  ? -1.860  4.824   -12.564 1.00 90.43 ? 79  ARG A C   1 
ATOM   615  O O   . ARG A 1 83  ? -1.321  4.047   -11.778 1.00 75.38 ? 79  ARG A O   1 
ATOM   616  C CB  . ARG A 1 83  ? -0.122  6.620   -13.042 1.00 86.74 ? 79  ARG A CB  1 
ATOM   617  C CG  . ARG A 1 83  ? 0.248   8.097   -13.133 1.00 84.20 ? 79  ARG A CG  1 
ATOM   618  C CD  . ARG A 1 83  ? 1.737   8.283   -13.390 1.00 85.04 ? 79  ARG A CD  1 
ATOM   619  N NE  . ARG A 1 83  ? 2.547   7.416   -12.533 1.00 98.00 ? 79  ARG A NE  1 
ATOM   620  C CZ  . ARG A 1 83  ? 3.728   7.724   -11.990 1.00 98.00 ? 79  ARG A CZ  1 
ATOM   621  N NH1 . ARG A 1 83  ? 4.266   8.914   -12.190 1.00 98.00 ? 79  ARG A NH1 1 
ATOM   622  N NH2 . ARG A 1 83  ? 4.359   6.846   -11.229 1.00 98.00 ? 79  ARG A NH2 1 
ATOM   623  N N   . PRO A 1 84  ? -2.765  4.356   -13.466 1.00 96.21 ? 80  PRO A N   1 
ATOM   624  C CA  . PRO A 1 84  ? -3.084  2.927   -13.573 1.00 93.91 ? 80  PRO A CA  1 
ATOM   625  C C   . PRO A 1 84  ? -1.904  2.013   -13.933 1.00 89.20 ? 80  PRO A C   1 
ATOM   626  O O   . PRO A 1 84  ? -0.998  2.386   -14.675 1.00 75.98 ? 80  PRO A O   1 
ATOM   627  C CB  . PRO A 1 84  ? -4.264  2.880   -14.573 1.00 96.59 ? 80  PRO A CB  1 
ATOM   628  C CG  . PRO A 1 84  ? -4.823  4.296   -14.575 1.00 86.18 ? 80  PRO A CG  1 
ATOM   629  C CD  . PRO A 1 84  ? -3.597  5.168   -14.378 1.00 98.00 ? 80  PRO A CD  1 
ATOM   630  N N   . CYS A 1 85  ? -1.885  0.810   -13.350 1.00 76.38 ? 81  CYS A N   1 
ATOM   631  C CA  . CYS A 1 85  ? -0.740  -0.073  -13.516 1.00 72.58 ? 81  CYS A CA  1 
ATOM   632  C C   . CYS A 1 85  ? -1.226  -1.520  -13.529 1.00 65.02 ? 81  CYS A C   1 
ATOM   633  O O   . CYS A 1 85  ? -2.354  -1.777  -13.091 1.00 66.61 ? 81  CYS A O   1 
ATOM   634  C CB  . CYS A 1 85  ? 0.315   0.181   -12.441 1.00 73.09 ? 81  CYS A CB  1 
ATOM   635  S SG  . CYS A 1 85  ? -0.278  -0.001  -10.731 1.00 75.45 ? 81  CYS A SG  1 
ATOM   636  N N   . LYS A 1 86  ? -0.398  -2.440  -14.059 1.00 62.74 ? 82  LYS A N   1 
ATOM   637  C CA  . LYS A 1 86  ? -0.636  -3.873  -13.847 1.00 73.27 ? 82  LYS A CA  1 
ATOM   638  C C   . LYS A 1 86  ? 0.181   -4.376  -12.649 1.00 60.83 ? 82  LYS A C   1 
ATOM   639  O O   . LYS A 1 86  ? 1.382   -4.098  -12.540 1.00 66.36 ? 82  LYS A O   1 
ATOM   640  C CB  . LYS A 1 86  ? -0.403  -4.695  -15.121 1.00 72.23 ? 82  LYS A CB  1 
ATOM   641  N N   . SER A 1 87  ? -0.486  -5.120  -11.757 1.00 58.91 ? 83  SER A N   1 
ATOM   642  C CA  . SER A 1 87  ? 0.115   -5.568  -10.501 1.00 60.57 ? 83  SER A CA  1 
ATOM   643  C C   . SER A 1 87  ? 0.139   -7.101  -10.405 1.00 59.66 ? 83  SER A C   1 
ATOM   644  O O   . SER A 1 87  ? -0.738  -7.779  -10.932 1.00 55.83 ? 83  SER A O   1 
ATOM   645  C CB  . SER A 1 87  ? -0.609  -4.944  -9.322  1.00 51.04 ? 83  SER A CB  1 
ATOM   646  O OG  . SER A 1 87  ? -0.250  -3.576  -9.229  1.00 57.54 ? 83  SER A OG  1 
ATOM   647  N N   . LEU A 1 88  ? 1.153   -7.647  -9.719  1.00 53.12 ? 84  LEU A N   1 
ATOM   648  C CA  . LEU A 1 88  ? 1.251   -9.081  -9.441  1.00 50.01 ? 84  LEU A CA  1 
ATOM   649  C C   . LEU A 1 88  ? 1.858   -9.281  -8.057  1.00 43.92 ? 84  LEU A C   1 
ATOM   650  O O   . LEU A 1 88  ? 2.952   -8.785  -7.787  1.00 50.22 ? 84  LEU A O   1 
ATOM   651  C CB  . LEU A 1 88  ? 2.148   -9.752  -10.486 1.00 49.56 ? 84  LEU A CB  1 
ATOM   652  C CG  . LEU A 1 88  ? 2.329   -11.269 -10.375 1.00 60.93 ? 84  LEU A CG  1 
ATOM   653  C CD1 . LEU A 1 88  ? 0.981   -11.968 -10.545 1.00 58.04 ? 84  LEU A CD1 1 
ATOM   654  C CD2 . LEU A 1 88  ? 3.304   -11.748 -11.467 1.00 58.69 ? 84  LEU A CD2 1 
ATOM   655  N N   . VAL A 1 89  ? 1.138   -10.013 -7.203  1.00 45.51 ? 85  VAL A N   1 
ATOM   656  C CA  . VAL A 1 89  ? 1.534   -10.208 -5.819  1.00 46.81 ? 85  VAL A CA  1 
ATOM   657  C C   . VAL A 1 89  ? 2.045   -11.643 -5.646  1.00 51.18 ? 85  VAL A C   1 
ATOM   658  O O   . VAL A 1 89  ? 1.399   -12.576 -6.106  1.00 46.35 ? 85  VAL A O   1 
ATOM   659  C CB  . VAL A 1 89  ? 0.352   -9.888  -4.876  1.00 45.10 ? 85  VAL A CB  1 
ATOM   660  C CG1 . VAL A 1 89  ? 0.652   -10.246 -3.433  1.00 48.63 ? 85  VAL A CG1 1 
ATOM   661  C CG2 . VAL A 1 89  ? -0.036  -8.396  -4.914  1.00 47.40 ? 85  VAL A CG2 1 
ATOM   662  N N   . LYS A 1 90  ? 3.174   -11.810 -4.938  1.00 43.58 ? 86  LYS A N   1 
ATOM   663  C CA  . LYS A 1 90  ? 3.680   -13.117 -4.556  1.00 49.70 ? 86  LYS A CA  1 
ATOM   664  C C   . LYS A 1 90  ? 4.001   -13.131 -3.072  1.00 50.15 ? 86  LYS A C   1 
ATOM   665  O O   . LYS A 1 90  ? 4.224   -12.082 -2.455  1.00 45.29 ? 86  LYS A O   1 
ATOM   666  C CB  . LYS A 1 90  ? 4.894   -13.467 -5.421  1.00 51.92 ? 86  LYS A CB  1 
ATOM   667  C CG  . LYS A 1 90  ? 4.566   -13.448 -6.909  1.00 46.67 ? 86  LYS A CG  1 
ATOM   668  C CD  . LYS A 1 90  ? 5.787   -13.641 -7.782  1.00 55.92 ? 86  LYS A CD  1 
ATOM   669  C CE  . LYS A 1 90  ? 5.395   -13.707 -9.250  1.00 49.98 ? 86  LYS A CE  1 
ATOM   670  N NZ  . LYS A 1 90  ? 6.358   -14.576 -9.957  1.00 59.07 ? 86  LYS A NZ  1 
ATOM   671  N N   . TRP A 1 91  ? 3.924   -14.325 -2.487  1.00 42.83 ? 87  TRP A N   1 
ATOM   672  C CA  . TRP A 1 91  ? 4.353   -14.472 -1.105  1.00 44.73 ? 87  TRP A CA  1 
ATOM   673  C C   . TRP A 1 91  ? 5.875   -14.421 -1.041  1.00 51.86 ? 87  TRP A C   1 
ATOM   674  O O   . TRP A 1 91  ? 6.557   -14.879 -1.959  1.00 49.53 ? 87  TRP A O   1 
ATOM   675  C CB  . TRP A 1 91  ? 3.869   -15.815 -0.562  1.00 44.88 ? 87  TRP A CB  1 
ATOM   676  C CG  . TRP A 1 91  ? 2.384   -15.965 -0.502  1.00 48.86 ? 87  TRP A CG  1 
ATOM   677  C CD1 . TRP A 1 91  ? 1.590   -16.730 -1.311  1.00 48.16 ? 87  TRP A CD1 1 
ATOM   678  C CD2 . TRP A 1 91  ? 1.522   -15.374 0.480   1.00 44.23 ? 87  TRP A CD2 1 
ATOM   679  N NE1 . TRP A 1 91  ? 0.287   -16.669 -0.874  1.00 48.40 ? 87  TRP A NE1 1 
ATOM   680  C CE2 . TRP A 1 91  ? 0.212   -15.844 0.213   1.00 53.20 ? 87  TRP A CE2 1 
ATOM   681  C CE3 . TRP A 1 91  ? 1.737   -14.556 1.603   1.00 51.63 ? 87  TRP A CE3 1 
ATOM   682  C CZ2 . TRP A 1 91  ? -0.893  -15.450 0.973   1.00 48.27 ? 87  TRP A CZ2 1 
ATOM   683  C CZ3 . TRP A 1 91  ? 0.643   -14.176 2.357   1.00 52.08 ? 87  TRP A CZ3 1 
ATOM   684  C CH2 . TRP A 1 91  ? -0.638  -14.667 2.081   1.00 48.99 ? 87  TRP A CH2 1 
ATOM   685  N N   . GLU A 1 92  ? 6.405   -13.894 0.065   1.00 52.14 ? 88  GLU A N   1 
ATOM   686  C CA  . GLU A 1 92  ? 7.823   -14.072 0.277   1.00 53.10 ? 88  GLU A CA  1 
ATOM   687  C C   . GLU A 1 92  ? 8.050   -14.794 1.601   1.00 54.32 ? 88  GLU A C   1 
ATOM   688  O O   . GLU A 1 92  ? 9.162   -15.195 1.911   1.00 59.05 ? 88  GLU A O   1 
ATOM   689  C CB  . GLU A 1 92  ? 8.572   -12.747 0.122   1.00 59.40 ? 88  GLU A CB  1 
ATOM   690  C CG  . GLU A 1 92  ? 8.592   -11.998 1.426   1.00 67.41 ? 88  GLU A CG  1 
ATOM   691  C CD  . GLU A 1 92  ? 9.807   -11.101 1.566   1.00 85.71 ? 88  GLU A CD  1 
ATOM   692  O OE1 . GLU A 1 92  ? 10.608  -11.343 2.495   1.00 87.86 ? 88  GLU A OE1 1 
ATOM   693  O OE2 . GLU A 1 92  ? 9.948   -10.169 0.745   1.00 79.03 ? 88  GLU A OE2 1 
ATOM   694  N N   . SER A 1 93  ? 6.989   -14.995 2.380   1.00 53.28 ? 89  SER A N   1 
ATOM   695  C CA  . SER A 1 93  ? 7.074   -15.835 3.569   1.00 55.69 ? 89  SER A CA  1 
ATOM   696  C C   . SER A 1 93  ? 5.659   -16.027 4.058   1.00 52.31 ? 89  SER A C   1 
ATOM   697  O O   . SER A 1 93  ? 4.729   -15.655 3.346   1.00 53.16 ? 89  SER A O   1 
ATOM   698  C CB  . SER A 1 93  ? 7.951   -15.255 4.661   1.00 57.33 ? 89  SER A CB  1 
ATOM   699  O OG  . SER A 1 93  ? 7.540   -13.942 4.992   1.00 62.39 ? 89  SER A OG  1 
ATOM   700  N N   . GLU A 1 94  ? 5.513   -16.552 5.274   1.00 52.39 ? 90  GLU A N   1 
ATOM   701  C CA  . GLU A 1 94  ? 4.208   -16.957 5.743   1.00 51.09 ? 90  GLU A CA  1 
ATOM   702  C C   . GLU A 1 94  ? 3.254   -15.762 5.714   1.00 53.92 ? 90  GLU A C   1 
ATOM   703  O O   . GLU A 1 94  ? 2.098   -15.848 5.245   1.00 52.02 ? 90  GLU A O   1 
ATOM   704  C CB  . GLU A 1 94  ? 4.321   -17.507 7.172   1.00 57.97 ? 90  GLU A CB  1 
ATOM   705  C CG  . GLU A 1 94  ? 2.978   -18.022 7.662   1.00 65.11 ? 90  GLU A CG  1 
ATOM   706  C CD  . GLU A 1 94  ? 2.920   -18.767 8.995   1.00 70.00 ? 90  GLU A CD  1 
ATOM   707  O OE1 . GLU A 1 94  ? 3.977   -18.978 9.622   1.00 76.83 ? 90  GLU A OE1 1 
ATOM   708  O OE2 . GLU A 1 94  ? 1.799   -19.117 9.409   1.00 82.13 ? 90  GLU A OE2 1 
ATOM   709  N N   . ASN A 1 95  ? 3.766   -14.634 6.197   1.00 53.96 ? 91  ASN A N   1 
ATOM   710  C CA  . ASN A 1 95  ? 2.922   -13.455 6.340   1.00 62.05 ? 91  ASN A CA  1 
ATOM   711  C C   . ASN A 1 95  ? 3.589   -12.234 5.722   1.00 52.93 ? 91  ASN A C   1 
ATOM   712  O O   . ASN A 1 95  ? 3.526   -11.144 6.276   1.00 53.90 ? 91  ASN A O   1 
ATOM   713  C CB  . ASN A 1 95  ? 2.664   -13.121 7.810   1.00 67.88 ? 91  ASN A CB  1 
ATOM   714  C CG  . ASN A 1 95  ? 1.789   -14.163 8.471   1.00 73.87 ? 91  ASN A CG  1 
ATOM   715  O OD1 . ASN A 1 95  ? 0.654   -14.411 8.049   1.00 61.71 ? 91  ASN A OD1 1 
ATOM   716  N ND2 . ASN A 1 95  ? 2.339   -14.786 9.496   1.00 63.60 ? 91  ASN A ND2 1 
ATOM   717  N N   . LYS A 1 96  ? 4.234   -12.411 4.579   1.00 54.78 ? 92  LYS A N   1 
ATOM   718  C CA  . LYS A 1 96  ? 4.693   -11.222 3.892   1.00 51.54 ? 92  LYS A CA  1 
ATOM   719  C C   . LYS A 1 96  ? 4.448   -11.416 2.407   1.00 51.75 ? 92  LYS A C   1 
ATOM   720  O O   . LYS A 1 96  ? 4.712   -12.495 1.872   1.00 47.17 ? 92  LYS A O   1 
ATOM   721  C CB  . LYS A 1 96  ? 6.133   -10.881 4.267   1.00 53.06 ? 92  LYS A CB  1 
ATOM   722  C CG  . LYS A 1 96  ? 6.602   -9.568  3.639   1.00 53.10 ? 92  LYS A CG  1 
ATOM   723  C CD  . LYS A 1 96  ? 8.015   -9.117  4.026   1.00 63.76 ? 92  LYS A CD  1 
ATOM   724  C CE  . LYS A 1 96  ? 8.237   -7.648  3.663   1.00 59.47 ? 92  LYS A CE  1 
ATOM   725  N NZ  . LYS A 1 96  ? 9.651   -7.210  3.762   1.00 65.35 ? 92  LYS A NZ  1 
ATOM   726  N N   . MET A 1 97  ? 3.866   -10.398 1.764   1.00 44.42 ? 93  MET A N   1 
ATOM   727  C CA  . MET A 1 97  ? 3.639   -10.481 0.328   1.00 49.01 ? 93  MET A CA  1 
ATOM   728  C C   . MET A 1 97  ? 4.268   -9.271  -0.350  1.00 51.77 ? 93  MET A C   1 
ATOM   729  O O   . MET A 1 97  ? 4.464   -8.244  0.294   1.00 47.99 ? 93  MET A O   1 
ATOM   730  C CB  . MET A 1 97  ? 2.137   -10.583 0.031   1.00 49.04 ? 93  MET A CB  1 
ATOM   731  C CG  . MET A 1 97  ? 1.404   -9.239  0.035   1.00 61.15 ? 93  MET A CG  1 
ATOM   732  S SD  . MET A 1 97  ? -0.371  -9.368  0.508   1.00 67.42 ? 93  MET A SD  1 
ATOM   733  C CE  . MET A 1 97  ? -0.534  -11.132 0.345   1.00 53.99 ? 93  MET A CE  1 
ATOM   734  N N   . VAL A 1 98  ? 4.623   -9.415  -1.633  1.00 45.63 ? 94  VAL A N   1 
ATOM   735  C CA  . VAL A 1 98  ? 5.335   -8.378  -2.375  1.00 47.48 ? 94  VAL A CA  1 
ATOM   736  C C   . VAL A 1 98  ? 4.648   -8.250  -3.722  1.00 52.20 ? 94  VAL A C   1 
ATOM   737  O O   . VAL A 1 98  ? 4.322   -9.253  -4.391  1.00 46.72 ? 94  VAL A O   1 
ATOM   738  C CB  . VAL A 1 98  ? 6.838   -8.660  -2.576  1.00 49.98 ? 94  VAL A CB  1 
ATOM   739  C CG1 . VAL A 1 98  ? 7.036   -10.013 -3.253  1.00 56.50 ? 94  VAL A CG1 1 
ATOM   740  C CG2 . VAL A 1 98  ? 7.479   -7.604  -3.474  1.00 55.62 ? 94  VAL A CG2 1 
ATOM   741  N N   . CYS A 1 99  ? 4.410   -6.987  -4.080  1.00 49.14 ? 95  CYS A N   1 
ATOM   742  C CA  . CYS A 1 99  ? 3.700   -6.656  -5.294  1.00 54.34 ? 95  CYS A CA  1 
ATOM   743  C C   . CYS A 1 99  ? 4.634   -5.875  -6.204  1.00 58.50 ? 95  CYS A C   1 
ATOM   744  O O   . CYS A 1 99  ? 5.167   -4.853  -5.784  1.00 57.70 ? 95  CYS A O   1 
ATOM   745  C CB  . CYS A 1 99  ? 2.484   -5.802  -4.969  1.00 54.99 ? 95  CYS A CB  1 
ATOM   746  S SG  . CYS A 1 99  ? 1.481   -5.435  -6.438  1.00 60.53 ? 95  CYS A SG  1 
ATOM   747  N N   . GLU A 1 100 ? 4.837   -6.390  -7.425  1.00 55.00 ? 96  GLU A N   1 
ATOM   748  C CA  . GLU A 1 100 ? 5.558   -5.697  -8.485  1.00 58.73 ? 96  GLU A CA  1 
ATOM   749  C C   . GLU A 1 100 ? 4.538   -5.044  -9.427  1.00 58.50 ? 96  GLU A C   1 
ATOM   750  O O   . GLU A 1 100 ? 3.520   -5.641  -9.747  1.00 58.24 ? 96  GLU A O   1 
ATOM   751  C CB  . GLU A 1 100 ? 6.503   -6.686  -9.170  1.00 58.83 ? 96  GLU A CB  1 
ATOM   752  C CG  . GLU A 1 100 ? 7.693   -7.060  -8.289  1.00 80.52 ? 96  GLU A CG  1 
ATOM   753  N N   . GLN A 1 101 ? 4.786   -3.795  -9.827  1.00 65.01 ? 97  GLN A N   1 
ATOM   754  C CA  . GLN A 1 101 ? 3.864   -3.017  -10.648 1.00 62.35 ? 97  GLN A CA  1 
ATOM   755  C C   . GLN A 1 101 ? 4.552   -2.560  -11.939 1.00 57.91 ? 97  GLN A C   1 
ATOM   756  O O   . GLN A 1 101 ? 5.760   -2.324  -11.932 1.00 56.60 ? 97  GLN A O   1 
ATOM   757  C CB  . GLN A 1 101 ? 3.431   -1.770  -9.870  1.00 59.46 ? 97  GLN A CB  1 
ATOM   758  C CG  . GLN A 1 101 ? 2.445   -2.107  -8.761  1.00 65.28 ? 97  GLN A CG  1 
ATOM   759  C CD  . GLN A 1 101 ? 2.219   -0.936  -7.845  1.00 60.57 ? 97  GLN A CD  1 
ATOM   760  O OE1 . GLN A 1 101 ? 3.123   -0.125  -7.627  1.00 61.55 ? 97  GLN A OE1 1 
ATOM   761  N NE2 . GLN A 1 101 ? 1.017   -0.858  -7.285  1.00 63.70 ? 97  GLN A NE2 1 
ATOM   762  N N   . LYS A 1 102 ? 3.755   -2.458  -13.016 1.00 66.02 ? 98  LYS A N   1 
ATOM   763  C CA  . LYS A 1 102 ? 4.123   -1.993  -14.358 1.00 72.50 ? 98  LYS A CA  1 
ATOM   764  C C   . LYS A 1 102 ? 3.042   -1.030  -14.870 1.00 66.17 ? 98  LYS A C   1 
ATOM   765  O O   . LYS A 1 102 ? 1.840   -1.339  -14.848 1.00 66.44 ? 98  LYS A O   1 
ATOM   766  C CB  . LYS A 1 102 ? 4.222   -3.167  -15.349 1.00 71.57 ? 98  LYS A CB  1 
ATOM   767  C CG  . LYS A 1 102 ? 5.536   -3.942  -15.362 1.00 70.37 ? 98  LYS A CG  1 
ATOM   768  N N   . LEU A 1 103 ? 3.478   0.148   -15.342 1.00 71.97 ? 99  LEU A N   1 
ATOM   769  C CA  . LEU A 1 103 ? 2.578   1.208   -15.810 1.00 84.41 ? 99  LEU A CA  1 
ATOM   770  C C   . LEU A 1 103 ? 1.732   0.747   -17.004 1.00 78.11 ? 99  LEU A C   1 
ATOM   771  O O   . LEU A 1 103 ? 2.239   0.089   -17.917 1.00 74.48 ? 99  LEU A O   1 
ATOM   772  C CB  . LEU A 1 103 ? 3.412   2.442   -16.177 1.00 78.08 ? 99  LEU A CB  1 
ATOM   773  C CG  . LEU A 1 103 ? 3.715   3.383   -15.019 1.00 73.50 ? 99  LEU A CG  1 
ATOM   774  C CD1 . LEU A 1 103 ? 4.777   4.388   -15.423 1.00 80.83 ? 99  LEU A CD1 1 
ATOM   775  C CD2 . LEU A 1 103 ? 2.448   4.103   -14.561 1.00 85.12 ? 99  LEU A CD2 1 
ATOM   776  N N   . LEU A 1 104 ? 0.427   1.059   -16.974 1.00 71.68 ? 100 LEU A N   1 
ATOM   777  C CA  . LEU A 1 104 ? -0.432  0.774   -18.115 1.00 91.08 ? 100 LEU A CA  1 
ATOM   778  C C   . LEU A 1 104 ? 0.073   1.569   -19.327 1.00 98.00 ? 100 LEU A C   1 
ATOM   779  O O   . LEU A 1 104 ? 0.411   0.985   -20.354 1.00 98.00 ? 100 LEU A O   1 
ATOM   780  C CB  . LEU A 1 104 ? -1.879  1.146   -17.775 1.00 95.54 ? 100 LEU A CB  1 
ATOM   781  C CG  . LEU A 1 104 ? -2.707  0.102   -17.029 1.00 96.45 ? 100 LEU A CG  1 
ATOM   782  C CD1 . LEU A 1 104 ? -4.186  0.421   -17.191 1.00 92.92 ? 100 LEU A CD1 1 
ATOM   783  C CD2 . LEU A 1 104 ? -2.407  -1.319  -17.503 1.00 82.73 ? 100 LEU A CD2 1 
ATOM   784  N N   . LYS A 1 105 ? 0.138   2.901   -19.186 1.00 97.00 ? 101 LYS A N   1 
ATOM   785  C CA  . LYS A 1 105 ? 0.718   3.787   -20.183 1.00 98.00 ? 101 LYS A CA  1 
ATOM   786  C C   . LYS A 1 105 ? 1.941   4.461   -19.566 1.00 98.00 ? 101 LYS A C   1 
ATOM   787  O O   . LYS A 1 105 ? 2.102   4.442   -18.347 1.00 98.00 ? 101 LYS A O   1 
ATOM   788  C CB  . LYS A 1 105 ? -0.322  4.831   -20.612 1.00 88.56 ? 101 LYS A CB  1 
ATOM   789  N N   . GLY A 1 106 ? 2.804   5.043   -20.410 1.00 88.15 ? 102 GLY A N   1 
ATOM   790  C CA  . GLY A 1 106 ? 3.822   5.986   -19.958 1.00 88.10 ? 102 GLY A CA  1 
ATOM   791  C C   . GLY A 1 106 ? 5.111   5.321   -19.471 1.00 90.23 ? 102 GLY A C   1 
ATOM   792  O O   . GLY A 1 106 ? 5.264   4.106   -19.554 1.00 85.24 ? 102 GLY A O   1 
ATOM   793  N N   . GLU A 1 107 ? 6.048   6.157   -19.007 1.00 90.17 ? 103 GLU A N   1 
ATOM   794  C CA  . GLU A 1 107 ? 7.240   5.735   -18.291 1.00 98.00 ? 103 GLU A CA  1 
ATOM   795  C C   . GLU A 1 107 ? 7.224   6.448   -16.938 1.00 98.00 ? 103 GLU A C   1 
ATOM   796  O O   . GLU A 1 107 ? 6.488   7.414   -16.747 1.00 87.29 ? 103 GLU A O   1 
ATOM   797  C CB  . GLU A 1 107 ? 8.510   6.046   -19.093 1.00 88.01 ? 103 GLU A CB  1 
ATOM   798  N N   . GLY A 1 108 ? 8.024   5.954   -15.992 1.00 94.97 ? 104 GLY A N   1 
ATOM   799  C CA  . GLY A 1 108 ? 8.097   6.586   -14.691 1.00 84.83 ? 104 GLY A CA  1 
ATOM   800  C C   . GLY A 1 108 ? 8.967   5.796   -13.721 1.00 80.99 ? 104 GLY A C   1 
ATOM   801  O O   . GLY A 1 108 ? 9.679   4.876   -14.115 1.00 84.06 ? 104 GLY A O   1 
ATOM   802  N N   . PRO A 1 109 ? 8.952   6.144   -12.417 1.00 74.71 ? 105 PRO A N   1 
ATOM   803  C CA  . PRO A 1 109 ? 9.762   5.422   -11.434 1.00 77.44 ? 105 PRO A CA  1 
ATOM   804  C C   . PRO A 1 109 ? 9.240   3.987   -11.284 1.00 66.25 ? 105 PRO A C   1 
ATOM   805  O O   . PRO A 1 109 ? 8.052   3.731   -11.498 1.00 62.48 ? 105 PRO A O   1 
ATOM   806  C CB  . PRO A 1 109 ? 9.557   6.244   -10.147 1.00 79.01 ? 105 PRO A CB  1 
ATOM   807  C CG  . PRO A 1 109 ? 8.961   7.578   -10.615 1.00 74.71 ? 105 PRO A CG  1 
ATOM   808  C CD  . PRO A 1 109 ? 8.145   7.229   -11.832 1.00 71.56 ? 105 PRO A CD  1 
ATOM   809  N N   . LYS A 1 110 ? 10.139  3.059   -10.931 1.00 71.39 ? 106 LYS A N   1 
ATOM   810  C CA  . LYS A 1 110 ? 9.791   1.669   -10.642 1.00 74.81 ? 106 LYS A CA  1 
ATOM   811  C C   . LYS A 1 110 ? 9.136   1.628   -9.251  1.00 71.39 ? 106 LYS A C   1 
ATOM   812  O O   . LYS A 1 110 ? 9.761   2.016   -8.265  1.00 71.45 ? 106 LYS A O   1 
ATOM   813  C CB  . LYS A 1 110 ? 11.066  0.820   -10.785 1.00 73.30 ? 106 LYS A CB  1 
ATOM   814  C CG  . LYS A 1 110 ? 11.053  -0.593  -10.201 1.00 69.09 ? 106 LYS A CG  1 
ATOM   815  N N   . THR A 1 111 ? 7.859   1.228   -9.188  1.00 63.65 ? 107 THR A N   1 
ATOM   816  C CA  . THR A 1 111 ? 7.117   1.222   -7.939  1.00 60.58 ? 107 THR A CA  1 
ATOM   817  C C   . THR A 1 111 ? 6.797   -0.212  -7.520  1.00 70.95 ? 107 THR A C   1 
ATOM   818  O O   . THR A 1 111 ? 6.539   -1.091  -8.338  1.00 64.65 ? 107 THR A O   1 
ATOM   819  C CB  . THR A 1 111 ? 5.858   2.105   -8.007  1.00 74.22 ? 107 THR A CB  1 
ATOM   820  O OG1 . THR A 1 111 ? 4.964   1.606   -9.005  1.00 72.69 ? 107 THR A OG1 1 
ATOM   821  C CG2 . THR A 1 111 ? 6.163   3.568   -8.289  1.00 74.07 ? 107 THR A CG2 1 
ATOM   822  N N   . SER A 1 112 ? 6.832   -0.442  -6.212  1.00 68.85 ? 108 SER A N   1 
ATOM   823  C CA  . SER A 1 112 ? 6.365   -1.690  -5.641  1.00 60.01 ? 108 SER A CA  1 
ATOM   824  C C   . SER A 1 112 ? 5.775   -1.417  -4.256  1.00 64.01 ? 108 SER A C   1 
ATOM   825  O O   . SER A 1 112 ? 5.739   -0.280  -3.743  1.00 52.54 ? 108 SER A O   1 
ATOM   826  C CB  . SER A 1 112 ? 7.458   -2.747  -5.632  1.00 60.20 ? 108 SER A CB  1 
ATOM   827  O OG  . SER A 1 112 ? 8.571   -2.333  -4.850  1.00 61.39 ? 108 SER A OG  1 
ATOM   828  N N   . TRP A 1 113 ? 5.243   -2.480  -3.681  1.00 54.21 ? 109 TRP A N   1 
ATOM   829  C CA  . TRP A 1 113 ? 4.744   -2.406  -2.329  1.00 52.25 ? 109 TRP A CA  1 
ATOM   830  C C   . TRP A 1 113 ? 4.843   -3.784  -1.703  1.00 56.45 ? 109 TRP A C   1 
ATOM   831  O O   . TRP A 1 113 ? 4.897   -4.798  -2.430  1.00 53.92 ? 109 TRP A O   1 
ATOM   832  C CB  . TRP A 1 113 ? 3.336   -1.815  -2.272  1.00 46.94 ? 109 TRP A CB  1 
ATOM   833  C CG  . TRP A 1 113 ? 2.214   -2.525  -2.967  1.00 52.50 ? 109 TRP A CG  1 
ATOM   834  C CD1 . TRP A 1 113 ? 1.599   -2.126  -4.116  1.00 50.99 ? 109 TRP A CD1 1 
ATOM   835  C CD2 . TRP A 1 113 ? 1.414   -3.604  -2.445  1.00 55.91 ? 109 TRP A CD2 1 
ATOM   836  N NE1 . TRP A 1 113 ? 0.509   -2.919  -4.388  1.00 59.39 ? 109 TRP A NE1 1 
ATOM   837  C CE2 . TRP A 1 113 ? 0.374   -3.834  -3.377  1.00 54.33 ? 109 TRP A CE2 1 
ATOM   838  C CE3 . TRP A 1 113 ? 1.512   -4.434  -1.317  1.00 56.51 ? 109 TRP A CE3 1 
ATOM   839  C CZ2 . TRP A 1 113 ? -0.533  -4.877  -3.231  1.00 56.29 ? 109 TRP A CZ2 1 
ATOM   840  C CZ3 . TRP A 1 113 ? 0.592   -5.447  -1.154  1.00 57.58 ? 109 TRP A CZ3 1 
ATOM   841  C CH2 . TRP A 1 113 ? -0.412  -5.663  -2.102  1.00 54.55 ? 109 TRP A CH2 1 
ATOM   842  N N   . THR A 1 114 ? 4.915   -3.790  -0.368  1.00 53.75 ? 110 THR A N   1 
ATOM   843  C CA  . THR A 1 114 ? 4.882   -5.021  0.435   1.00 51.69 ? 110 THR A CA  1 
ATOM   844  C C   . THR A 1 114 ? 3.876   -4.839  1.567   1.00 56.74 ? 110 THR A C   1 
ATOM   845  O O   . THR A 1 114 ? 3.613   -3.727  2.013   1.00 54.80 ? 110 THR A O   1 
ATOM   846  C CB  . THR A 1 114 ? 6.287   -5.409  0.907   1.00 61.12 ? 110 THR A CB  1 
ATOM   847  O OG1 . THR A 1 114 ? 6.569   -4.570  2.034   1.00 66.01 ? 110 THR A OG1 1 
ATOM   848  C CG2 . THR A 1 114 ? 7.342   -5.281  -0.183  1.00 52.93 ? 110 THR A CG2 1 
ATOM   849  N N   . LYS A 1 115 ? 3.252   -5.944  1.995   1.00 54.92 ? 111 LYS A N   1 
ATOM   850  C CA  . LYS A 1 115 ? 2.502   -5.966  3.235   1.00 49.48 ? 111 LYS A CA  1 
ATOM   851  C C   . LYS A 1 115 ? 3.024   -7.136  4.064   1.00 55.85 ? 111 LYS A C   1 
ATOM   852  O O   . LYS A 1 115 ? 3.202   -8.263  3.550   1.00 48.29 ? 111 LYS A O   1 
ATOM   853  C CB  . LYS A 1 115 ? 0.991   -6.167  3.005   1.00 51.51 ? 111 LYS A CB  1 
ATOM   854  C CG  . LYS A 1 115 ? 0.114   -4.909  3.011   1.00 60.38 ? 111 LYS A CG  1 
ATOM   855  C CD  . LYS A 1 115 ? -1.284  -5.043  2.302   1.00 68.38 ? 111 LYS A CD  1 
ATOM   856  C CE  . LYS A 1 115 ? -1.656  -3.911  1.348   1.00 66.77 ? 111 LYS A CE  1 
ATOM   857  N NZ  . LYS A 1 115 ? -2.205  -2.684  1.996   1.00 81.75 ? 111 LYS A NZ  1 
ATOM   858  N N   . GLU A 1 116 ? 3.150   -6.882  5.370   1.00 50.28 ? 112 GLU A N   1 
ATOM   859  C CA  . GLU A 1 116 ? 3.602   -7.919  6.294   1.00 56.34 ? 112 GLU A CA  1 
ATOM   860  C C   . GLU A 1 116 ? 2.851   -7.847  7.619   1.00 60.57 ? 112 GLU A C   1 
ATOM   861  O O   . GLU A 1 116 ? 2.676   -6.780  8.183   1.00 61.12 ? 112 GLU A O   1 
ATOM   862  C CB  . GLU A 1 116 ? 5.085   -7.710  6.582   1.00 53.75 ? 112 GLU A CB  1 
ATOM   863  C CG  . GLU A 1 116 ? 5.527   -8.492  7.778   1.00 60.87 ? 112 GLU A CG  1 
ATOM   864  C CD  . GLU A 1 116 ? 7.023   -8.564  8.013   1.00 66.98 ? 112 GLU A CD  1 
ATOM   865  O OE1 . GLU A 1 116 ? 7.742   -7.589  7.657   1.00 70.42 ? 112 GLU A OE1 1 
ATOM   866  O OE2 . GLU A 1 116 ? 7.459   -9.604  8.526   1.00 66.98 ? 112 GLU A OE2 1 
ATOM   867  N N   . LEU A 1 117 ? 2.439   -9.006  8.132   1.00 55.15 ? 113 LEU A N   1 
ATOM   868  C CA  . LEU A 1 117 ? 1.910   -9.149  9.481   1.00 60.93 ? 113 LEU A CA  1 
ATOM   869  C C   . LEU A 1 117 ? 3.079   -9.585  10.362  1.00 63.44 ? 113 LEU A C   1 
ATOM   870  O O   . LEU A 1 117 ? 3.733   -10.566 10.032  1.00 63.23 ? 113 LEU A O   1 
ATOM   871  C CB  . LEU A 1 117 ? 0.908   -10.301 9.406   1.00 60.90 ? 113 LEU A CB  1 
ATOM   872  C CG  . LEU A 1 117 ? -0.401  -10.160 10.176  1.00 77.31 ? 113 LEU A CG  1 
ATOM   873  C CD1 . LEU A 1 117 ? -1.270  -11.393 9.952   1.00 68.71 ? 113 LEU A CD1 1 
ATOM   874  C CD2 . LEU A 1 117 ? -0.153  -9.948  11.661  1.00 75.39 ? 113 LEU A CD2 1 
ATOM   875  N N   . THR A 1 118 ? 3.402   -8.838  11.420  1.00 65.45 ? 114 THR A N   1 
ATOM   876  C CA  . THR A 1 118 ? 4.540   -9.198  12.262  1.00 65.65 ? 114 THR A CA  1 
ATOM   877  C C   . THR A 1 118 ? 4.046   -10.094 13.385  1.00 69.29 ? 114 THR A C   1 
ATOM   878  O O   . THR A 1 118 ? 2.829   -10.289 13.538  1.00 57.90 ? 114 THR A O   1 
ATOM   879  C CB  . THR A 1 118 ? 5.189   -7.987  12.949  1.00 64.28 ? 114 THR A CB  1 
ATOM   880  O OG1 . THR A 1 118 ? 4.218   -7.418  13.825  1.00 62.77 ? 114 THR A OG1 1 
ATOM   881  C CG2 . THR A 1 118 ? 5.681   -6.934  11.985  1.00 62.02 ? 114 THR A CG2 1 
ATOM   882  N N   . ASN A 1 119 ? 5.016   -10.608 14.164  1.00 86.78 ? 115 ASN A N   1 
ATOM   883  C CA  . ASN A 1 119 ? 4.777   -11.420 15.352  1.00 82.66 ? 115 ASN A CA  1 
ATOM   884  C C   . ASN A 1 119 ? 3.971   -10.649 16.393  1.00 81.70 ? 115 ASN A C   1 
ATOM   885  O O   . ASN A 1 119 ? 3.089   -11.222 17.025  1.00 88.84 ? 115 ASN A O   1 
ATOM   886  C CB  . ASN A 1 119 ? 6.081   -11.829 16.026  1.00 82.85 ? 115 ASN A CB  1 
ATOM   887  C CG  . ASN A 1 119 ? 7.036   -12.497 15.064  1.00 98.00 ? 115 ASN A CG  1 
ATOM   888  O OD1 . ASN A 1 119 ? 6.677   -13.479 14.404  1.00 97.31 ? 115 ASN A OD1 1 
ATOM   889  N ND2 . ASN A 1 119 ? 8.245   -11.962 14.972  1.00 98.00 ? 115 ASN A ND2 1 
ATOM   890  N N   . ASP A 1 120 ? 4.278   -9.356  16.554  1.00 77.48 ? 116 ASP A N   1 
ATOM   891  C CA  . ASP A 1 120 ? 3.648   -8.484  17.535  1.00 77.06 ? 116 ASP A CA  1 
ATOM   892  C C   . ASP A 1 120 ? 2.296   -7.938  17.075  1.00 67.70 ? 116 ASP A C   1 
ATOM   893  O O   . ASP A 1 120 ? 1.832   -6.956  17.639  1.00 87.54 ? 116 ASP A O   1 
ATOM   894  C CB  . ASP A 1 120 ? 4.516   -7.254  17.798  1.00 88.25 ? 116 ASP A CB  1 
ATOM   895  C CG  . ASP A 1 120 ? 5.873   -7.591  18.385  1.00 98.00 ? 116 ASP A CG  1 
ATOM   896  O OD1 . ASP A 1 120 ? 5.912   -8.203  19.472  1.00 93.68 ? 116 ASP A OD1 1 
ATOM   897  O OD2 . ASP A 1 120 ? 6.884   -7.244  17.740  1.00 98.00 ? 116 ASP A OD2 1 
ATOM   898  N N   . GLY A 1 121 ? 1.687   -8.534  16.040  1.00 78.50 ? 117 GLY A N   1 
ATOM   899  C CA  . GLY A 1 121 ? 0.341   -8.191  15.576  1.00 71.02 ? 117 GLY A CA  1 
ATOM   900  C C   . GLY A 1 121 ? 0.218   -6.832  14.871  1.00 68.20 ? 117 GLY A C   1 
ATOM   901  O O   . GLY A 1 121 ? -0.853  -6.232  14.878  1.00 70.86 ? 117 GLY A O   1 
ATOM   902  N N   . GLU A 1 122 ? 1.312   -6.327  14.300  1.00 59.71 ? 118 GLU A N   1 
ATOM   903  C CA  . GLU A 1 122 ? 1.286   -5.099  13.513  1.00 62.66 ? 118 GLU A CA  1 
ATOM   904  C C   . GLU A 1 122 ? 1.212   -5.446  12.025  1.00 60.38 ? 118 GLU A C   1 
ATOM   905  O O   . GLU A 1 122 ? 1.735   -6.483  11.600  1.00 56.77 ? 118 GLU A O   1 
ATOM   906  C CB  . GLU A 1 122 ? 2.567   -4.288  13.731  1.00 62.79 ? 118 GLU A CB  1 
ATOM   907  C CG  . GLU A 1 122 ? 2.681   -3.718  15.148  1.00 78.76 ? 118 GLU A CG  1 
ATOM   908  C CD  . GLU A 1 122 ? 3.782   -2.691  15.393  1.00 82.78 ? 118 GLU A CD  1 
ATOM   909  O OE1 . GLU A 1 122 ? 4.783   -2.708  14.659  1.00 81.68 ? 118 GLU A OE1 1 
ATOM   910  O OE2 . GLU A 1 122 ? 3.634   -1.865  16.323  1.00 98.00 ? 118 GLU A OE2 1 
ATOM   911  N N   . LEU A 1 123 ? 0.623   -4.537  11.235  1.00 59.31 ? 119 LEU A N   1 
ATOM   912  C CA  . LEU A 1 123 ? 0.702   -4.602  9.783   1.00 51.13 ? 119 LEU A CA  1 
ATOM   913  C C   . LEU A 1 123 ? 1.696   -3.558  9.296   1.00 50.70 ? 119 LEU A C   1 
ATOM   914  O O   . LEU A 1 123 ? 1.628   -2.401  9.684   1.00 57.30 ? 119 LEU A O   1 
ATOM   915  C CB  . LEU A 1 123 ? -0.696  -4.379  9.236   1.00 49.74 ? 119 LEU A CB  1 
ATOM   916  C CG  . LEU A 1 123 ? -0.827  -4.273  7.721   1.00 58.51 ? 119 LEU A CG  1 
ATOM   917  C CD1 . LEU A 1 123 ? -0.551  -5.635  7.077   1.00 49.40 ? 119 LEU A CD1 1 
ATOM   918  C CD2 . LEU A 1 123 ? -2.253  -3.823  7.407   1.00 62.36 ? 119 LEU A CD2 1 
ATOM   919  N N   . ILE A 1 124 ? 2.705   -4.006  8.552   1.00 48.67 ? 120 ILE A N   1 
ATOM   920  C CA  . ILE A 1 124 ? 3.659   -3.092  7.966   1.00 49.48 ? 120 ILE A CA  1 
ATOM   921  C C   . ILE A 1 124 ? 3.466   -3.060  6.455   1.00 57.53 ? 120 ILE A C   1 
ATOM   922  O O   . ILE A 1 124 ? 3.454   -4.114  5.818   1.00 55.06 ? 120 ILE A O   1 
ATOM   923  C CB  . ILE A 1 124 ? 5.084   -3.464  8.370   1.00 55.13 ? 120 ILE A CB  1 
ATOM   924  C CG1 . ILE A 1 124 ? 5.197   -3.470  9.903   1.00 67.26 ? 120 ILE A CG1 1 
ATOM   925  C CG2 . ILE A 1 124 ? 6.031   -2.468  7.748   1.00 54.15 ? 120 ILE A CG2 1 
ATOM   926  C CD1 . ILE A 1 124 ? 6.587   -3.726  10.432  1.00 65.00 ? 120 ILE A CD1 1 
ATOM   927  N N   . LEU A 1 125 ? 3.219   -1.848  5.932   1.00 48.79 ? 121 LEU A N   1 
ATOM   928  C CA  . LEU A 1 125 ? 3.253   -1.548  4.509   1.00 47.61 ? 121 LEU A CA  1 
ATOM   929  C C   . LEU A 1 125 ? 4.530   -0.805  4.151   1.00 55.43 ? 121 LEU A C   1 
ATOM   930  O O   . LEU A 1 125 ? 4.898   0.181   4.803   1.00 52.91 ? 121 LEU A O   1 
ATOM   931  C CB  . LEU A 1 125 ? 2.026   -0.708  4.145   1.00 48.92 ? 121 LEU A CB  1 
ATOM   932  C CG  . LEU A 1 125 ? 2.024   -0.156  2.711   1.00 65.11 ? 121 LEU A CG  1 
ATOM   933  C CD1 . LEU A 1 125 ? 1.600   -1.220  1.673   1.00 60.43 ? 121 LEU A CD1 1 
ATOM   934  C CD2 . LEU A 1 125 ? 1.105   1.056   2.628   1.00 65.40 ? 121 LEU A CD2 1 
ATOM   935  N N   . THR A 1 126 ? 5.240   -1.321  3.148   1.00 49.61 ? 122 THR A N   1 
ATOM   936  C CA  . THR A 1 126 ? 6.270   -0.528  2.495   1.00 52.99 ? 122 THR A CA  1 
ATOM   937  C C   . THR A 1 126 ? 5.832   -0.261  1.060   1.00 60.03 ? 122 THR A C   1 
ATOM   938  O O   . THR A 1 126 ? 5.112   -1.056  0.452   1.00 56.54 ? 122 THR A O   1 
ATOM   939  C CB  . THR A 1 126 ? 7.667   -1.154  2.579   1.00 55.21 ? 122 THR A CB  1 
ATOM   940  O OG1 . THR A 1 126 ? 7.637   -2.115  1.535   1.00 63.07 ? 122 THR A OG1 1 
ATOM   941  C CG2 . THR A 1 126 ? 7.986   -1.788  3.923   1.00 51.21 ? 122 THR A CG2 1 
ATOM   942  N N   . MET A 1 127 ? 6.189   0.915   0.566   1.00 54.91 ? 123 MET A N   1 
ATOM   943  C CA  . MET A 1 127 ? 5.861   1.369   -0.771  1.00 58.33 ? 123 MET A CA  1 
ATOM   944  C C   . MET A 1 127 ? 7.157   1.960   -1.289  1.00 62.46 ? 123 MET A C   1 
ATOM   945  O O   . MET A 1 127 ? 7.807   2.736   -0.585  1.00 62.11 ? 123 MET A O   1 
ATOM   946  C CB  . MET A 1 127 ? 4.814   2.478   -0.778  1.00 51.17 ? 123 MET A CB  1 
ATOM   947  C CG  . MET A 1 127 ? 3.448   2.040   -0.420  1.00 63.89 ? 123 MET A CG  1 
ATOM   948  S SD  . MET A 1 127 ? 2.353   3.468   -0.142  1.00 70.73 ? 123 MET A SD  1 
ATOM   949  C CE  . MET A 1 127 ? 2.982   4.113   1.406   1.00 75.75 ? 123 MET A CE  1 
ATOM   950  N N   . THR A 1 128 ? 7.553   1.533   -2.487  1.00 51.93 ? 124 THR A N   1 
ATOM   951  C CA  . THR A 1 128 ? 8.877   1.875   -2.980  1.00 54.77 ? 124 THR A CA  1 
ATOM   952  C C   . THR A 1 128 ? 8.690   2.605   -4.299  1.00 65.70 ? 124 THR A C   1 
ATOM   953  O O   . THR A 1 128 ? 7.803   2.284   -5.101  1.00 59.81 ? 124 THR A O   1 
ATOM   954  C CB  . THR A 1 128 ? 9.741   0.621   -3.192  1.00 57.09 ? 124 THR A CB  1 
ATOM   955  O OG1 . THR A 1 128 ? 9.911   -0.005  -1.923  1.00 62.43 ? 124 THR A OG1 1 
ATOM   956  C CG2 . THR A 1 128 ? 11.106  0.897   -3.785  1.00 59.40 ? 124 THR A CG2 1 
ATOM   957  N N   . ALA A 1 129 ? 9.524   3.620   -4.478  1.00 60.78 ? 125 ALA A N   1 
ATOM   958  C CA  . ALA A 1 129 ? 9.588   4.307   -5.751  1.00 65.17 ? 125 ALA A CA  1 
ATOM   959  C C   . ALA A 1 129 ? 11.055  4.625   -6.011  1.00 74.95 ? 125 ALA A C   1 
ATOM   960  O O   . ALA A 1 129 ? 11.705  5.360   -5.253  1.00 64.73 ? 125 ALA A O   1 
ATOM   961  C CB  . ALA A 1 129 ? 8.665   5.502   -5.775  1.00 58.75 ? 125 ALA A CB  1 
ATOM   962  N N   . ASP A 1 130 ? 11.579  3.921   -7.023  1.00 72.96 ? 126 ASP A N   1 
ATOM   963  C CA  . ASP A 1 130 ? 12.994  3.944   -7.334  1.00 74.17 ? 126 ASP A CA  1 
ATOM   964  C C   . ASP A 1 130 ? 13.747  3.604   -6.068  1.00 65.69 ? 126 ASP A C   1 
ATOM   965  O O   . ASP A 1 130 ? 13.539  2.544   -5.496  1.00 67.00 ? 126 ASP A O   1 
ATOM   966  C CB  . ASP A 1 130 ? 13.414  5.309   -7.874  1.00 68.82 ? 126 ASP A CB  1 
ATOM   967  C CG  . ASP A 1 130 ? 13.027  5.439   -9.327  1.00 78.32 ? 126 ASP A CG  1 
ATOM   968  O OD1 . ASP A 1 130 ? 13.044  4.407   -10.011 1.00 80.58 ? 126 ASP A OD1 1 
ATOM   969  O OD2 . ASP A 1 130 ? 12.664  6.550   -9.744  1.00 81.86 ? 126 ASP A OD2 1 
ATOM   970  N N   . ASP A 1 131 ? 14.522  4.582   -5.601  1.00 69.70 ? 127 ASP A N   1 
ATOM   971  C CA  . ASP A 1 131 ? 15.477  4.429   -4.515  1.00 72.88 ? 127 ASP A CA  1 
ATOM   972  C C   . ASP A 1 131 ? 14.795  4.626   -3.164  1.00 69.29 ? 127 ASP A C   1 
ATOM   973  O O   . ASP A 1 131 ? 15.380  4.278   -2.142  1.00 74.82 ? 127 ASP A O   1 
ATOM   974  C CB  . ASP A 1 131 ? 16.656  5.393   -4.711  1.00 86.67 ? 127 ASP A CB  1 
ATOM   975  C CG  . ASP A 1 131 ? 16.275  6.721   -5.375  1.00 98.00 ? 127 ASP A CG  1 
ATOM   976  O OD1 . ASP A 1 131 ? 15.073  7.066   -5.398  1.00 90.86 ? 127 ASP A OD1 1 
ATOM   977  O OD2 . ASP A 1 131 ? 17.189  7.423   -5.873  1.00 98.00 ? 127 ASP A OD2 1 
ATOM   978  N N   . VAL A 1 132 ? 13.556  5.144   -3.160  1.00 62.75 ? 128 VAL A N   1 
ATOM   979  C CA  . VAL A 1 132 ? 12.922  5.619   -1.925  1.00 66.18 ? 128 VAL A CA  1 
ATOM   980  C C   . VAL A 1 132 ? 11.908  4.596   -1.417  1.00 54.19 ? 128 VAL A C   1 
ATOM   981  O O   . VAL A 1 132 ? 11.060  4.171   -2.190  1.00 63.49 ? 128 VAL A O   1 
ATOM   982  C CB  . VAL A 1 132 ? 12.218  6.978   -2.125  1.00 68.12 ? 128 VAL A CB  1 
ATOM   983  C CG1 . VAL A 1 132 ? 11.496  7.436   -0.848  1.00 60.85 ? 128 VAL A CG1 1 
ATOM   984  C CG2 . VAL A 1 132 ? 13.169  8.052   -2.658  1.00 69.85 ? 128 VAL A CG2 1 
ATOM   985  N N   . VAL A 1 133 ? 11.978  4.291   -0.108  1.00 62.34 ? 129 VAL A N   1 
ATOM   986  C CA  . VAL A 1 133 ? 11.121  3.344   0.593   1.00 57.56 ? 129 VAL A CA  1 
ATOM   987  C C   . VAL A 1 133 ? 10.347  4.049   1.719   1.00 62.82 ? 129 VAL A C   1 
ATOM   988  O O   . VAL A 1 133 ? 10.937  4.550   2.666   1.00 61.22 ? 129 VAL A O   1 
ATOM   989  C CB  . VAL A 1 133 ? 11.946  2.157   1.134   1.00 67.03 ? 129 VAL A CB  1 
ATOM   990  C CG1 . VAL A 1 133 ? 11.089  1.100   1.837   1.00 59.75 ? 129 VAL A CG1 1 
ATOM   991  C CG2 . VAL A 1 133 ? 12.812  1.528   0.049   1.00 62.89 ? 129 VAL A CG2 1 
ATOM   992  N N   . CYS A 1 134 ? 9.010   4.085   1.609   1.00 58.56 ? 130 CYS A N   1 
ATOM   993  C CA  . CYS A 1 134 ? 8.107   4.592   2.639   1.00 52.13 ? 130 CYS A CA  1 
ATOM   994  C C   . CYS A 1 134 ? 7.599   3.413   3.464   1.00 57.93 ? 130 CYS A C   1 
ATOM   995  O O   . CYS A 1 134 ? 7.268   2.349   2.910   1.00 54.25 ? 130 CYS A O   1 
ATOM   996  C CB  . CYS A 1 134 ? 6.940   5.337   1.985   1.00 53.28 ? 130 CYS A CB  1 
ATOM   997  S SG  . CYS A 1 134 ? 5.569   5.738   3.111   1.00 58.54 ? 130 CYS A SG  1 
ATOM   998  N N   . THR A 1 135 ? 7.620   3.570   4.797   1.00 51.10 ? 131 THR A N   1 
ATOM   999  C CA  . THR A 1 135 ? 7.112   2.537   5.692   1.00 57.61 ? 131 THR A CA  1 
ATOM   1000 C C   . THR A 1 135 ? 5.954   3.109   6.501   1.00 61.51 ? 131 THR A C   1 
ATOM   1001 O O   . THR A 1 135 ? 6.054   4.217   7.019   1.00 58.48 ? 131 THR A O   1 
ATOM   1002 C CB  . THR A 1 135 ? 8.207   1.976   6.612   1.00 53.11 ? 131 THR A CB  1 
ATOM   1003 O OG1 . THR A 1 135 ? 9.174   1.437   5.730   1.00 57.60 ? 131 THR A OG1 1 
ATOM   1004 C CG2 . THR A 1 135 ? 7.735   0.864   7.522   1.00 54.13 ? 131 THR A CG2 1 
ATOM   1005 N N   . GLN A 1 136 ? 4.866   2.341   6.590   1.00 51.94 ? 132 GLN A N   1 
ATOM   1006 C CA  . GLN A 1 136 ? 3.701   2.732   7.359   1.00 55.93 ? 132 GLN A CA  1 
ATOM   1007 C C   . GLN A 1 136 ? 3.296   1.543   8.225   1.00 57.81 ? 132 GLN A C   1 
ATOM   1008 O O   . GLN A 1 136 ? 3.220   0.398   7.741   1.00 54.11 ? 132 GLN A O   1 
ATOM   1009 C CB  . GLN A 1 136 ? 2.586   3.190   6.413   1.00 59.54 ? 132 GLN A CB  1 
ATOM   1010 C CG  . GLN A 1 136 ? 2.905   4.485   5.664   1.00 58.30 ? 132 GLN A CG  1 
ATOM   1011 C CD  . GLN A 1 136 ? 1.687   4.927   4.890   1.00 71.99 ? 132 GLN A CD  1 
ATOM   1012 O OE1 . GLN A 1 136 ? 0.834   4.123   4.528   1.00 76.54 ? 132 GLN A OE1 1 
ATOM   1013 N NE2 . GLN A 1 136 ? 1.583   6.219   4.633   1.00 68.18 ? 132 GLN A NE2 1 
ATOM   1014 N N   . VAL A 1 137 ? 3.099   1.819   9.522   1.00 57.07 ? 133 VAL A N   1 
ATOM   1015 C CA  . VAL A 1 137 ? 2.815   0.800   10.522  1.00 51.31 ? 133 VAL A CA  1 
ATOM   1016 C C   . VAL A 1 137 ? 1.387   0.987   11.001  1.00 54.40 ? 133 VAL A C   1 
ATOM   1017 O O   . VAL A 1 137 ? 0.978   2.107   11.331  1.00 51.73 ? 133 VAL A O   1 
ATOM   1018 C CB  . VAL A 1 137 ? 3.817   0.871   11.689  1.00 52.17 ? 133 VAL A CB  1 
ATOM   1019 C CG1 . VAL A 1 137 ? 3.557   -0.240  12.706  1.00 54.96 ? 133 VAL A CG1 1 
ATOM   1020 C CG2 . VAL A 1 137 ? 5.239   0.771   11.156  1.00 54.85 ? 133 VAL A CG2 1 
ATOM   1021 N N   . PHE A 1 138 ? 0.660   -0.127  11.082  1.00 45.99 ? 134 PHE A N   1 
ATOM   1022 C CA  . PHE A 1 138 ? -0.743  -0.070  11.454  1.00 49.32 ? 134 PHE A CA  1 
ATOM   1023 C C   . PHE A 1 138 ? -0.960  -1.045  12.601  1.00 58.75 ? 134 PHE A C   1 
ATOM   1024 O O   . PHE A 1 138 ? -0.217  -2.010  12.708  1.00 52.19 ? 134 PHE A O   1 
ATOM   1025 C CB  . PHE A 1 138 ? -1.620  -0.507  10.270  1.00 48.92 ? 134 PHE A CB  1 
ATOM   1026 C CG  . PHE A 1 138 ? -1.526  0.355   9.033   1.00 52.99 ? 134 PHE A CG  1 
ATOM   1027 C CD1 . PHE A 1 138 ? -0.421  0.285   8.199   1.00 55.76 ? 134 PHE A CD1 1 
ATOM   1028 C CD2 . PHE A 1 138 ? -2.559  1.228   8.697   1.00 52.09 ? 134 PHE A CD2 1 
ATOM   1029 C CE1 . PHE A 1 138 ? -0.332  1.082   7.059   1.00 58.40 ? 134 PHE A CE1 1 
ATOM   1030 C CE2 . PHE A 1 138 ? -2.474  2.006   7.547   1.00 55.80 ? 134 PHE A CE2 1 
ATOM   1031 C CZ  . PHE A 1 138 ? -1.361  1.930   6.731   1.00 47.72 ? 134 PHE A CZ  1 
ATOM   1032 N N   . VAL A 1 139 ? -1.969  -0.791  13.445  1.00 55.13 ? 135 VAL A N   1 
ATOM   1033 C CA  . VAL A 1 139 ? -2.321  -1.731  14.494  1.00 57.35 ? 135 VAL A CA  1 
ATOM   1034 C C   . VAL A 1 139 ? -3.797  -2.004  14.313  1.00 50.48 ? 135 VAL A C   1 
ATOM   1035 O O   . VAL A 1 139 ? -4.454  -1.201  13.661  1.00 53.92 ? 135 VAL A O   1 
ATOM   1036 C CB  . VAL A 1 139 ? -2.053  -1.147  15.899  1.00 64.31 ? 135 VAL A CB  1 
ATOM   1037 C CG1 . VAL A 1 139 ? -0.567  -1.049  16.190  1.00 55.23 ? 135 VAL A CG1 1 
ATOM   1038 C CG2 . VAL A 1 139 ? -2.753  0.200   16.103  1.00 62.16 ? 135 VAL A CG2 1 
ATOM   1039 N N   . ARG A 1 140 ? -4.321  -3.064  14.954  1.00 56.22 ? 136 ARG A N   1 
ATOM   1040 C CA  . ARG A 1 140 ? -5.752  -3.358  14.897  1.00 54.48 ? 136 ARG A CA  1 
ATOM   1041 C C   . ARG A 1 140 ? -6.585  -2.265  15.577  1.00 63.24 ? 136 ARG A C   1 
ATOM   1042 O O   . ARG A 1 140 ? -6.217  -1.763  16.618  1.00 62.36 ? 136 ARG A O   1 
ATOM   1043 C CB  . ARG A 1 140 ? -6.028  -4.747  15.464  1.00 52.52 ? 136 ARG A CB  1 
ATOM   1044 C CG  . ARG A 1 140 ? -5.251  -5.834  14.722  1.00 57.09 ? 136 ARG A CG  1 
ATOM   1045 C CD  . ARG A 1 140 ? -5.776  -7.231  15.054  1.00 62.69 ? 136 ARG A CD  1 
ATOM   1046 N NE  . ARG A 1 140 ? -5.126  -8.303  14.291  1.00 57.88 ? 136 ARG A NE  1 
ATOM   1047 C CZ  . ARG A 1 140 ? -5.636  -8.800  13.181  1.00 58.25 ? 136 ARG A CZ  1 
ATOM   1048 N NH1 . ARG A 1 140 ? -5.013  -9.764  12.527  1.00 57.68 ? 136 ARG A NH1 1 
ATOM   1049 N NH2 . ARG A 1 140 ? -6.747  -8.281  12.698  1.00 60.60 ? 136 ARG A NH2 1 
ATOM   1050 N N   . GLU A 1 141 ? -7.722  -1.899  14.980  1.00 74.01 ? 137 GLU A N   1 
ATOM   1051 C CA  . GLU A 1 141 ? -8.613  -0.939  15.603  1.00 82.24 ? 137 GLU A CA  1 
ATOM   1052 C C   . GLU A 1 141 ? -9.095  -1.464  16.962  1.00 98.00 ? 137 GLU A C   1 
ATOM   1053 O O   . GLU A 1 141 ? -9.344  -2.676  17.168  1.00 83.48 ? 137 GLU A O   1 
ATOM   1054 C CB  . GLU A 1 141 ? -9.822  -0.704  14.714  1.00 80.63 ? 137 GLU A CB  1 
ATOM   1055 C CG  . GLU A 1 141 ? -9.730  0.594   13.947  1.00 98.00 ? 137 GLU A CG  1 
ATOM   1056 C CD  . GLU A 1 141 ? -10.962 0.861   13.096  1.00 98.00 ? 137 GLU A CD  1 
ATOM   1057 O OE1 . GLU A 1 141 ? -10.833 1.614   12.097  1.00 98.00 ? 137 GLU A OE1 1 
ATOM   1058 O OE2 . GLU A 1 141 ? -12.046 0.307   13.427  1.00 95.93 ? 137 GLU A OE2 1 
ATOM   1059 O OXT . GLU A 1 141 ? -9.248  -0.645  17.880  1.00 96.60 ? 137 GLU A OXT 1 
HETATM 1060 C CAN . QPB B 2 .   ? 0.373   0.988   -2.240  0.80 74.48 ? 201 QPB A CAN 1 
HETATM 1061 O OAM . QPB B 2 .   ? -0.812  0.927   -1.433  0.80 83.74 ? 201 QPB A OAM 1 
HETATM 1062 C CAK . QPB B 2 .   ? -1.175  -0.242  -0.833  0.80 75.65 ? 201 QPB A CAK 1 
HETATM 1063 O OAL . QPB B 2 .   ? -0.941  -1.353  -1.287  0.80 80.37 ? 201 QPB A OAL 1 
HETATM 1064 C CAI . QPB B 2 .   ? -1.951  -0.163  0.507   0.80 88.90 ? 201 QPB A CAI 1 
HETATM 1065 C CAJ . QPB B 2 .   ? -2.326  -1.524  1.183   0.80 77.35 ? 201 QPB A CAJ 1 
HETATM 1066 C CAH . QPB B 2 .   ? -2.304  0.960   1.131   0.80 89.49 ? 201 QPB A CAH 1 
HETATM 1067 C CAD . QPB B 2 .   ? -1.976  2.281   0.732   0.80 93.42 ? 201 QPB A CAD 1 
HETATM 1068 C CAC . QPB B 2 .   ? -2.204  2.824   -0.555  0.80 98.00 ? 201 QPB A CAC 1 
HETATM 1069 C CAA . QPB B 2 .   ? -1.845  4.142   -0.869  0.80 93.25 ? 201 QPB A CAA 1 
HETATM 1070 C CAB . QPB B 2 .   ? -1.269  4.940   0.120   0.80 88.33 ? 201 QPB A CAB 1 
HETATM 1071 O OAG . QPB B 2 .   ? -0.901  6.221   -0.158  0.80 88.68 ? 201 QPB A OAG 1 
HETATM 1072 C CAF . QPB B 2 .   ? -1.041  4.422   1.397   0.80 90.27 ? 201 QPB A CAF 1 
HETATM 1073 C CAE . QPB B 2 .   ? -1.414  3.116   1.711   0.80 90.29 ? 201 QPB A CAE 1 
HETATM 1074 C C   . ACT C 3 .   ? -10.243 -11.590 -7.898  1.00 98.00 ? 202 ACT A C   1 
HETATM 1075 O O   . ACT C 3 .   ? -9.678  -10.506 -8.165  1.00 98.00 ? 202 ACT A O   1 
HETATM 1076 O OXT . ACT C 3 .   ? -9.750  -12.717 -8.157  1.00 97.14 ? 202 ACT A OXT 1 
HETATM 1077 C CH3 . ACT C 3 .   ? -11.625 -11.527 -7.228  1.00 83.92 ? 202 ACT A CH3 1 
HETATM 1078 O O   . HOH D 4 .   ? 4.571   2.114   -11.345 1.00 73.43 ? 301 HOH A O   1 
HETATM 1079 O O   . HOH D 4 .   ? 6.275   10.001  6.518   1.00 66.08 ? 302 HOH A O   1 
HETATM 1080 O O   . HOH D 4 .   ? -2.907  -18.050 -5.977  1.00 61.76 ? 303 HOH A O   1 
HETATM 1081 O O   . HOH D 4 .   ? 5.935   0.386   -15.508 1.00 73.53 ? 304 HOH A O   1 
HETATM 1082 O O   . HOH D 4 .   ? -9.553  -4.441  15.379  1.00 67.96 ? 305 HOH A O   1 
HETATM 1083 O O   . HOH D 4 .   ? 7.809   -5.635  6.037   1.00 48.24 ? 306 HOH A O   1 
HETATM 1084 O O   . HOH D 4 .   ? 10.279  -5.163  2.387   1.00 63.36 ? 307 HOH A O   1 
HETATM 1085 O O   . HOH D 4 .   ? -10.102 0.352   10.002  1.00 64.95 ? 308 HOH A O   1 
HETATM 1086 O O   . HOH D 4 .   ? -12.053 -10.297 -2.870  1.00 72.90 ? 309 HOH A O   1 
HETATM 1087 O O   . HOH D 4 .   ? 5.630   -4.658  4.431   1.00 54.93 ? 310 HOH A O   1 
HETATM 1088 O O   . HOH D 4 .   ? -9.558  -14.434 10.252  1.00 82.08 ? 311 HOH A O   1 
HETATM 1089 O O   . HOH D 4 .   ? -4.775  17.027  4.159   1.00 52.47 ? 312 HOH A O   1 
HETATM 1090 O O   . HOH D 4 .   ? -2.405  -4.632  16.224  1.00 64.71 ? 313 HOH A O   1 
HETATM 1091 O O   . HOH D 4 .   ? -5.438  -10.905 -8.985  1.00 55.74 ? 314 HOH A O   1 
HETATM 1092 O O   . HOH D 4 .   ? 11.016  3.186   5.107   1.00 66.36 ? 315 HOH A O   1 
HETATM 1093 O O   . HOH D 4 .   ? -0.371  1.180   -5.642  1.00 74.84 ? 316 HOH A O   1 
HETATM 1094 O O   . HOH D 4 .   ? -1.587  -10.891 -7.759  1.00 52.91 ? 317 HOH A O   1 
HETATM 1095 O O   . HOH D 4 .   ? -0.581  -20.050 8.689   1.00 69.12 ? 318 HOH A O   1 
HETATM 1096 O O   . HOH D 4 .   ? 6.074   -11.757 9.255   1.00 60.07 ? 319 HOH A O   1 
HETATM 1097 O O   . HOH D 4 .   ? 7.966   12.102  5.165   1.00 64.57 ? 320 HOH A O   1 
HETATM 1098 O O   . HOH D 4 .   ? -0.883  -19.093 -2.235  1.00 51.90 ? 321 HOH A O   1 
HETATM 1099 O O   . HOH D 4 .   ? -10.509 1.438   4.862   1.00 57.88 ? 322 HOH A O   1 
HETATM 1100 O O   . HOH D 4 .   ? 7.545   -17.815 6.723   1.00 61.63 ? 323 HOH A O   1 
HETATM 1101 O O   . HOH D 4 .   ? 5.880   -5.323  14.815  1.00 78.72 ? 324 HOH A O   1 
HETATM 1102 O O   . HOH D 4 .   ? 3.951   1.948   -3.973  1.00 71.67 ? 325 HOH A O   1 
HETATM 1103 O O   . HOH D 4 .   ? -8.827  -5.993  13.175  1.00 58.58 ? 326 HOH A O   1 
HETATM 1104 O O   . HOH D 4 .   ? -12.285 1.501   -5.327  1.00 67.31 ? 327 HOH A O   1 
HETATM 1105 O O   . HOH D 4 .   ? -1.884  -13.501 -14.243 1.00 64.83 ? 328 HOH A O   1 
HETATM 1106 O O   . HOH D 4 .   ? 9.276   10.583  7.656   1.00 65.51 ? 329 HOH A O   1 
HETATM 1107 O O   . HOH D 4 .   ? -8.604  12.910  3.434   1.00 51.39 ? 330 HOH A O   1 
HETATM 1108 O O   . HOH D 4 .   ? -12.304 -17.976 10.479  1.00 83.82 ? 331 HOH A O   1 
HETATM 1109 O O   . HOH D 4 .   ? 3.664   -6.278  -12.892 1.00 68.61 ? 332 HOH A O   1 
HETATM 1110 O O   . HOH D 4 .   ? 4.018   -4.058  18.589  1.00 82.87 ? 333 HOH A O   1 
HETATM 1111 O O   . HOH D 4 .   ? -1.340  -15.839 5.599   1.00 69.59 ? 334 HOH A O   1 
HETATM 1112 O O   . HOH D 4 .   ? 10.716  -9.861  6.729   1.00 85.99 ? 335 HOH A O   1 
HETATM 1113 O O   . HOH D 4 .   ? 10.545  -9.290  11.096  1.00 78.81 ? 336 HOH A O   1 
HETATM 1114 O O   . HOH D 4 .   ? 11.866  -2.106  3.905   1.00 74.61 ? 337 HOH A O   1 
HETATM 1115 O O   . HOH D 4 .   ? -11.520 -8.654  -12.897 1.00 79.74 ? 338 HOH A O   1 
HETATM 1116 O O   . HOH D 4 .   ? -2.475  3.642   19.032  1.00 79.44 ? 339 HOH A O   1 
# 
